data_1IHY
#
_entry.id   1IHY
#
_cell.length_a   152.800
_cell.length_b   100.350
_cell.length_c   128.310
_cell.angle_alpha   90.00
_cell.angle_beta   110.28
_cell.angle_gamma   90.00
#
_symmetry.space_group_name_H-M   'C 1 2 1'
#
loop_
_entity.id
_entity.type
_entity.pdbx_description
1 polymer 'GLYCERALDEHYDE 3-PHOSPHATE DEHYDROGENASE'
2 non-polymer 'SULFATE ION'
3 non-polymer ADENOSINE-5-DIPHOSPHORIBOSE
4 water water
#
_entity_poly.entity_id   1
_entity_poly.type   'polypeptide(L)'
_entity_poly.pdbx_seq_one_letter_code
;SKIGINGFGRIGRLVLRTALEMGAQVVAVNDPFIALEYMVYMFKYDSTHGMFKGEVKVEDGALVVDGKKITVFNEMKPEN
IPWSKAGAEYIVESTGVFTTIEKASAHFKGGAKKVIISAPSADAPMFVCGVNLEKYSKDMKVVSNASCTTNCLAPVAKVL
HENFEIVEGLMTTVHAVTATQKTVDGPSAKDWRGGRGAAQNIIPSSTGAAKAVGKVIPELDGKLTGMAFRVPTPNVSVVD
LTVRLGKECSYDDIKAAMKTASEGPLQGVLGYTEDDVVSCDFTGDNRSSIFDAKAGIQLSKTFVKVVSWYDNEFGYSQRV
IDLIKHMQKVDSA
;
_entity_poly.pdbx_strand_id   A,B,C,D
#
loop_
_chem_comp.id
_chem_comp.type
_chem_comp.name
_chem_comp.formula
APR non-polymer ADENOSINE-5-DIPHOSPHORIBOSE 'C15 H23 N5 O14 P2'
SO4 non-polymer 'SULFATE ION' 'O4 S -2'
#
# COMPACT_ATOMS: atom_id res chain seq x y z
N SER A 1 27.29 14.50 -27.90
CA SER A 1 27.04 13.39 -26.93
C SER A 1 26.97 12.01 -27.61
N LYS A 2 26.20 11.88 -28.68
CA LYS A 2 26.09 10.60 -29.40
C LYS A 2 25.99 9.39 -28.46
N ILE A 3 24.94 9.38 -27.66
CA ILE A 3 24.69 8.32 -26.69
C ILE A 3 23.80 7.21 -27.22
N GLY A 4 24.11 5.99 -26.79
CA GLY A 4 23.33 4.82 -27.18
C GLY A 4 22.91 4.11 -25.91
N ILE A 5 21.70 3.58 -25.89
CA ILE A 5 21.22 2.88 -24.69
C ILE A 5 20.83 1.44 -25.01
N ASN A 6 21.38 0.50 -24.25
CA ASN A 6 21.06 -0.91 -24.44
C ASN A 6 20.16 -1.36 -23.27
N GLY A 7 18.92 -1.69 -23.58
CA GLY A 7 17.98 -2.11 -22.55
C GLY A 7 16.99 -0.99 -22.29
N PHE A 8 15.70 -1.31 -22.28
CA PHE A 8 14.67 -0.29 -22.05
C PHE A 8 13.89 -0.52 -20.77
N GLY A 9 14.60 -0.85 -19.69
CA GLY A 9 13.93 -1.07 -18.42
C GLY A 9 13.78 0.23 -17.63
N ARG A 10 13.56 0.11 -16.33
CA ARG A 10 13.41 1.28 -15.48
C ARG A 10 14.55 2.25 -15.70
N ILE A 11 15.79 1.75 -15.65
CA ILE A 11 16.94 2.62 -15.85
C ILE A 11 17.08 3.12 -17.30
N GLY A 12 17.04 2.19 -18.27
CA GLY A 12 17.17 2.58 -19.67
C GLY A 12 16.20 3.69 -20.07
N ARG A 13 14.93 3.46 -19.76
CA ARG A 13 13.87 4.42 -20.06
C ARG A 13 14.10 5.78 -19.38
N LEU A 14 14.30 5.77 -18.08
CA LEU A 14 14.50 7.01 -17.35
C LEU A 14 15.74 7.77 -17.78
N VAL A 15 16.77 7.05 -18.23
CA VAL A 15 17.99 7.71 -18.68
C VAL A 15 17.70 8.49 -19.95
N LEU A 16 16.95 7.87 -20.85
CA LEU A 16 16.61 8.52 -22.11
C LEU A 16 15.78 9.74 -21.77
N ARG A 17 14.85 9.57 -20.84
CA ARG A 17 13.99 10.67 -20.42
C ARG A 17 14.85 11.79 -19.84
N THR A 18 15.79 11.43 -18.96
CA THR A 18 16.67 12.41 -18.35
C THR A 18 17.49 13.11 -19.42
N ALA A 19 17.99 12.32 -20.37
CA ALA A 19 18.80 12.88 -21.45
C ALA A 19 18.08 14.02 -22.10
N LEU A 20 16.89 13.74 -22.60
CA LEU A 20 16.10 14.77 -23.26
C LEU A 20 15.96 16.01 -22.41
N GLU A 21 15.59 15.84 -21.15
CA GLU A 21 15.44 16.98 -20.25
C GLU A 21 16.77 17.76 -20.19
N MET A 22 17.84 17.09 -19.78
CA MET A 22 19.15 17.72 -19.66
C MET A 22 19.84 18.14 -20.96
N GLY A 23 19.21 17.88 -22.10
CA GLY A 23 19.81 18.27 -23.35
C GLY A 23 20.78 17.32 -24.03
N ALA A 24 21.20 16.26 -23.35
CA ALA A 24 22.12 15.31 -23.95
C ALA A 24 21.46 14.70 -25.18
N GLN A 25 22.26 14.10 -26.04
CA GLN A 25 21.73 13.49 -27.27
C GLN A 25 21.79 11.95 -27.35
N VAL A 26 20.63 11.31 -27.46
CA VAL A 26 20.59 9.86 -27.59
C VAL A 26 20.22 9.60 -29.05
N VAL A 27 21.00 8.77 -29.72
CA VAL A 27 20.72 8.49 -31.11
C VAL A 27 20.18 7.10 -31.40
N ALA A 28 20.39 6.16 -30.48
CA ALA A 28 19.91 4.79 -30.70
C ALA A 28 19.57 4.05 -29.42
N VAL A 29 18.68 3.08 -29.55
CA VAL A 29 18.24 2.28 -28.43
C VAL A 29 18.09 0.84 -28.90
N ASN A 30 18.49 -0.10 -28.06
CA ASN A 30 18.37 -1.49 -28.41
C ASN A 30 17.68 -2.27 -27.33
N ASP A 31 16.75 -3.14 -27.75
CA ASP A 31 15.99 -4.00 -26.85
C ASP A 31 15.23 -4.99 -27.70
N PRO A 32 15.56 -6.29 -27.57
CA PRO A 32 14.93 -7.39 -28.32
C PRO A 32 13.57 -7.83 -27.82
N PHE A 33 13.18 -7.43 -26.62
CA PHE A 33 11.91 -7.86 -26.10
C PHE A 33 10.80 -6.83 -26.10
N ILE A 34 11.07 -5.62 -26.58
CA ILE A 34 10.01 -4.63 -26.57
C ILE A 34 9.75 -3.98 -27.92
N ALA A 35 8.59 -4.30 -28.48
CA ALA A 35 8.16 -3.79 -29.78
C ALA A 35 8.21 -2.27 -29.81
N LEU A 36 8.49 -1.73 -30.98
CA LEU A 36 8.59 -0.30 -31.18
C LEU A 36 7.33 0.45 -30.73
N GLU A 37 6.16 -0.13 -30.91
CA GLU A 37 4.94 0.57 -30.51
C GLU A 37 4.74 0.55 -29.00
N TYR A 38 5.23 -0.51 -28.37
CA TYR A 38 5.15 -0.66 -26.91
C TYR A 38 6.15 0.30 -26.25
N MET A 39 7.20 0.63 -26.98
CA MET A 39 8.19 1.54 -26.47
C MET A 39 7.62 2.94 -26.27
N VAL A 40 6.86 3.44 -27.25
CA VAL A 40 6.31 4.79 -27.13
C VAL A 40 5.40 4.84 -25.92
N TYR A 41 4.73 3.72 -25.67
CA TYR A 41 3.81 3.62 -24.53
C TYR A 41 4.54 3.60 -23.20
N MET A 42 5.52 2.70 -23.05
CA MET A 42 6.29 2.62 -21.81
C MET A 42 7.10 3.86 -21.51
N PHE A 43 7.40 4.63 -22.55
CA PHE A 43 8.18 5.85 -22.37
C PHE A 43 7.26 7.00 -22.00
N LYS A 44 6.14 7.11 -22.71
CA LYS A 44 5.19 8.19 -22.49
C LYS A 44 4.56 8.18 -21.08
N TYR A 45 4.11 7.01 -20.65
CA TYR A 45 3.48 6.87 -19.36
C TYR A 45 4.37 6.25 -18.30
N ASP A 46 4.44 6.90 -17.14
CA ASP A 46 5.23 6.41 -16.03
C ASP A 46 4.48 6.69 -14.75
N SER A 47 4.05 5.63 -14.07
CA SER A 47 3.28 5.75 -12.82
C SER A 47 3.91 6.69 -11.81
N THR A 48 5.20 6.52 -11.57
CA THR A 48 5.96 7.32 -10.61
C THR A 48 6.37 8.73 -11.04
N HIS A 49 6.81 8.89 -12.30
CA HIS A 49 7.28 10.18 -12.74
C HIS A 49 6.42 10.96 -13.73
N GLY A 50 5.17 10.54 -13.91
CA GLY A 50 4.27 11.25 -14.79
C GLY A 50 4.39 11.02 -16.27
N MET A 51 3.47 11.61 -17.02
CA MET A 51 3.46 11.50 -18.48
C MET A 51 4.50 12.41 -19.10
N PHE A 52 5.19 11.91 -20.10
CA PHE A 52 6.19 12.69 -20.79
C PHE A 52 5.43 13.80 -21.50
N LYS A 53 5.91 15.03 -21.34
CA LYS A 53 5.28 16.20 -21.94
C LYS A 53 5.34 16.26 -23.47
N GLY A 54 6.56 16.21 -24.03
CA GLY A 54 6.71 16.25 -25.47
C GLY A 54 5.89 15.27 -26.28
N GLU A 55 6.22 15.15 -27.57
CA GLU A 55 5.48 14.23 -28.43
C GLU A 55 6.32 12.99 -28.67
N VAL A 56 5.71 11.82 -28.47
CA VAL A 56 6.41 10.57 -28.68
C VAL A 56 5.64 9.82 -29.73
N LYS A 57 6.35 9.24 -30.71
CA LYS A 57 5.68 8.50 -31.78
C LYS A 57 6.63 7.68 -32.63
N VAL A 58 6.09 6.63 -33.24
CA VAL A 58 6.86 5.77 -34.12
C VAL A 58 6.91 6.46 -35.47
N GLU A 59 8.08 6.46 -36.10
CA GLU A 59 8.28 7.12 -37.39
C GLU A 59 9.20 6.33 -38.31
N ASP A 60 8.64 5.37 -39.02
CA ASP A 60 9.43 4.56 -39.95
C ASP A 60 10.49 3.76 -39.18
N GLY A 61 10.04 2.80 -38.38
CA GLY A 61 10.97 1.96 -37.62
C GLY A 61 11.90 2.73 -36.68
N ALA A 62 11.55 3.98 -36.42
CA ALA A 62 12.35 4.81 -35.53
C ALA A 62 11.43 5.39 -34.47
N LEU A 63 12.03 5.77 -33.35
CA LEU A 63 11.27 6.36 -32.27
C LEU A 63 11.53 7.84 -32.36
N VAL A 64 10.48 8.64 -32.39
CA VAL A 64 10.63 10.08 -32.47
C VAL A 64 10.12 10.78 -31.23
N VAL A 65 11.00 11.52 -30.56
CA VAL A 65 10.64 12.23 -29.35
C VAL A 65 10.97 13.72 -29.50
N ASP A 66 9.94 14.55 -29.57
CA ASP A 66 10.14 15.98 -29.70
C ASP A 66 11.02 16.29 -30.91
N GLY A 67 10.75 15.62 -32.01
CA GLY A 67 11.53 15.85 -33.20
C GLY A 67 12.74 14.95 -33.31
N LYS A 68 13.42 14.68 -32.19
CA LYS A 68 14.60 13.81 -32.18
C LYS A 68 14.27 12.40 -32.70
N LYS A 69 15.08 11.93 -33.64
CA LYS A 69 14.90 10.61 -34.22
C LYS A 69 15.89 9.64 -33.59
N ILE A 70 15.36 8.62 -32.93
CA ILE A 70 16.17 7.60 -32.26
C ILE A 70 15.95 6.29 -32.98
N THR A 71 16.98 5.78 -33.65
CA THR A 71 16.78 4.53 -34.37
C THR A 71 16.76 3.40 -33.34
N VAL A 72 15.90 2.41 -33.56
CA VAL A 72 15.74 1.30 -32.64
C VAL A 72 16.24 -0.02 -33.19
N PHE A 73 17.00 -0.75 -32.39
CA PHE A 73 17.50 -2.05 -32.79
C PHE A 73 16.87 -3.11 -31.90
N ASN A 74 16.82 -4.35 -32.38
CA ASN A 74 16.22 -5.44 -31.62
C ASN A 74 17.15 -6.61 -31.45
N GLU A 75 18.45 -6.34 -31.31
CA GLU A 75 19.43 -7.42 -31.18
C GLU A 75 19.46 -8.06 -29.80
N MET A 76 19.58 -9.38 -29.80
CA MET A 76 19.61 -10.19 -28.59
C MET A 76 21.02 -10.26 -27.99
N LYS A 77 22.05 -10.24 -28.83
CA LYS A 77 23.45 -10.31 -28.39
C LYS A 77 24.13 -8.96 -28.62
N PRO A 78 24.69 -8.37 -27.55
CA PRO A 78 25.37 -7.07 -27.63
C PRO A 78 26.37 -6.91 -28.77
N GLU A 79 27.01 -7.98 -29.19
CA GLU A 79 27.99 -7.88 -30.27
C GLU A 79 27.36 -7.99 -31.66
N ASN A 80 26.10 -7.57 -31.79
CA ASN A 80 25.41 -7.60 -33.07
C ASN A 80 24.73 -6.28 -33.30
N ILE A 81 24.71 -5.46 -32.26
CA ILE A 81 24.12 -4.14 -32.36
C ILE A 81 25.02 -3.27 -33.23
N PRO A 82 24.49 -2.78 -34.37
CA PRO A 82 25.24 -1.93 -35.28
C PRO A 82 25.29 -0.49 -34.79
N TRP A 83 25.82 -0.29 -33.59
CA TRP A 83 25.93 1.04 -33.00
C TRP A 83 26.47 2.07 -33.98
N SER A 84 27.62 1.76 -34.57
CA SER A 84 28.26 2.65 -35.54
C SER A 84 27.29 3.17 -36.61
N LYS A 85 26.38 2.33 -37.11
CA LYS A 85 25.40 2.75 -38.11
C LYS A 85 24.57 3.92 -37.62
N ALA A 86 24.01 3.78 -36.43
CA ALA A 86 23.20 4.83 -35.85
C ALA A 86 24.09 5.99 -35.41
N GLY A 87 25.39 5.74 -35.40
CA GLY A 87 26.35 6.76 -35.01
C GLY A 87 26.48 6.90 -33.51
N ALA A 88 26.18 5.83 -32.79
CA ALA A 88 26.25 5.83 -31.33
C ALA A 88 27.66 5.47 -30.87
N GLU A 89 28.29 6.36 -30.12
CA GLU A 89 29.64 6.12 -29.64
C GLU A 89 29.72 5.77 -28.15
N TYR A 90 28.91 6.40 -27.31
CA TYR A 90 28.92 6.09 -25.88
C TYR A 90 27.71 5.28 -25.49
N ILE A 91 27.91 4.02 -25.18
CA ILE A 91 26.82 3.13 -24.85
C ILE A 91 26.56 2.98 -23.37
N VAL A 92 25.30 3.17 -22.99
CA VAL A 92 24.85 3.02 -21.61
C VAL A 92 24.32 1.57 -21.46
N GLU A 93 25.12 0.70 -20.87
CA GLU A 93 24.74 -0.68 -20.67
C GLU A 93 23.80 -0.81 -19.47
N SER A 94 22.50 -0.91 -19.71
CA SER A 94 21.57 -1.01 -18.61
C SER A 94 20.71 -2.27 -18.62
N THR A 95 21.20 -3.33 -19.23
CA THR A 95 20.46 -4.59 -19.28
C THR A 95 20.57 -5.32 -17.95
N GLY A 96 21.71 -5.17 -17.29
CA GLY A 96 21.90 -5.84 -16.02
C GLY A 96 22.55 -7.20 -16.21
N VAL A 97 22.78 -7.61 -17.45
CA VAL A 97 23.40 -8.89 -17.70
C VAL A 97 24.84 -8.81 -18.21
N PHE A 98 25.21 -7.71 -18.86
CA PHE A 98 26.58 -7.55 -19.38
C PHE A 98 27.30 -6.51 -18.51
N THR A 99 27.50 -6.86 -17.24
CA THR A 99 28.12 -5.96 -16.29
C THR A 99 29.63 -6.07 -16.08
N THR A 100 30.27 -7.04 -16.72
CA THR A 100 31.72 -7.19 -16.57
C THR A 100 32.46 -6.72 -17.83
N ILE A 101 33.68 -6.19 -17.65
CA ILE A 101 34.47 -5.69 -18.77
C ILE A 101 34.44 -6.71 -19.89
N GLU A 102 34.63 -7.97 -19.55
CA GLU A 102 34.63 -9.05 -20.51
C GLU A 102 33.45 -9.00 -21.46
N LYS A 103 32.25 -9.23 -20.95
CA LYS A 103 31.04 -9.24 -21.78
C LYS A 103 30.50 -7.88 -22.21
N ALA A 104 30.83 -6.84 -21.48
CA ALA A 104 30.39 -5.49 -21.84
C ALA A 104 31.11 -5.03 -23.11
N SER A 105 32.28 -5.62 -23.37
CA SER A 105 33.08 -5.28 -24.54
C SER A 105 32.42 -5.65 -25.85
N ALA A 106 31.46 -6.57 -25.81
CA ALA A 106 30.77 -6.97 -27.02
C ALA A 106 30.39 -5.74 -27.86
N HIS A 107 29.94 -4.68 -27.19
CA HIS A 107 29.52 -3.44 -27.83
C HIS A 107 30.58 -2.81 -28.73
N PHE A 108 31.85 -3.09 -28.48
CA PHE A 108 32.92 -2.52 -29.27
C PHE A 108 32.95 -3.08 -30.70
N LYS A 109 32.62 -4.36 -30.84
CA LYS A 109 32.62 -4.97 -32.17
C LYS A 109 31.50 -4.45 -33.01
N GLY A 110 30.61 -3.67 -32.38
CA GLY A 110 29.49 -3.08 -33.10
C GLY A 110 29.83 -1.65 -33.51
N GLY A 111 30.99 -1.17 -33.09
CA GLY A 111 31.39 0.18 -33.41
C GLY A 111 31.35 1.16 -32.25
N ALA A 112 31.04 0.66 -31.06
CA ALA A 112 30.95 1.52 -29.88
C ALA A 112 32.33 2.03 -29.48
N LYS A 113 32.37 3.23 -28.93
CA LYS A 113 33.61 3.84 -28.47
C LYS A 113 33.88 3.51 -27.00
N LYS A 114 32.95 3.88 -26.12
CA LYS A 114 33.05 3.62 -24.68
C LYS A 114 31.78 2.96 -24.16
N VAL A 115 31.86 2.31 -23.02
CA VAL A 115 30.70 1.65 -22.43
C VAL A 115 30.55 2.01 -20.96
N ILE A 116 29.34 2.44 -20.59
CA ILE A 116 29.05 2.81 -19.21
C ILE A 116 28.03 1.81 -18.66
N ILE A 117 28.43 1.01 -17.68
CA ILE A 117 27.51 0.03 -17.08
C ILE A 117 26.74 0.72 -15.97
N SER A 118 25.42 0.82 -16.12
CA SER A 118 24.59 1.49 -15.12
C SER A 118 24.23 0.54 -14.01
N ALA A 119 25.24 -0.08 -13.43
CA ALA A 119 25.07 -1.02 -12.33
C ALA A 119 26.44 -1.42 -11.82
N PRO A 120 26.50 -2.00 -10.62
CA PRO A 120 27.81 -2.40 -10.10
C PRO A 120 28.47 -3.41 -11.04
N SER A 121 29.80 -3.42 -11.04
CA SER A 121 30.56 -4.34 -11.88
C SER A 121 31.60 -5.01 -11.00
N ALA A 122 31.94 -6.25 -11.35
CA ALA A 122 32.93 -6.99 -10.60
C ALA A 122 34.34 -6.57 -10.96
N ASP A 123 34.54 -6.04 -12.16
CA ASP A 123 35.88 -5.65 -12.56
C ASP A 123 36.03 -4.29 -13.25
N ALA A 124 34.91 -3.67 -13.64
CA ALA A 124 35.01 -2.38 -14.32
C ALA A 124 35.15 -1.28 -13.30
N PRO A 125 35.95 -0.24 -13.60
CA PRO A 125 36.15 0.87 -12.66
C PRO A 125 34.82 1.50 -12.29
N MET A 126 34.58 1.67 -10.99
CA MET A 126 33.34 2.28 -10.54
C MET A 126 33.53 3.73 -10.16
N PHE A 127 32.59 4.56 -10.62
CA PHE A 127 32.64 5.98 -10.31
C PHE A 127 31.38 6.54 -9.66
N VAL A 128 31.54 7.63 -8.92
CA VAL A 128 30.43 8.31 -8.27
C VAL A 128 30.74 9.79 -8.44
N CYS A 129 29.95 10.46 -9.28
CA CYS A 129 30.16 11.88 -9.53
C CYS A 129 30.28 12.62 -8.20
N GLY A 130 31.29 13.48 -8.08
CA GLY A 130 31.49 14.26 -6.87
C GLY A 130 32.45 13.61 -5.90
N VAL A 131 32.68 12.32 -6.06
CA VAL A 131 33.55 11.60 -5.14
C VAL A 131 34.91 11.16 -5.70
N ASN A 132 34.92 10.47 -6.84
CA ASN A 132 36.19 10.00 -7.40
C ASN A 132 36.33 10.12 -8.91
N LEU A 133 35.74 11.16 -9.50
CA LEU A 133 35.81 11.31 -10.96
C LEU A 133 37.23 11.61 -11.38
N GLU A 134 38.06 12.03 -10.44
CA GLU A 134 39.44 12.38 -10.75
C GLU A 134 40.30 11.18 -11.15
N LYS A 135 39.82 9.99 -10.84
CA LYS A 135 40.51 8.73 -11.14
C LYS A 135 40.34 8.30 -12.61
N TYR A 136 39.39 8.93 -13.30
CA TYR A 136 39.11 8.58 -14.69
C TYR A 136 40.16 9.05 -15.72
N SER A 137 40.40 8.21 -16.72
CA SER A 137 41.34 8.52 -17.81
C SER A 137 40.82 7.97 -19.15
N LYS A 138 41.14 8.66 -20.26
CA LYS A 138 40.68 8.28 -21.59
C LYS A 138 40.86 6.81 -21.91
N ASP A 139 41.95 6.22 -21.46
CA ASP A 139 42.22 4.82 -21.74
C ASP A 139 41.19 3.81 -21.19
N MET A 140 40.31 4.26 -20.30
CA MET A 140 39.31 3.37 -19.75
C MET A 140 38.20 3.22 -20.77
N LYS A 141 38.02 1.99 -21.26
CA LYS A 141 37.01 1.71 -22.28
C LYS A 141 35.67 1.28 -21.75
N VAL A 142 35.67 0.75 -20.54
CA VAL A 142 34.44 0.28 -19.89
C VAL A 142 34.42 0.71 -18.44
N VAL A 143 33.41 1.48 -18.04
CA VAL A 143 33.32 1.94 -16.65
C VAL A 143 31.97 1.62 -16.04
N SER A 144 31.85 1.82 -14.73
CA SER A 144 30.60 1.55 -14.04
C SER A 144 30.21 2.77 -13.19
N ASN A 145 28.91 3.03 -13.11
CA ASN A 145 28.41 4.15 -12.35
C ASN A 145 27.92 3.66 -10.99
N ALA A 146 28.40 2.50 -10.58
CA ALA A 146 28.01 1.92 -9.29
C ALA A 146 26.49 1.74 -9.27
N SER A 147 25.91 1.69 -8.08
CA SER A 147 24.45 1.52 -7.95
C SER A 147 23.81 2.77 -7.39
N CYS A 148 22.49 2.84 -7.46
CA CYS A 148 21.76 3.99 -6.96
C CYS A 148 22.07 4.27 -5.49
N THR A 149 22.25 3.23 -4.70
CA THR A 149 22.54 3.40 -3.27
C THR A 149 23.97 3.86 -3.01
N THR A 150 24.93 3.32 -3.74
CA THR A 150 26.33 3.73 -3.56
C THR A 150 26.40 5.24 -3.83
N ASN A 151 25.66 5.69 -4.86
CA ASN A 151 25.65 7.09 -5.22
C ASN A 151 25.08 7.96 -4.12
N CYS A 152 24.30 7.37 -3.22
CA CYS A 152 23.74 8.12 -2.11
C CYS A 152 24.70 8.09 -0.93
N LEU A 153 25.27 6.92 -0.66
CA LEU A 153 26.20 6.73 0.45
C LEU A 153 27.54 7.44 0.29
N ALA A 154 28.20 7.21 -0.83
CA ALA A 154 29.51 7.78 -1.12
C ALA A 154 29.65 9.26 -0.83
N PRO A 155 28.74 10.10 -1.36
CA PRO A 155 28.85 11.55 -1.11
C PRO A 155 28.89 11.85 0.38
N VAL A 156 27.95 11.30 1.13
CA VAL A 156 27.85 11.48 2.57
C VAL A 156 29.10 10.94 3.28
N ALA A 157 29.57 9.78 2.87
CA ALA A 157 30.75 9.20 3.49
C ALA A 157 31.97 10.09 3.27
N LYS A 158 32.13 10.56 2.04
CA LYS A 158 33.26 11.43 1.70
C LYS A 158 33.32 12.65 2.61
N VAL A 159 32.21 13.36 2.75
CA VAL A 159 32.17 14.54 3.62
C VAL A 159 32.52 14.19 5.05
N LEU A 160 31.88 13.15 5.60
CA LEU A 160 32.16 12.73 6.97
C LEU A 160 33.64 12.34 7.17
N HIS A 161 34.16 11.53 6.25
CA HIS A 161 35.54 11.07 6.34
C HIS A 161 36.58 12.17 6.27
N GLU A 162 36.47 13.04 5.27
CA GLU A 162 37.39 14.16 5.08
C GLU A 162 37.43 15.12 6.26
N ASN A 163 36.28 15.30 6.91
CA ASN A 163 36.19 16.20 8.05
C ASN A 163 36.45 15.57 9.41
N PHE A 164 35.95 14.36 9.66
CA PHE A 164 36.14 13.78 10.97
C PHE A 164 36.74 12.39 10.94
N GLU A 165 36.89 11.84 9.74
CA GLU A 165 37.47 10.51 9.59
C GLU A 165 36.56 9.37 10.08
N ILE A 166 36.15 8.51 9.16
CA ILE A 166 35.30 7.38 9.52
C ILE A 166 36.17 6.20 9.95
N VAL A 167 36.02 5.79 11.21
CA VAL A 167 36.76 4.67 11.76
C VAL A 167 36.09 3.37 11.30
N GLU A 168 34.79 3.30 11.50
CA GLU A 168 33.97 2.16 11.08
C GLU A 168 32.50 2.57 10.98
N GLY A 169 31.76 1.91 10.11
CA GLY A 169 30.36 2.25 9.96
C GLY A 169 29.51 1.13 9.41
N LEU A 170 28.28 1.08 9.89
CA LEU A 170 27.32 0.08 9.46
C LEU A 170 26.17 0.85 8.86
N MET A 171 25.72 0.43 7.68
CA MET A 171 24.66 1.11 6.97
C MET A 171 23.43 0.29 6.77
N THR A 172 22.28 0.93 6.91
CA THR A 172 21.01 0.26 6.67
C THR A 172 20.25 1.13 5.71
N THR A 173 19.69 0.53 4.67
CA THR A 173 18.94 1.28 3.72
C THR A 173 17.50 0.79 3.69
N VAL A 174 16.56 1.69 3.99
CA VAL A 174 15.14 1.37 3.94
C VAL A 174 14.80 1.73 2.50
N HIS A 175 14.73 0.71 1.66
CA HIS A 175 14.52 0.82 0.22
C HIS A 175 13.11 0.60 -0.30
N ALA A 176 12.75 1.35 -1.34
CA ALA A 176 11.45 1.21 -1.96
C ALA A 176 11.44 -0.13 -2.70
N VAL A 177 10.26 -0.60 -3.12
CA VAL A 177 10.20 -1.90 -3.82
C VAL A 177 10.93 -1.84 -5.14
N THR A 178 11.45 -2.98 -5.56
CA THR A 178 12.19 -3.07 -6.80
C THR A 178 11.44 -3.92 -7.83
N ALA A 179 11.86 -3.83 -9.09
CA ALA A 179 11.21 -4.57 -10.15
C ALA A 179 11.44 -6.07 -10.00
N THR A 180 12.43 -6.46 -9.20
CA THR A 180 12.73 -7.88 -9.01
C THR A 180 11.94 -8.53 -7.87
N GLN A 181 11.00 -7.81 -7.27
CA GLN A 181 10.19 -8.37 -6.20
C GLN A 181 8.86 -8.91 -6.72
N LYS A 182 8.10 -9.58 -5.85
CA LYS A 182 6.82 -10.16 -6.25
C LYS A 182 5.61 -9.49 -5.61
N THR A 183 4.53 -9.35 -6.37
CA THR A 183 3.29 -8.74 -5.87
C THR A 183 2.67 -9.58 -4.77
N VAL A 184 2.87 -10.89 -4.86
CA VAL A 184 2.37 -11.83 -3.86
C VAL A 184 3.38 -12.97 -3.74
N ASP A 185 3.36 -13.68 -2.61
CA ASP A 185 4.29 -14.78 -2.35
C ASP A 185 4.48 -15.64 -3.57
N GLY A 186 5.70 -15.62 -4.07
CA GLY A 186 6.04 -16.38 -5.27
C GLY A 186 7.48 -16.89 -5.24
N PRO A 187 7.90 -17.66 -6.24
CA PRO A 187 9.23 -18.25 -6.39
C PRO A 187 10.44 -17.39 -6.62
N SER A 188 11.27 -17.17 -5.60
CA SER A 188 12.55 -16.41 -5.78
C SER A 188 13.67 -17.28 -5.20
N ALA A 189 14.02 -18.37 -5.90
CA ALA A 189 15.05 -19.39 -5.45
C ALA A 189 16.41 -18.81 -5.03
N LYS A 190 16.77 -17.69 -5.65
CA LYS A 190 18.04 -17.03 -5.39
C LYS A 190 17.93 -16.22 -4.10
N ASP A 191 16.81 -15.53 -3.92
CA ASP A 191 16.56 -14.72 -2.72
C ASP A 191 15.18 -15.08 -2.18
N TRP A 192 15.14 -16.06 -1.28
CA TRP A 192 13.88 -16.53 -0.70
C TRP A 192 12.97 -15.46 -0.11
N ARG A 193 13.54 -14.54 0.68
CA ARG A 193 12.74 -13.47 1.28
C ARG A 193 12.24 -12.53 0.19
N GLY A 194 13.02 -12.39 -0.87
CA GLY A 194 12.67 -11.50 -1.95
C GLY A 194 11.46 -11.92 -2.76
N GLY A 195 10.96 -13.14 -2.54
CA GLY A 195 9.81 -13.59 -3.27
C GLY A 195 8.52 -13.43 -2.48
N ARG A 196 8.62 -12.85 -1.28
CA ARG A 196 7.43 -12.66 -0.44
C ARG A 196 6.66 -11.41 -0.84
N GLY A 197 5.33 -11.48 -0.79
CA GLY A 197 4.47 -10.33 -1.14
C GLY A 197 5.08 -9.00 -0.73
N ALA A 198 5.43 -8.20 -1.73
CA ALA A 198 6.09 -6.93 -1.50
C ALA A 198 5.20 -5.84 -0.93
N ALA A 199 3.91 -5.97 -1.19
CA ALA A 199 2.97 -4.96 -0.73
C ALA A 199 2.49 -5.12 0.69
N GLN A 200 2.89 -6.22 1.32
CA GLN A 200 2.45 -6.47 2.68
C GLN A 200 3.58 -6.73 3.64
N ASN A 201 4.81 -6.77 3.13
CA ASN A 201 5.95 -7.08 3.97
C ASN A 201 7.10 -6.08 4.03
N ILE A 202 7.88 -6.19 5.11
CA ILE A 202 9.08 -5.41 5.32
C ILE A 202 10.05 -6.55 5.04
N ILE A 203 10.78 -6.49 3.93
CA ILE A 203 11.68 -7.58 3.58
C ILE A 203 13.16 -7.30 3.73
N PRO A 204 13.82 -8.01 4.63
CA PRO A 204 15.25 -7.77 4.81
C PRO A 204 16.00 -8.27 3.57
N SER A 205 16.85 -7.41 3.01
CA SER A 205 17.65 -7.75 1.85
C SER A 205 19.10 -7.41 2.11
N SER A 206 19.97 -7.82 1.21
CA SER A 206 21.39 -7.53 1.36
C SER A 206 21.76 -6.42 0.38
N THR A 207 22.94 -5.84 0.55
CA THR A 207 23.37 -4.78 -0.35
C THR A 207 24.89 -4.69 -0.42
N GLY A 208 25.42 -4.42 -1.60
CA GLY A 208 26.85 -4.29 -1.74
C GLY A 208 27.26 -2.84 -1.67
N ALA A 209 26.28 -1.96 -1.66
CA ALA A 209 26.51 -0.52 -1.60
C ALA A 209 27.69 -0.12 -0.75
N ALA A 210 27.64 -0.45 0.54
CA ALA A 210 28.71 -0.09 1.46
C ALA A 210 30.07 -0.63 1.00
N LYS A 211 30.13 -1.92 0.71
CA LYS A 211 31.37 -2.54 0.28
C LYS A 211 31.89 -1.82 -0.97
N ALA A 212 30.98 -1.40 -1.84
CA ALA A 212 31.33 -0.68 -3.07
C ALA A 212 31.94 0.67 -2.72
N VAL A 213 31.49 1.30 -1.66
CA VAL A 213 32.06 2.58 -1.28
C VAL A 213 33.53 2.40 -0.98
N GLY A 214 33.92 1.16 -0.70
CA GLY A 214 35.32 0.87 -0.43
C GLY A 214 36.17 0.93 -1.69
N LYS A 215 35.52 0.84 -2.83
CA LYS A 215 36.21 0.90 -4.11
C LYS A 215 36.31 2.33 -4.60
N VAL A 216 35.26 3.13 -4.40
CA VAL A 216 35.32 4.52 -4.85
C VAL A 216 36.09 5.41 -3.87
N ILE A 217 36.15 5.00 -2.61
CA ILE A 217 36.90 5.75 -1.62
C ILE A 217 37.80 4.74 -0.90
N PRO A 218 38.94 4.40 -1.51
CA PRO A 218 39.90 3.45 -0.97
C PRO A 218 40.16 3.46 0.52
N GLU A 219 40.38 4.63 1.10
CA GLU A 219 40.64 4.70 2.54
C GLU A 219 39.58 4.02 3.40
N LEU A 220 38.36 3.96 2.90
CA LEU A 220 37.25 3.35 3.65
C LEU A 220 37.06 1.87 3.39
N ASP A 221 37.86 1.32 2.49
CA ASP A 221 37.74 -0.09 2.17
C ASP A 221 37.82 -1.00 3.40
N GLY A 222 36.75 -1.76 3.61
CA GLY A 222 36.74 -2.66 4.74
C GLY A 222 36.32 -2.03 6.05
N LYS A 223 35.85 -0.79 6.00
CA LYS A 223 35.43 -0.11 7.21
C LYS A 223 33.91 0.10 7.24
N LEU A 224 33.25 -0.22 6.13
CA LEU A 224 31.80 -0.07 6.06
C LEU A 224 31.18 -1.34 5.53
N THR A 225 29.90 -1.53 5.85
CA THR A 225 29.13 -2.67 5.40
C THR A 225 27.71 -2.41 5.83
N GLY A 226 26.75 -3.12 5.26
CA GLY A 226 25.38 -2.89 5.65
C GLY A 226 24.41 -3.81 4.98
N MET A 227 23.13 -3.58 5.26
CA MET A 227 22.06 -4.38 4.69
C MET A 227 20.90 -3.49 4.34
N ALA A 228 19.83 -4.07 3.81
CA ALA A 228 18.67 -3.29 3.43
C ALA A 228 17.36 -3.82 3.98
N PHE A 229 16.32 -3.01 3.85
CA PHE A 229 14.96 -3.36 4.27
C PHE A 229 14.13 -2.83 3.15
N ARG A 230 13.37 -3.71 2.54
CA ARG A 230 12.50 -3.33 1.44
C ARG A 230 11.12 -3.07 2.03
N VAL A 231 10.59 -1.88 1.79
CA VAL A 231 9.28 -1.53 2.31
C VAL A 231 8.31 -1.22 1.15
N PRO A 232 7.01 -1.35 1.38
CA PRO A 232 6.02 -1.10 0.34
C PRO A 232 5.78 0.32 -0.15
N THR A 233 6.82 0.98 -0.64
CA THR A 233 6.66 2.32 -1.23
C THR A 233 7.18 2.15 -2.65
N PRO A 234 6.56 2.81 -3.63
CA PRO A 234 6.93 2.70 -5.05
C PRO A 234 8.27 3.31 -5.46
N ASN A 235 8.69 4.37 -4.77
CA ASN A 235 9.97 5.02 -5.12
C ASN A 235 10.51 5.87 -3.96
N VAL A 236 11.79 6.20 -4.04
CA VAL A 236 12.49 7.00 -3.04
C VAL A 236 12.89 6.16 -1.85
N SER A 237 14.19 6.17 -1.55
CA SER A 237 14.76 5.41 -0.45
C SER A 237 15.53 6.31 0.48
N VAL A 238 15.84 5.80 1.67
CA VAL A 238 16.58 6.56 2.65
C VAL A 238 17.73 5.70 3.18
N VAL A 239 18.89 6.31 3.43
CA VAL A 239 20.06 5.63 3.96
C VAL A 239 20.27 6.01 5.40
N ASP A 240 20.37 5.00 6.25
CA ASP A 240 20.57 5.18 7.67
C ASP A 240 22.00 4.75 7.95
N LEU A 241 22.89 5.71 8.14
CA LEU A 241 24.30 5.42 8.38
C LEU A 241 24.73 5.70 9.81
N THR A 242 25.13 4.64 10.49
CA THR A 242 25.60 4.74 11.88
C THR A 242 27.11 4.62 11.76
N VAL A 243 27.83 5.62 12.24
CA VAL A 243 29.27 5.60 12.11
C VAL A 243 30.04 6.10 13.36
N ARG A 244 31.26 5.59 13.51
CA ARG A 244 32.12 5.97 14.61
C ARG A 244 33.24 6.81 13.98
N LEU A 245 33.29 8.08 14.38
CA LEU A 245 34.27 9.04 13.85
C LEU A 245 35.58 9.03 14.62
N GLY A 246 36.66 9.43 13.94
CA GLY A 246 37.96 9.48 14.57
C GLY A 246 38.16 10.74 15.40
N LYS A 247 37.59 11.85 14.96
CA LYS A 247 37.70 13.11 15.67
C LYS A 247 36.42 13.41 16.39
N GLU A 248 36.53 14.05 17.54
CA GLU A 248 35.34 14.41 18.31
C GLU A 248 34.70 15.60 17.62
N CYS A 249 33.37 15.69 17.68
CA CYS A 249 32.65 16.78 17.07
C CYS A 249 31.22 16.81 17.54
N SER A 250 30.55 17.94 17.30
CA SER A 250 29.16 18.11 17.70
C SER A 250 28.35 17.90 16.45
N TYR A 251 27.08 17.60 16.62
CA TYR A 251 26.21 17.36 15.48
C TYR A 251 26.15 18.59 14.57
N ASP A 252 26.31 19.79 15.13
CA ASP A 252 26.29 21.00 14.32
C ASP A 252 27.47 21.00 13.37
N ASP A 253 28.62 20.56 13.83
CA ASP A 253 29.80 20.51 12.99
C ASP A 253 29.51 19.65 11.76
N ILE A 254 28.70 18.62 11.96
CA ILE A 254 28.35 17.73 10.87
C ILE A 254 27.39 18.44 9.94
N LYS A 255 26.34 19.05 10.49
CA LYS A 255 25.39 19.78 9.66
C LYS A 255 26.12 20.81 8.83
N ALA A 256 27.01 21.57 9.47
CA ALA A 256 27.80 22.61 8.79
C ALA A 256 28.59 22.02 7.64
N ALA A 257 29.36 20.97 7.90
CA ALA A 257 30.16 20.32 6.88
C ALA A 257 29.29 19.94 5.70
N MET A 258 28.13 19.36 5.98
CA MET A 258 27.21 18.95 4.93
C MET A 258 26.68 20.13 4.15
N LYS A 259 26.20 21.15 4.84
CA LYS A 259 25.65 22.34 4.19
C LYS A 259 26.71 22.98 3.31
N THR A 260 27.92 23.13 3.83
CA THR A 260 29.03 23.70 3.08
C THR A 260 29.30 22.90 1.82
N ALA A 261 29.44 21.59 1.95
CA ALA A 261 29.69 20.74 0.80
C ALA A 261 28.56 20.89 -0.22
N SER A 262 27.32 20.94 0.25
CA SER A 262 26.16 21.00 -0.62
C SER A 262 26.08 22.25 -1.47
N GLU A 263 26.67 23.35 -1.00
CA GLU A 263 26.62 24.56 -1.81
C GLU A 263 27.95 24.84 -2.52
N GLY A 264 28.93 23.95 -2.31
CA GLY A 264 30.22 24.11 -2.95
C GLY A 264 30.59 22.97 -3.86
N PRO A 265 31.61 22.20 -3.53
CA PRO A 265 32.12 21.06 -4.30
C PRO A 265 31.07 20.04 -4.74
N LEU A 266 30.21 19.62 -3.82
CA LEU A 266 29.20 18.63 -4.15
C LEU A 266 27.85 19.21 -4.55
N GLN A 267 27.81 20.51 -4.83
CA GLN A 267 26.55 21.12 -5.25
C GLN A 267 25.97 20.42 -6.47
N GLY A 268 24.70 20.05 -6.38
CA GLY A 268 24.05 19.37 -7.48
C GLY A 268 24.08 17.86 -7.28
N VAL A 269 25.02 17.43 -6.43
CA VAL A 269 25.17 16.02 -6.14
C VAL A 269 24.63 15.74 -4.74
N LEU A 270 25.13 16.45 -3.75
CA LEU A 270 24.69 16.27 -2.37
C LEU A 270 23.78 17.44 -2.01
N GLY A 271 22.57 17.13 -1.53
CA GLY A 271 21.64 18.16 -1.13
C GLY A 271 21.60 18.27 0.39
N TYR A 272 21.02 19.36 0.89
CA TYR A 272 20.93 19.59 2.34
C TYR A 272 19.57 20.18 2.68
N THR A 273 18.96 19.69 3.76
CA THR A 273 17.64 20.19 4.17
C THR A 273 17.47 20.13 5.67
N GLU A 274 16.66 21.05 6.19
CA GLU A 274 16.36 21.12 7.61
C GLU A 274 14.85 21.16 7.78
N ASP A 275 14.14 20.79 6.72
CA ASP A 275 12.69 20.76 6.73
C ASP A 275 12.21 19.39 7.21
N ASP A 276 10.95 19.32 7.60
CA ASP A 276 10.38 18.07 8.05
C ASP A 276 9.91 17.29 6.84
N VAL A 277 10.87 16.86 6.03
CA VAL A 277 10.58 16.13 4.80
C VAL A 277 10.23 14.66 5.00
N VAL A 278 9.58 14.09 3.98
CA VAL A 278 9.19 12.70 3.99
C VAL A 278 9.48 12.08 2.63
N SER A 279 9.42 10.75 2.56
CA SER A 279 9.69 9.99 1.35
C SER A 279 9.31 10.71 0.03
N CYS A 280 8.04 11.11 -0.11
CA CYS A 280 7.54 11.76 -1.33
C CYS A 280 8.10 13.10 -1.72
N ASP A 281 8.58 13.88 -0.77
CA ASP A 281 9.12 15.18 -1.10
C ASP A 281 10.35 15.07 -1.98
N PHE A 282 10.75 13.85 -2.34
CA PHE A 282 11.94 13.67 -3.15
C PHE A 282 11.73 12.96 -4.47
N THR A 283 10.46 12.76 -4.85
CA THR A 283 10.21 12.14 -6.13
C THR A 283 10.56 13.14 -7.20
N GLY A 284 11.44 12.74 -8.11
CA GLY A 284 11.83 13.64 -9.17
C GLY A 284 13.05 14.45 -8.78
N ASP A 285 13.49 14.31 -7.53
CA ASP A 285 14.65 15.05 -7.08
C ASP A 285 15.85 14.49 -7.82
N ASN A 286 16.66 15.35 -8.43
CA ASN A 286 17.79 14.85 -9.19
C ASN A 286 19.18 14.86 -8.55
N ARG A 287 19.23 14.96 -7.22
CA ARG A 287 20.51 14.92 -6.56
C ARG A 287 20.77 13.47 -6.17
N SER A 288 22.04 13.10 -6.01
CA SER A 288 22.40 11.75 -5.62
C SER A 288 21.95 11.43 -4.18
N SER A 289 22.09 12.39 -3.28
CA SER A 289 21.68 12.16 -1.90
C SER A 289 21.43 13.45 -1.15
N ILE A 290 20.32 13.50 -0.42
CA ILE A 290 19.95 14.68 0.33
C ILE A 290 20.05 14.43 1.84
N PHE A 291 20.94 15.17 2.50
CA PHE A 291 21.15 15.05 3.94
C PHE A 291 19.96 15.62 4.69
N ASP A 292 19.34 14.81 5.53
CA ASP A 292 18.19 15.21 6.33
C ASP A 292 18.74 15.60 7.69
N ALA A 293 18.97 16.89 7.90
CA ALA A 293 19.55 17.40 9.14
C ALA A 293 18.80 16.99 10.42
N LYS A 294 17.51 17.26 10.49
CA LYS A 294 16.74 16.94 11.67
C LYS A 294 16.57 15.46 11.99
N ALA A 295 16.68 14.59 11.00
CA ALA A 295 16.49 13.16 11.22
C ALA A 295 17.59 12.45 11.99
N GLY A 296 18.85 12.82 11.74
CA GLY A 296 19.96 12.16 12.40
C GLY A 296 20.04 12.48 13.86
N ILE A 297 20.76 11.66 14.61
CA ILE A 297 20.93 11.86 16.04
C ILE A 297 22.34 11.45 16.44
N GLN A 298 22.84 12.07 17.50
CA GLN A 298 24.18 11.80 17.99
C GLN A 298 24.18 11.27 19.41
N LEU A 299 24.87 10.17 19.65
CA LEU A 299 24.96 9.59 20.98
C LEU A 299 26.13 10.22 21.74
N SER A 300 27.30 10.23 21.10
CA SER A 300 28.50 10.78 21.71
C SER A 300 29.29 11.60 20.73
N LYS A 301 30.35 12.24 21.23
CA LYS A 301 31.20 13.09 20.39
C LYS A 301 31.77 12.34 19.19
N THR A 302 31.72 11.01 19.23
CA THR A 302 32.26 10.20 18.13
C THR A 302 31.34 9.13 17.58
N PHE A 303 30.13 9.02 18.12
CA PHE A 303 29.19 8.01 17.66
C PHE A 303 27.92 8.72 17.23
N VAL A 304 27.70 8.77 15.92
CA VAL A 304 26.55 9.45 15.36
C VAL A 304 25.82 8.67 14.26
N LYS A 305 24.55 9.01 14.04
CA LYS A 305 23.73 8.38 13.01
C LYS A 305 23.18 9.47 12.07
N VAL A 306 23.52 9.38 10.78
CA VAL A 306 23.06 10.36 9.81
C VAL A 306 22.08 9.73 8.83
N VAL A 307 21.17 10.54 8.33
CA VAL A 307 20.11 10.12 7.42
C VAL A 307 20.16 10.90 6.09
N SER A 308 20.21 10.18 4.97
CA SER A 308 20.24 10.81 3.67
C SER A 308 19.23 10.17 2.70
N TRP A 309 18.43 11.01 2.03
CA TRP A 309 17.41 10.53 1.09
C TRP A 309 17.95 10.48 -0.31
N TYR A 310 17.22 9.77 -1.18
CA TYR A 310 17.56 9.67 -2.59
C TYR A 310 16.47 9.02 -3.40
N ASP A 311 16.15 9.63 -4.55
CA ASP A 311 15.15 9.07 -5.45
C ASP A 311 15.90 8.00 -6.24
N ASN A 312 15.84 6.76 -5.75
CA ASN A 312 16.58 5.68 -6.35
C ASN A 312 16.54 5.56 -7.86
N GLU A 313 15.49 6.04 -8.49
CA GLU A 313 15.47 5.91 -9.92
C GLU A 313 15.97 7.15 -10.65
N PHE A 314 15.40 8.30 -10.30
CA PHE A 314 15.72 9.57 -10.91
C PHE A 314 17.11 10.14 -10.69
N GLY A 315 17.55 10.17 -9.44
CA GLY A 315 18.86 10.71 -9.16
C GLY A 315 19.95 9.91 -9.86
N TYR A 316 19.84 8.60 -9.84
CA TYR A 316 20.84 7.77 -10.46
C TYR A 316 20.94 7.98 -11.96
N SER A 317 19.80 8.06 -12.63
CA SER A 317 19.81 8.26 -14.06
C SER A 317 20.40 9.63 -14.44
N GLN A 318 20.26 10.59 -13.54
CA GLN A 318 20.82 11.91 -13.82
C GLN A 318 22.36 11.82 -13.73
N ARG A 319 22.86 11.04 -12.79
CA ARG A 319 24.30 10.89 -12.65
C ARG A 319 24.88 10.13 -13.83
N VAL A 320 24.09 9.28 -14.44
CA VAL A 320 24.58 8.52 -15.59
C VAL A 320 24.96 9.48 -16.70
N ILE A 321 24.13 10.51 -16.91
CA ILE A 321 24.42 11.49 -17.95
C ILE A 321 25.65 12.30 -17.54
N ASP A 322 25.66 12.76 -16.30
CA ASP A 322 26.76 13.54 -15.77
C ASP A 322 28.09 12.82 -15.97
N LEU A 323 28.11 11.51 -15.73
CA LEU A 323 29.33 10.73 -15.89
C LEU A 323 29.75 10.79 -17.35
N ILE A 324 28.82 10.55 -18.27
CA ILE A 324 29.13 10.60 -19.69
C ILE A 324 29.63 11.98 -20.11
N LYS A 325 29.04 13.04 -19.58
CA LYS A 325 29.47 14.40 -19.90
C LYS A 325 30.92 14.57 -19.51
N HIS A 326 31.25 14.18 -18.29
CA HIS A 326 32.61 14.28 -17.78
C HIS A 326 33.57 13.45 -18.61
N MET A 327 33.16 12.24 -18.96
CA MET A 327 34.00 11.35 -19.75
C MET A 327 34.34 11.99 -21.09
N GLN A 328 33.33 12.52 -21.77
CA GLN A 328 33.55 13.12 -23.07
C GLN A 328 34.40 14.36 -22.96
N LYS A 329 34.24 15.10 -21.87
CA LYS A 329 35.02 16.31 -21.69
C LYS A 329 36.49 15.95 -21.58
N VAL A 330 36.79 14.78 -21.03
CA VAL A 330 38.17 14.33 -20.86
C VAL A 330 38.65 13.57 -22.09
N ASP A 331 37.72 12.89 -22.76
CA ASP A 331 38.06 12.12 -23.95
C ASP A 331 38.26 13.05 -25.14
N SER A 332 37.20 13.70 -25.57
CA SER A 332 37.23 14.62 -26.70
C SER A 332 38.20 15.76 -26.41
N ALA A 333 38.95 15.61 -25.31
CA ALA A 333 39.95 16.62 -24.87
C ALA A 333 41.35 16.33 -25.44
N SER B 1 -9.80 39.22 -9.85
CA SER B 1 -10.33 38.00 -9.19
C SER B 1 -10.66 38.23 -7.72
N LYS B 2 -9.77 38.85 -6.97
CA LYS B 2 -9.98 39.11 -5.56
C LYS B 2 -10.66 37.94 -4.83
N ILE B 3 -9.98 36.80 -4.82
CA ILE B 3 -10.48 35.58 -4.19
C ILE B 3 -10.03 35.39 -2.75
N GLY B 4 -10.94 34.87 -1.93
CA GLY B 4 -10.65 34.59 -0.53
C GLY B 4 -10.94 33.13 -0.25
N ILE B 5 -10.11 32.49 0.56
CA ILE B 5 -10.31 31.07 0.87
C ILE B 5 -10.49 30.83 2.37
N ASN B 6 -11.55 30.14 2.73
CA ASN B 6 -11.82 29.84 4.13
C ASN B 6 -11.58 28.34 4.33
N GLY B 7 -10.56 28.01 5.09
CA GLY B 7 -10.24 26.62 5.34
C GLY B 7 -8.99 26.24 4.56
N PHE B 8 -7.99 25.64 5.20
CA PHE B 8 -6.78 25.28 4.51
C PHE B 8 -6.57 23.78 4.45
N GLY B 9 -7.62 23.04 4.10
CA GLY B 9 -7.52 21.59 4.00
C GLY B 9 -7.07 21.17 2.61
N ARG B 10 -7.25 19.90 2.25
CA ARG B 10 -6.82 19.44 0.94
C ARG B 10 -7.34 20.34 -0.15
N ILE B 11 -8.63 20.67 -0.09
CA ILE B 11 -9.20 21.54 -1.10
C ILE B 11 -8.70 22.98 -0.96
N GLY B 12 -8.89 23.57 0.21
CA GLY B 12 -8.43 24.94 0.37
C GLY B 12 -7.03 25.14 -0.17
N ARG B 13 -6.10 24.28 0.27
CA ARG B 13 -4.70 24.34 -0.15
C ARG B 13 -4.52 24.18 -1.65
N LEU B 14 -5.09 23.13 -2.22
CA LEU B 14 -4.97 22.88 -3.64
C LEU B 14 -5.60 23.95 -4.51
N VAL B 15 -6.65 24.59 -4.01
CA VAL B 15 -7.30 25.64 -4.77
C VAL B 15 -6.35 26.83 -4.87
N LEU B 16 -5.72 27.18 -3.76
CA LEU B 16 -4.77 28.29 -3.75
C LEU B 16 -3.64 27.95 -4.69
N ARG B 17 -3.19 26.70 -4.64
CA ARG B 17 -2.12 26.24 -5.52
C ARG B 17 -2.58 26.36 -6.97
N THR B 18 -3.78 25.87 -7.26
CA THR B 18 -4.32 25.96 -8.62
C THR B 18 -4.45 27.41 -9.06
N ALA B 19 -4.94 28.25 -8.16
CA ALA B 19 -5.08 29.66 -8.46
C ALA B 19 -3.78 30.23 -9.01
N LEU B 20 -2.71 30.12 -8.24
CA LEU B 20 -1.41 30.62 -8.65
C LEU B 20 -1.02 30.11 -10.03
N GLU B 21 -1.16 28.82 -10.25
CA GLU B 21 -0.82 28.23 -11.54
C GLU B 21 -1.65 28.91 -12.62
N MET B 22 -2.97 28.85 -12.50
CA MET B 22 -3.90 29.44 -13.48
C MET B 22 -3.94 30.97 -13.55
N GLY B 23 -3.18 31.64 -12.69
CA GLY B 23 -3.15 33.10 -12.75
C GLY B 23 -4.19 33.85 -11.92
N ALA B 24 -5.18 33.16 -11.38
CA ALA B 24 -6.19 33.83 -10.57
C ALA B 24 -5.53 34.48 -9.38
N GLN B 25 -6.20 35.43 -8.75
CA GLN B 25 -5.63 36.13 -7.61
C GLN B 25 -6.29 35.84 -6.26
N VAL B 26 -5.52 35.31 -5.31
CA VAL B 26 -6.04 35.04 -3.97
C VAL B 26 -5.40 36.08 -3.07
N VAL B 27 -6.22 36.81 -2.32
CA VAL B 27 -5.69 37.87 -1.46
C VAL B 27 -5.74 37.57 0.02
N ALA B 28 -6.58 36.62 0.43
CA ALA B 28 -6.67 36.28 1.84
C ALA B 28 -7.07 34.83 2.11
N VAL B 29 -6.65 34.33 3.26
CA VAL B 29 -6.93 32.97 3.67
C VAL B 29 -7.26 32.97 5.16
N ASN B 30 -8.24 32.16 5.55
CA ASN B 30 -8.62 32.09 6.93
C ASN B 30 -8.63 30.64 7.42
N ASP B 31 -8.05 30.42 8.58
CA ASP B 31 -8.03 29.10 9.22
C ASP B 31 -7.54 29.30 10.64
N PRO B 32 -8.39 29.01 11.64
CA PRO B 32 -8.09 29.13 13.06
C PRO B 32 -7.23 28.03 13.66
N PHE B 33 -7.11 26.91 12.97
CA PHE B 33 -6.34 25.81 13.52
C PHE B 33 -4.95 25.59 12.94
N ILE B 34 -4.52 26.43 12.01
CA ILE B 34 -3.20 26.23 11.43
C ILE B 34 -2.32 27.45 11.45
N ALA B 35 -1.29 27.38 12.29
CA ALA B 35 -0.35 28.48 12.44
C ALA B 35 0.23 28.92 11.11
N LEU B 36 0.57 30.20 11.01
CA LEU B 36 1.13 30.76 9.79
C LEU B 36 2.40 30.03 9.33
N GLU B 37 3.23 29.56 10.25
CA GLU B 37 4.46 28.87 9.84
C GLU B 37 4.16 27.45 9.34
N TYR B 38 3.13 26.83 9.89
CA TYR B 38 2.73 25.49 9.49
C TYR B 38 2.06 25.57 8.10
N MET B 39 1.51 26.73 7.76
CA MET B 39 0.87 26.92 6.47
C MET B 39 1.87 26.87 5.31
N VAL B 40 3.02 27.53 5.49
CA VAL B 40 4.01 27.53 4.42
C VAL B 40 4.46 26.09 4.19
N TYR B 41 4.52 25.31 5.27
CA TYR B 41 4.94 23.93 5.18
C TYR B 41 3.90 23.06 4.48
N MET B 42 2.65 23.11 4.92
CA MET B 42 1.60 22.31 4.31
C MET B 42 1.33 22.70 2.87
N PHE B 43 1.69 23.92 2.51
CA PHE B 43 1.49 24.38 1.15
C PHE B 43 2.66 23.98 0.25
N LYS B 44 3.87 24.17 0.75
CA LYS B 44 5.06 23.83 0.00
C LYS B 44 5.17 22.36 -0.34
N TYR B 45 4.96 21.49 0.65
CA TYR B 45 5.06 20.05 0.45
C TYR B 45 3.73 19.34 0.33
N ASP B 46 3.61 18.49 -0.69
CA ASP B 46 2.38 17.74 -0.91
C ASP B 46 2.78 16.38 -1.44
N SER B 47 2.52 15.33 -0.65
CA SER B 47 2.88 13.95 -1.00
C SER B 47 2.42 13.56 -2.41
N THR B 48 1.17 13.86 -2.71
CA THR B 48 0.57 13.52 -4.00
C THR B 48 0.91 14.41 -5.18
N HIS B 49 0.97 15.72 -4.96
CA HIS B 49 1.22 16.63 -6.07
C HIS B 49 2.57 17.33 -6.12
N GLY B 50 3.53 16.85 -5.33
CA GLY B 50 4.85 17.45 -5.37
C GLY B 50 5.09 18.75 -4.65
N MET B 51 6.34 19.17 -4.61
CA MET B 51 6.73 20.39 -3.94
C MET B 51 6.39 21.59 -4.79
N PHE B 52 5.88 22.63 -4.16
CA PHE B 52 5.55 23.83 -4.88
C PHE B 52 6.86 24.42 -5.37
N LYS B 53 6.91 24.79 -6.64
CA LYS B 53 8.11 25.35 -7.27
C LYS B 53 8.53 26.71 -6.74
N GLY B 54 7.63 27.69 -6.84
CA GLY B 54 7.95 29.04 -6.37
C GLY B 54 8.51 29.17 -4.96
N GLU B 55 8.53 30.40 -4.44
CA GLU B 55 9.03 30.63 -3.10
C GLU B 55 7.86 30.89 -2.17
N VAL B 56 7.84 30.17 -1.05
CA VAL B 56 6.78 30.34 -0.07
C VAL B 56 7.45 30.77 1.21
N LYS B 57 6.88 31.77 1.88
CA LYS B 57 7.45 32.24 3.13
C LYS B 57 6.55 33.17 3.91
N VAL B 58 6.78 33.24 5.22
CA VAL B 58 6.02 34.12 6.09
C VAL B 58 6.64 35.49 5.98
N GLU B 59 5.81 36.52 5.89
CA GLU B 59 6.29 37.89 5.75
C GLU B 59 5.44 38.89 6.52
N ASP B 60 5.73 39.06 7.81
CA ASP B 60 4.98 40.00 8.64
C ASP B 60 3.51 39.56 8.74
N GLY B 61 3.27 38.44 9.41
CA GLY B 61 1.91 37.94 9.58
C GLY B 61 1.16 37.70 8.28
N ALA B 62 1.90 37.62 7.19
CA ALA B 62 1.30 37.38 5.88
C ALA B 62 2.01 36.22 5.23
N LEU B 63 1.33 35.57 4.30
CA LEU B 63 1.90 34.45 3.59
C LEU B 63 2.31 35.02 2.24
N VAL B 64 3.56 34.80 1.85
CA VAL B 64 4.06 35.29 0.58
C VAL B 64 4.43 34.14 -0.36
N VAL B 65 3.77 34.11 -1.51
CA VAL B 65 4.02 33.07 -2.51
C VAL B 65 4.37 33.71 -3.85
N ASP B 66 5.63 33.55 -4.25
CA ASP B 66 6.09 34.10 -5.52
C ASP B 66 5.81 35.59 -5.60
N GLY B 67 6.09 36.28 -4.51
CA GLY B 67 5.85 37.71 -4.48
C GLY B 67 4.48 38.07 -3.97
N LYS B 68 3.46 37.30 -4.36
CA LYS B 68 2.08 37.58 -3.94
C LYS B 68 1.94 37.55 -2.41
N LYS B 69 1.31 38.59 -1.86
CA LYS B 69 1.08 38.71 -0.43
C LYS B 69 -0.36 38.34 -0.11
N ILE B 70 -0.51 37.26 0.66
CA ILE B 70 -1.81 36.78 1.06
C ILE B 70 -1.96 37.02 2.55
N THR B 71 -2.88 37.88 2.97
CA THR B 71 -3.02 38.13 4.39
C THR B 71 -3.77 36.95 5.00
N VAL B 72 -3.34 36.54 6.18
CA VAL B 72 -3.93 35.39 6.86
C VAL B 72 -4.74 35.77 8.09
N PHE B 73 -5.93 35.19 8.22
CA PHE B 73 -6.81 35.42 9.36
C PHE B 73 -6.97 34.12 10.14
N ASN B 74 -7.28 34.22 11.42
CA ASN B 74 -7.44 33.03 12.25
C ASN B 74 -8.79 32.98 12.94
N GLU B 75 -9.83 33.48 12.29
CA GLU B 75 -11.17 33.49 12.87
C GLU B 75 -11.87 32.15 12.90
N MET B 76 -12.52 31.88 14.01
CA MET B 76 -13.22 30.64 14.27
C MET B 76 -14.64 30.67 13.70
N LYS B 77 -15.27 31.84 13.71
CA LYS B 77 -16.62 32.02 13.20
C LYS B 77 -16.60 32.83 11.89
N PRO B 78 -17.14 32.27 10.80
CA PRO B 78 -17.17 32.95 9.50
C PRO B 78 -17.61 34.41 9.49
N GLU B 79 -18.49 34.78 10.42
CA GLU B 79 -18.98 36.14 10.45
C GLU B 79 -18.10 37.07 11.25
N ASN B 80 -16.81 36.76 11.29
CA ASN B 80 -15.85 37.59 12.03
C ASN B 80 -14.66 37.85 11.15
N ILE B 81 -14.59 37.13 10.04
CA ILE B 81 -13.49 37.28 9.10
C ILE B 81 -13.65 38.62 8.41
N PRO B 82 -12.67 39.51 8.56
CA PRO B 82 -12.70 40.84 7.95
C PRO B 82 -12.30 40.79 6.48
N TRP B 83 -13.03 40.01 5.69
CA TRP B 83 -12.76 39.86 4.27
C TRP B 83 -12.52 41.19 3.58
N SER B 84 -13.45 42.11 3.73
CA SER B 84 -13.36 43.43 3.12
C SER B 84 -12.01 44.10 3.34
N LYS B 85 -11.44 43.95 4.54
CA LYS B 85 -10.17 44.54 4.86
C LYS B 85 -9.06 44.04 3.93
N ALA B 86 -8.98 42.73 3.74
CA ALA B 86 -7.98 42.15 2.86
C ALA B 86 -8.41 42.42 1.41
N GLY B 87 -9.64 42.89 1.23
CA GLY B 87 -10.15 43.18 -0.09
C GLY B 87 -10.63 41.95 -0.83
N ALA B 88 -11.05 40.94 -0.08
CA ALA B 88 -11.53 39.69 -0.65
C ALA B 88 -13.01 39.76 -0.91
N GLU B 89 -13.40 39.59 -2.17
CA GLU B 89 -14.80 39.67 -2.55
C GLU B 89 -15.45 38.31 -2.82
N TYR B 90 -14.73 37.41 -3.48
CA TYR B 90 -15.29 36.09 -3.76
C TYR B 90 -14.69 35.02 -2.85
N ILE B 91 -15.49 34.54 -1.90
CA ILE B 91 -15.02 33.58 -0.93
C ILE B 91 -15.28 32.13 -1.27
N VAL B 92 -14.22 31.34 -1.21
CA VAL B 92 -14.29 29.90 -1.48
C VAL B 92 -14.47 29.20 -0.15
N GLU B 93 -15.71 28.79 0.16
CA GLU B 93 -16.01 28.12 1.43
C GLU B 93 -15.63 26.65 1.34
N SER B 94 -14.47 26.30 1.90
CA SER B 94 -14.02 24.93 1.84
C SER B 94 -13.80 24.27 3.19
N THR B 95 -14.47 24.76 4.23
CA THR B 95 -14.34 24.19 5.56
C THR B 95 -15.13 22.90 5.67
N GLY B 96 -16.24 22.82 4.94
CA GLY B 96 -17.06 21.64 4.99
C GLY B 96 -18.14 21.74 6.05
N VAL B 97 -18.12 22.82 6.83
CA VAL B 97 -19.13 22.98 7.87
C VAL B 97 -20.18 24.04 7.58
N PHE B 98 -19.84 25.03 6.75
CA PHE B 98 -20.81 26.08 6.41
C PHE B 98 -21.27 25.87 4.96
N THR B 99 -21.95 24.75 4.72
CA THR B 99 -22.41 24.39 3.39
C THR B 99 -23.80 24.82 2.97
N THR B 100 -24.57 25.42 3.87
CA THR B 100 -25.92 25.84 3.51
C THR B 100 -26.00 27.36 3.36
N ILE B 101 -26.89 27.82 2.50
CA ILE B 101 -27.05 29.25 2.27
C ILE B 101 -27.11 29.99 3.57
N GLU B 102 -27.89 29.45 4.49
CA GLU B 102 -28.07 30.04 5.82
C GLU B 102 -26.75 30.39 6.47
N LYS B 103 -25.97 29.37 6.83
CA LYS B 103 -24.70 29.60 7.50
C LYS B 103 -23.55 30.11 6.63
N ALA B 104 -23.61 29.86 5.32
CA ALA B 104 -22.56 30.32 4.42
C ALA B 104 -22.61 31.83 4.32
N SER B 105 -23.78 32.40 4.58
CA SER B 105 -23.99 33.83 4.51
C SER B 105 -23.18 34.63 5.51
N ALA B 106 -22.76 33.98 6.59
CA ALA B 106 -21.97 34.67 7.60
C ALA B 106 -20.88 35.54 6.96
N HIS B 107 -20.27 35.02 5.90
CA HIS B 107 -19.20 35.71 5.20
C HIS B 107 -19.59 37.08 4.69
N PHE B 108 -20.88 37.32 4.47
CA PHE B 108 -21.34 38.60 3.95
C PHE B 108 -21.15 39.74 4.94
N LYS B 109 -21.35 39.42 6.20
CA LYS B 109 -21.23 40.33 7.33
C LYS B 109 -19.77 40.76 7.50
N GLY B 110 -18.87 40.05 6.83
CA GLY B 110 -17.47 40.37 6.89
C GLY B 110 -17.05 41.21 5.69
N GLY B 111 -17.97 41.42 4.76
CA GLY B 111 -17.67 42.23 3.60
C GLY B 111 -17.57 41.44 2.30
N ALA B 112 -17.87 40.16 2.38
CA ALA B 112 -17.78 39.30 1.21
C ALA B 112 -18.89 39.63 0.22
N LYS B 113 -18.58 39.46 -1.07
CA LYS B 113 -19.51 39.73 -2.14
C LYS B 113 -20.32 38.48 -2.49
N LYS B 114 -19.61 37.43 -2.89
CA LYS B 114 -20.22 36.14 -3.25
C LYS B 114 -19.54 34.99 -2.50
N VAL B 115 -20.23 33.86 -2.39
CA VAL B 115 -19.68 32.71 -1.69
C VAL B 115 -19.82 31.44 -2.53
N ILE B 116 -18.71 30.73 -2.70
CA ILE B 116 -18.70 29.48 -3.46
C ILE B 116 -18.39 28.33 -2.49
N ILE B 117 -19.35 27.44 -2.27
CA ILE B 117 -19.16 26.30 -1.38
C ILE B 117 -18.53 25.18 -2.19
N SER B 118 -17.31 24.80 -1.83
CA SER B 118 -16.62 23.75 -2.56
C SER B 118 -17.02 22.38 -2.07
N ALA B 119 -18.32 22.13 -2.06
CA ALA B 119 -18.87 20.87 -1.60
C ALA B 119 -20.37 20.89 -1.85
N PRO B 120 -21.01 19.73 -1.79
CA PRO B 120 -22.46 19.72 -2.02
C PRO B 120 -23.17 20.57 -0.98
N SER B 121 -24.32 21.13 -1.36
CA SER B 121 -25.12 21.97 -0.47
C SER B 121 -26.56 21.48 -0.50
N ALA B 122 -27.24 21.61 0.64
CA ALA B 122 -28.62 21.17 0.72
C ALA B 122 -29.57 22.16 0.07
N ASP B 123 -29.18 23.43 -0.01
CA ASP B 123 -30.06 24.43 -0.59
C ASP B 123 -29.43 25.44 -1.54
N ALA B 124 -28.10 25.49 -1.62
CA ALA B 124 -27.46 26.44 -2.52
C ALA B 124 -27.42 25.85 -3.92
N PRO B 125 -27.57 26.69 -4.95
CA PRO B 125 -27.55 26.24 -6.34
C PRO B 125 -26.26 25.50 -6.65
N MET B 126 -26.37 24.31 -7.23
CA MET B 126 -25.19 23.54 -7.57
C MET B 126 -24.85 23.64 -9.05
N PHE B 127 -23.57 23.87 -9.34
CA PHE B 127 -23.12 23.96 -10.72
C PHE B 127 -21.99 22.99 -11.08
N VAL B 128 -21.88 22.68 -12.36
CA VAL B 128 -20.84 21.82 -12.87
C VAL B 128 -20.43 22.45 -14.19
N CYS B 129 -19.24 23.04 -14.22
CA CYS B 129 -18.75 23.66 -15.44
C CYS B 129 -18.94 22.73 -16.64
N GLY B 130 -19.46 23.26 -17.74
CA GLY B 130 -19.67 22.46 -18.93
C GLY B 130 -21.05 21.83 -19.01
N VAL B 131 -21.75 21.77 -17.87
CA VAL B 131 -23.08 21.16 -17.84
C VAL B 131 -24.27 22.12 -17.65
N ASN B 132 -24.23 22.93 -16.60
CA ASN B 132 -25.34 23.85 -16.34
C ASN B 132 -24.96 25.26 -15.89
N LEU B 133 -23.85 25.80 -16.41
CA LEU B 133 -23.44 27.14 -16.03
C LEU B 133 -24.36 28.21 -16.57
N GLU B 134 -25.08 27.91 -17.63
CA GLU B 134 -25.97 28.91 -18.20
C GLU B 134 -27.08 29.31 -17.23
N LYS B 135 -27.41 28.45 -16.26
CA LYS B 135 -28.45 28.74 -15.27
C LYS B 135 -28.06 29.73 -14.18
N TYR B 136 -26.82 30.16 -14.17
CA TYR B 136 -26.31 31.10 -13.18
C TYR B 136 -26.72 32.55 -13.49
N SER B 137 -26.98 33.33 -12.44
CA SER B 137 -27.34 34.74 -12.59
C SER B 137 -26.73 35.57 -11.46
N LYS B 138 -26.40 36.84 -11.72
CA LYS B 138 -25.78 37.71 -10.73
C LYS B 138 -26.45 37.70 -9.35
N ASP B 139 -27.77 37.62 -9.33
CA ASP B 139 -28.52 37.65 -8.08
C ASP B 139 -28.21 36.50 -7.11
N MET B 140 -27.52 35.47 -7.58
CA MET B 140 -27.19 34.35 -6.71
C MET B 140 -25.99 34.74 -5.88
N LYS B 141 -26.18 34.82 -4.57
CA LYS B 141 -25.12 35.23 -3.65
C LYS B 141 -24.30 34.07 -3.07
N VAL B 142 -24.89 32.88 -3.06
CA VAL B 142 -24.22 31.70 -2.55
C VAL B 142 -24.46 30.53 -3.49
N VAL B 143 -23.38 29.93 -4.00
CA VAL B 143 -23.50 28.80 -4.92
C VAL B 143 -22.64 27.62 -4.48
N SER B 144 -22.83 26.47 -5.11
CA SER B 144 -22.09 25.27 -4.79
C SER B 144 -21.51 24.68 -6.06
N ASN B 145 -20.30 24.14 -5.95
CA ASN B 145 -19.63 23.54 -7.09
C ASN B 145 -19.82 22.03 -7.04
N ALA B 146 -20.81 21.56 -6.29
CA ALA B 146 -21.07 20.11 -6.17
C ALA B 146 -19.84 19.40 -5.58
N SER B 147 -19.70 18.08 -5.81
CA SER B 147 -18.56 17.30 -5.29
C SER B 147 -17.65 16.83 -6.41
N CYS B 148 -16.44 16.43 -6.06
CA CYS B 148 -15.50 15.96 -7.08
C CYS B 148 -16.05 14.81 -7.96
N THR B 149 -16.89 13.94 -7.41
CA THR B 149 -17.44 12.83 -8.17
C THR B 149 -18.55 13.27 -9.10
N THR B 150 -19.41 14.18 -8.62
CA THR B 150 -20.51 14.69 -9.46
C THR B 150 -19.90 15.34 -10.72
N ASN B 151 -18.80 16.06 -10.50
CA ASN B 151 -18.12 16.71 -11.60
C ASN B 151 -17.58 15.71 -12.62
N CYS B 152 -17.38 14.47 -12.21
CA CYS B 152 -16.90 13.46 -13.14
C CYS B 152 -18.09 12.78 -13.82
N LEU B 153 -19.14 12.51 -13.04
CA LEU B 153 -20.32 11.83 -13.57
C LEU B 153 -21.17 12.68 -14.49
N ALA B 154 -21.51 13.89 -14.06
CA ALA B 154 -22.37 14.79 -14.83
C ALA B 154 -21.98 14.97 -16.30
N PRO B 155 -20.70 15.30 -16.58
CA PRO B 155 -20.28 15.47 -17.98
C PRO B 155 -20.62 14.24 -18.82
N VAL B 156 -20.22 13.08 -18.34
CA VAL B 156 -20.46 11.81 -19.03
C VAL B 156 -21.94 11.53 -19.20
N ALA B 157 -22.73 11.80 -18.14
CA ALA B 157 -24.18 11.58 -18.18
C ALA B 157 -24.83 12.48 -19.22
N LYS B 158 -24.43 13.75 -19.22
CA LYS B 158 -24.95 14.71 -20.19
C LYS B 158 -24.76 14.22 -21.64
N VAL B 159 -23.54 13.85 -22.00
CA VAL B 159 -23.28 13.37 -23.35
C VAL B 159 -24.13 12.16 -23.69
N LEU B 160 -24.15 11.17 -22.80
CA LEU B 160 -24.94 9.96 -23.01
C LEU B 160 -26.43 10.27 -23.17
N HIS B 161 -26.96 11.09 -22.26
CA HIS B 161 -28.38 11.44 -22.29
C HIS B 161 -28.81 12.21 -23.53
N GLU B 162 -28.06 13.24 -23.89
CA GLU B 162 -28.38 14.04 -25.05
C GLU B 162 -28.36 13.25 -26.34
N ASN B 163 -27.47 12.26 -26.41
CA ASN B 163 -27.34 11.45 -27.61
C ASN B 163 -28.21 10.22 -27.67
N PHE B 164 -28.34 9.51 -26.56
CA PHE B 164 -29.11 8.27 -26.58
C PHE B 164 -30.17 8.18 -25.53
N GLU B 165 -30.20 9.16 -24.64
CA GLU B 165 -31.22 9.19 -23.57
C GLU B 165 -31.02 8.13 -22.49
N ILE B 166 -30.73 8.54 -21.27
CA ILE B 166 -30.56 7.61 -20.18
C ILE B 166 -31.89 7.29 -19.54
N VAL B 167 -32.29 6.04 -19.64
CA VAL B 167 -33.54 5.56 -19.05
C VAL B 167 -33.35 5.38 -17.54
N GLU B 168 -32.29 4.66 -17.18
CA GLU B 168 -31.94 4.42 -15.78
C GLU B 168 -30.47 4.00 -15.70
N GLY B 169 -29.83 4.31 -14.58
CA GLY B 169 -28.43 3.96 -14.43
C GLY B 169 -28.00 3.82 -12.99
N LEU B 170 -27.08 2.89 -12.76
CA LEU B 170 -26.52 2.65 -11.44
C LEU B 170 -25.04 2.93 -11.56
N MET B 171 -24.50 3.70 -10.62
CA MET B 171 -23.09 4.07 -10.66
C MET B 171 -22.28 3.56 -9.51
N THR B 172 -21.06 3.13 -9.80
CA THR B 172 -20.17 2.67 -8.74
C THR B 172 -18.89 3.42 -8.95
N THR B 173 -18.35 3.95 -7.86
CA THR B 173 -17.11 4.68 -7.94
C THR B 173 -16.04 4.01 -7.08
N VAL B 174 -14.95 3.58 -7.72
CA VAL B 174 -13.84 2.98 -7.01
C VAL B 174 -12.99 4.22 -6.69
N HIS B 175 -13.10 4.65 -5.45
CA HIS B 175 -12.48 5.88 -4.97
C HIS B 175 -11.19 5.75 -4.17
N ALA B 176 -10.28 6.70 -4.34
CA ALA B 176 -9.02 6.69 -3.60
C ALA B 176 -9.34 7.00 -2.13
N VAL B 177 -8.39 6.77 -1.22
CA VAL B 177 -8.67 7.03 0.18
C VAL B 177 -8.92 8.51 0.41
N THR B 178 -9.69 8.80 1.46
CA THR B 178 -10.04 10.17 1.80
C THR B 178 -9.42 10.57 3.13
N ALA B 179 -9.41 11.86 3.41
CA ALA B 179 -8.84 12.36 4.65
C ALA B 179 -9.67 11.96 5.86
N THR B 180 -10.92 11.53 5.62
CA THR B 180 -11.81 11.13 6.71
C THR B 180 -11.69 9.65 7.09
N GLN B 181 -10.75 8.93 6.48
CA GLN B 181 -10.59 7.51 6.80
C GLN B 181 -9.50 7.32 7.85
N LYS B 182 -9.35 6.08 8.33
CA LYS B 182 -8.36 5.77 9.35
C LYS B 182 -7.23 4.89 8.86
N THR B 183 -6.02 5.16 9.34
CA THR B 183 -4.83 4.39 8.97
C THR B 183 -4.92 2.96 9.47
N VAL B 184 -5.59 2.78 10.60
CA VAL B 184 -5.81 1.46 11.19
C VAL B 184 -7.19 1.48 11.85
N ASP B 185 -7.78 0.29 12.04
CA ASP B 185 -9.10 0.17 12.66
C ASP B 185 -9.29 1.10 13.84
N GLY B 186 -10.21 2.05 13.67
CA GLY B 186 -10.48 3.04 14.71
C GLY B 186 -11.94 3.47 14.71
N PRO B 187 -12.34 4.33 15.63
CA PRO B 187 -13.70 4.85 15.81
C PRO B 187 -14.32 5.76 14.77
N SER B 188 -15.29 5.27 14.01
CA SER B 188 -16.03 6.13 13.06
C SER B 188 -17.53 5.86 13.25
N ALA B 189 -18.05 6.26 14.42
CA ALA B 189 -19.48 6.04 14.84
C ALA B 189 -20.54 6.38 13.78
N LYS B 190 -20.22 7.34 12.92
CA LYS B 190 -21.12 7.78 11.88
C LYS B 190 -21.08 6.80 10.72
N ASP B 191 -19.88 6.36 10.36
CA ASP B 191 -19.69 5.41 9.26
C ASP B 191 -18.77 4.29 9.77
N TRP B 192 -19.37 3.24 10.31
CA TRP B 192 -18.64 2.10 10.86
C TRP B 192 -17.58 1.48 9.95
N ARG B 193 -17.92 1.24 8.69
CA ARG B 193 -16.96 0.67 7.76
C ARG B 193 -15.82 1.65 7.48
N GLY B 194 -16.16 2.94 7.51
CA GLY B 194 -15.18 3.98 7.24
C GLY B 194 -14.07 4.10 8.25
N GLY B 195 -14.21 3.41 9.38
CA GLY B 195 -13.17 3.47 10.40
C GLY B 195 -12.18 2.32 10.32
N ARG B 196 -12.38 1.43 9.34
CA ARG B 196 -11.53 0.27 9.18
C ARG B 196 -10.24 0.62 8.43
N GLY B 197 -9.13 0.01 8.84
CA GLY B 197 -7.83 0.26 8.23
C GLY B 197 -7.93 0.49 6.73
N ALA B 198 -7.63 1.73 6.32
CA ALA B 198 -7.74 2.11 4.93
C ALA B 198 -6.68 1.53 4.01
N ALA B 199 -5.53 1.20 4.58
CA ALA B 199 -4.44 0.69 3.79
C ALA B 199 -4.50 -0.81 3.53
N GLN B 200 -5.45 -1.49 4.16
CA GLN B 200 -5.56 -2.93 3.99
C GLN B 200 -6.92 -3.39 3.52
N ASN B 201 -7.88 -2.48 3.40
CA ASN B 201 -9.24 -2.83 3.01
C ASN B 201 -9.83 -2.19 1.78
N ILE B 202 -10.85 -2.86 1.25
CA ILE B 202 -11.65 -2.35 0.14
C ILE B 202 -12.89 -2.00 0.98
N ILE B 203 -13.18 -0.70 1.12
CA ILE B 203 -14.30 -0.30 1.96
C ILE B 203 -15.51 0.21 1.23
N PRO B 204 -16.64 -0.49 1.34
CA PRO B 204 -17.85 -0.01 0.66
C PRO B 204 -18.36 1.25 1.35
N SER B 205 -18.58 2.30 0.56
CA SER B 205 -19.09 3.56 1.08
C SER B 205 -20.29 4.01 0.27
N SER B 206 -20.96 5.04 0.72
CA SER B 206 -22.12 5.54 0.02
C SER B 206 -21.71 6.83 -0.70
N THR B 207 -22.56 7.30 -1.62
CA THR B 207 -22.26 8.54 -2.32
C THR B 207 -23.52 9.22 -2.84
N GLY B 208 -23.53 10.55 -2.75
CA GLY B 208 -24.70 11.28 -3.23
C GLY B 208 -24.51 11.76 -4.66
N ALA B 209 -23.29 11.59 -5.16
CA ALA B 209 -22.94 11.99 -6.52
C ALA B 209 -24.06 11.79 -7.52
N ALA B 210 -24.50 10.55 -7.70
CA ALA B 210 -25.55 10.25 -8.66
C ALA B 210 -26.83 11.05 -8.41
N LYS B 211 -27.31 11.02 -7.19
CA LYS B 211 -28.52 11.75 -6.82
C LYS B 211 -28.34 13.22 -7.13
N ALA B 212 -27.13 13.73 -6.91
CA ALA B 212 -26.81 15.14 -7.17
C ALA B 212 -26.90 15.44 -8.67
N VAL B 213 -26.53 14.48 -9.50
CA VAL B 213 -26.60 14.70 -10.94
C VAL B 213 -28.05 14.98 -11.30
N GLY B 214 -28.97 14.57 -10.44
CA GLY B 214 -30.39 14.79 -10.69
C GLY B 214 -30.74 16.25 -10.51
N LYS B 215 -29.89 16.99 -9.79
CA LYS B 215 -30.11 18.41 -9.56
C LYS B 215 -29.49 19.26 -10.67
N VAL B 216 -28.31 18.88 -11.15
CA VAL B 216 -27.68 19.64 -12.22
C VAL B 216 -28.28 19.30 -13.59
N ILE B 217 -28.86 18.12 -13.72
CA ILE B 217 -29.47 17.71 -14.96
C ILE B 217 -30.84 17.17 -14.58
N PRO B 218 -31.82 18.08 -14.40
CA PRO B 218 -33.20 17.75 -14.04
C PRO B 218 -33.82 16.51 -14.70
N GLU B 219 -33.70 16.38 -16.02
CA GLU B 219 -34.32 15.25 -16.70
C GLU B 219 -33.92 13.89 -16.13
N LEU B 220 -32.72 13.82 -15.54
CA LEU B 220 -32.22 12.59 -14.98
C LEU B 220 -32.59 12.37 -13.53
N ASP B 221 -33.25 13.34 -12.92
CA ASP B 221 -33.62 13.23 -11.51
C ASP B 221 -34.39 11.96 -11.19
N GLY B 222 -33.82 11.16 -10.28
CA GLY B 222 -34.48 9.93 -9.92
C GLY B 222 -34.22 8.76 -10.84
N LYS B 223 -33.32 8.93 -11.80
CA LYS B 223 -33.01 7.86 -12.74
C LYS B 223 -31.61 7.28 -12.51
N LEU B 224 -30.85 7.90 -11.63
CA LEU B 224 -29.51 7.45 -11.31
C LEU B 224 -29.32 7.35 -9.80
N THR B 225 -28.41 6.47 -9.40
CA THR B 225 -28.07 6.28 -8.00
C THR B 225 -26.83 5.41 -8.01
N GLY B 226 -26.13 5.35 -6.89
CA GLY B 226 -24.95 4.53 -6.84
C GLY B 226 -24.26 4.49 -5.50
N MET B 227 -23.14 3.80 -5.45
CA MET B 227 -22.37 3.68 -4.23
C MET B 227 -20.91 3.73 -4.56
N ALA B 228 -20.08 3.63 -3.53
CA ALA B 228 -18.63 3.69 -3.73
C ALA B 228 -17.86 2.55 -3.09
N PHE B 229 -16.61 2.43 -3.47
CA PHE B 229 -15.68 1.44 -2.93
C PHE B 229 -14.42 2.23 -2.73
N ARG B 230 -13.94 2.25 -1.50
CA ARG B 230 -12.73 2.96 -1.15
C ARG B 230 -11.56 1.97 -1.25
N VAL B 231 -10.57 2.28 -2.07
CA VAL B 231 -9.44 1.38 -2.19
C VAL B 231 -8.15 2.08 -1.73
N PRO B 232 -7.13 1.32 -1.35
CA PRO B 232 -5.87 1.90 -0.90
C PRO B 232 -4.95 2.60 -1.90
N THR B 233 -5.46 3.62 -2.60
CA THR B 233 -4.62 4.40 -3.51
C THR B 233 -4.73 5.82 -2.96
N PRO B 234 -3.65 6.60 -2.98
CA PRO B 234 -3.62 7.96 -2.45
C PRO B 234 -4.44 9.02 -3.22
N ASN B 235 -4.59 8.85 -4.54
CA ASN B 235 -5.31 9.81 -5.34
C ASN B 235 -5.78 9.23 -6.67
N VAL B 236 -6.72 9.91 -7.29
CA VAL B 236 -7.31 9.51 -8.58
C VAL B 236 -8.32 8.41 -8.40
N SER B 237 -9.53 8.67 -8.90
CA SER B 237 -10.64 7.75 -8.81
C SER B 237 -11.22 7.45 -10.20
N VAL B 238 -12.03 6.41 -10.28
CA VAL B 238 -12.63 6.04 -11.55
C VAL B 238 -14.12 5.83 -11.30
N VAL B 239 -14.95 6.22 -12.27
CA VAL B 239 -16.40 6.04 -12.19
C VAL B 239 -16.85 4.93 -13.13
N ASP B 240 -17.59 3.97 -12.57
CA ASP B 240 -18.08 2.84 -13.32
C ASP B 240 -19.58 3.04 -13.45
N LEU B 241 -20.02 3.51 -14.63
CA LEU B 241 -21.43 3.77 -14.89
C LEU B 241 -22.08 2.75 -15.79
N THR B 242 -23.06 2.03 -15.23
CA THR B 242 -23.80 1.02 -15.98
C THR B 242 -25.12 1.69 -16.26
N VAL B 243 -25.49 1.79 -17.54
CA VAL B 243 -26.71 2.49 -17.89
C VAL B 243 -27.54 1.83 -19.00
N ARG B 244 -28.85 2.07 -18.96
CA ARG B 244 -29.78 1.54 -19.93
C ARG B 244 -30.23 2.72 -20.78
N LEU B 245 -29.89 2.71 -22.05
CA LEU B 245 -30.21 3.80 -22.97
C LEU B 245 -31.59 3.63 -23.62
N GLY B 246 -32.15 4.75 -24.05
CA GLY B 246 -33.45 4.74 -24.70
C GLY B 246 -33.35 4.42 -26.18
N LYS B 247 -32.27 4.86 -26.81
CA LYS B 247 -32.07 4.59 -28.24
C LYS B 247 -31.02 3.51 -28.41
N GLU B 248 -31.18 2.70 -29.45
CA GLU B 248 -30.22 1.65 -29.71
C GLU B 248 -29.00 2.28 -30.32
N CYS B 249 -27.83 1.74 -30.03
CA CYS B 249 -26.58 2.25 -30.56
C CYS B 249 -25.44 1.26 -30.36
N SER B 250 -24.35 1.48 -31.08
CA SER B 250 -23.17 0.65 -30.99
C SER B 250 -22.20 1.38 -30.10
N TYR B 251 -21.27 0.65 -29.51
CA TYR B 251 -20.28 1.26 -28.62
C TYR B 251 -19.49 2.34 -29.35
N ASP B 252 -19.32 2.20 -30.65
CA ASP B 252 -18.58 3.19 -31.41
C ASP B 252 -19.32 4.51 -31.39
N ASP B 253 -20.64 4.44 -31.51
CA ASP B 253 -21.45 5.65 -31.48
C ASP B 253 -21.19 6.41 -30.18
N ILE B 254 -20.97 5.66 -29.10
CA ILE B 254 -20.72 6.25 -27.81
C ILE B 254 -19.33 6.87 -27.82
N LYS B 255 -18.34 6.11 -28.28
CA LYS B 255 -16.98 6.63 -28.35
C LYS B 255 -16.97 7.91 -29.16
N ALA B 256 -17.64 7.88 -30.32
CA ALA B 256 -17.70 9.05 -31.18
C ALA B 256 -18.30 10.25 -30.44
N ALA B 257 -19.48 10.06 -29.85
CA ALA B 257 -20.13 11.11 -29.12
C ALA B 257 -19.18 11.72 -28.09
N MET B 258 -18.49 10.85 -27.36
CA MET B 258 -17.56 11.32 -26.34
C MET B 258 -16.41 12.11 -26.93
N LYS B 259 -15.79 11.58 -27.97
CA LYS B 259 -14.65 12.22 -28.60
C LYS B 259 -15.04 13.58 -29.13
N THR B 260 -16.20 13.64 -29.76
CA THR B 260 -16.73 14.89 -30.31
C THR B 260 -16.92 15.90 -29.21
N ALA B 261 -17.60 15.50 -28.14
CA ALA B 261 -17.82 16.39 -27.02
C ALA B 261 -16.51 16.88 -26.46
N SER B 262 -15.54 15.98 -26.34
CA SER B 262 -14.24 16.30 -25.75
C SER B 262 -13.42 17.33 -26.51
N GLU B 263 -13.67 17.46 -27.81
CA GLU B 263 -12.92 18.44 -28.55
C GLU B 263 -13.74 19.67 -28.91
N GLY B 264 -15.00 19.65 -28.47
CA GLY B 264 -15.90 20.76 -28.73
C GLY B 264 -16.41 21.45 -27.47
N PRO B 265 -17.71 21.38 -27.23
CA PRO B 265 -18.39 21.97 -26.08
C PRO B 265 -17.76 21.68 -24.74
N LEU B 266 -17.45 20.41 -24.47
CA LEU B 266 -16.87 20.04 -23.19
C LEU B 266 -15.35 20.02 -23.15
N GLN B 267 -14.71 20.56 -24.18
CA GLN B 267 -13.26 20.58 -24.20
C GLN B 267 -12.70 21.23 -22.94
N GLY B 268 -11.74 20.57 -22.32
CA GLY B 268 -11.13 21.11 -21.11
C GLY B 268 -11.83 20.58 -19.88
N VAL B 269 -13.06 20.10 -20.07
CA VAL B 269 -13.85 19.57 -18.99
C VAL B 269 -13.89 18.04 -19.10
N LEU B 270 -14.35 17.52 -20.24
CA LEU B 270 -14.41 16.08 -20.50
C LEU B 270 -13.27 15.69 -21.41
N GLY B 271 -12.45 14.73 -20.98
CA GLY B 271 -11.33 14.26 -21.77
C GLY B 271 -11.67 12.94 -22.43
N TYR B 272 -10.87 12.53 -23.41
CA TYR B 272 -11.09 11.27 -24.12
C TYR B 272 -9.77 10.55 -24.37
N THR B 273 -9.74 9.24 -24.16
CA THR B 273 -8.51 8.50 -24.38
C THR B 273 -8.79 7.09 -24.85
N GLU B 274 -7.85 6.54 -25.64
CA GLU B 274 -7.97 5.19 -26.16
C GLU B 274 -6.68 4.45 -25.83
N ASP B 275 -5.93 5.01 -24.89
CA ASP B 275 -4.67 4.40 -24.46
C ASP B 275 -4.94 3.45 -23.30
N ASP B 276 -3.98 2.58 -23.02
CA ASP B 276 -4.13 1.63 -21.94
C ASP B 276 -3.68 2.33 -20.66
N VAL B 277 -4.48 3.29 -20.24
CA VAL B 277 -4.18 4.08 -19.05
C VAL B 277 -4.50 3.41 -17.72
N VAL B 278 -3.86 3.90 -16.66
CA VAL B 278 -4.09 3.40 -15.32
C VAL B 278 -4.23 4.57 -14.35
N SER B 279 -4.68 4.25 -13.15
CA SER B 279 -4.87 5.24 -12.09
C SER B 279 -3.89 6.45 -12.10
N CYS B 280 -2.59 6.17 -12.05
CA CYS B 280 -1.54 7.20 -12.02
C CYS B 280 -1.39 8.11 -13.21
N ASP B 281 -1.77 7.64 -14.39
CA ASP B 281 -1.64 8.49 -15.57
C ASP B 281 -2.51 9.73 -15.50
N PHE B 282 -3.22 9.91 -14.40
CA PHE B 282 -4.11 11.05 -14.27
C PHE B 282 -3.83 11.96 -13.10
N THR B 283 -2.72 11.73 -12.40
CA THR B 283 -2.39 12.61 -11.29
C THR B 283 -1.99 13.95 -11.86
N GLY B 284 -2.67 15.01 -11.41
CA GLY B 284 -2.33 16.32 -11.92
C GLY B 284 -3.16 16.63 -13.15
N ASP B 285 -3.95 15.68 -13.62
CA ASP B 285 -4.80 15.95 -14.77
C ASP B 285 -5.87 16.93 -14.33
N ASN B 286 -6.06 18.01 -15.09
CA ASN B 286 -7.05 19.01 -14.69
C ASN B 286 -8.42 19.01 -15.36
N ARG B 287 -8.79 17.87 -15.94
CA ARG B 287 -10.11 17.78 -16.54
C ARG B 287 -11.04 17.17 -15.47
N SER B 288 -12.34 17.44 -15.59
CA SER B 288 -13.30 16.91 -14.64
C SER B 288 -13.45 15.42 -14.78
N SER B 289 -13.44 14.92 -16.00
CA SER B 289 -13.55 13.47 -16.19
C SER B 289 -13.02 13.04 -17.54
N ILE B 290 -12.26 11.95 -17.55
CA ILE B 290 -11.66 11.43 -18.77
C ILE B 290 -12.27 10.09 -19.14
N PHE B 291 -12.92 10.03 -20.30
CA PHE B 291 -13.57 8.82 -20.79
C PHE B 291 -12.51 7.82 -21.25
N ASP B 292 -12.54 6.63 -20.66
CA ASP B 292 -11.60 5.55 -20.99
C ASP B 292 -12.31 4.66 -22.02
N ALA B 293 -12.03 4.90 -23.28
CA ALA B 293 -12.67 4.16 -24.36
C ALA B 293 -12.57 2.66 -24.27
N LYS B 294 -11.35 2.14 -24.17
CA LYS B 294 -11.13 0.70 -24.13
C LYS B 294 -11.68 -0.02 -22.88
N ALA B 295 -11.85 0.68 -21.76
CA ALA B 295 -12.31 0.06 -20.53
C ALA B 295 -13.75 -0.36 -20.51
N GLY B 296 -14.62 0.45 -21.12
CA GLY B 296 -16.04 0.17 -21.13
C GLY B 296 -16.41 -1.02 -21.98
N ILE B 297 -17.57 -1.61 -21.73
CA ILE B 297 -18.05 -2.75 -22.49
C ILE B 297 -19.57 -2.65 -22.69
N GLN B 298 -20.04 -3.22 -23.79
CA GLN B 298 -21.45 -3.18 -24.11
C GLN B 298 -22.06 -4.57 -24.19
N LEU B 299 -23.18 -4.78 -23.50
CA LEU B 299 -23.84 -6.07 -23.53
C LEU B 299 -24.83 -6.10 -24.68
N SER B 300 -25.68 -5.08 -24.77
CA SER B 300 -26.67 -5.00 -25.83
C SER B 300 -26.75 -3.61 -26.42
N LYS B 301 -27.56 -3.46 -27.47
CA LYS B 301 -27.72 -2.19 -28.14
C LYS B 301 -28.18 -1.09 -27.19
N THR B 302 -28.69 -1.48 -26.01
CA THR B 302 -29.17 -0.49 -25.05
C THR B 302 -28.66 -0.64 -23.62
N PHE B 303 -27.79 -1.61 -23.41
CA PHE B 303 -27.24 -1.83 -22.08
C PHE B 303 -25.71 -1.77 -22.18
N VAL B 304 -25.14 -0.70 -21.64
CA VAL B 304 -23.70 -0.50 -21.73
C VAL B 304 -23.09 -0.02 -20.42
N LYS B 305 -21.78 -0.22 -20.27
CA LYS B 305 -21.06 0.20 -19.08
C LYS B 305 -19.88 1.08 -19.51
N VAL B 306 -19.85 2.33 -19.05
CA VAL B 306 -18.77 3.23 -19.42
C VAL B 306 -17.88 3.54 -18.22
N VAL B 307 -16.61 3.83 -18.50
CA VAL B 307 -15.63 4.10 -17.48
C VAL B 307 -14.97 5.48 -17.64
N SER B 308 -15.02 6.31 -16.61
CA SER B 308 -14.40 7.62 -16.67
C SER B 308 -13.50 7.93 -15.46
N TRP B 309 -12.29 8.40 -15.73
CA TRP B 309 -11.32 8.72 -14.66
C TRP B 309 -11.41 10.17 -14.23
N TYR B 310 -10.79 10.46 -13.08
CA TYR B 310 -10.76 11.81 -12.55
C TYR B 310 -9.86 11.93 -11.34
N ASP B 311 -9.05 12.98 -11.30
CA ASP B 311 -8.15 13.22 -10.17
C ASP B 311 -9.02 13.97 -9.16
N ASN B 312 -9.64 13.22 -8.26
CA ASN B 312 -10.55 13.82 -7.29
C ASN B 312 -10.10 15.08 -6.60
N GLU B 313 -8.81 15.25 -6.40
CA GLU B 313 -8.40 16.46 -5.72
C GLU B 313 -8.14 17.64 -6.70
N PHE B 314 -7.30 17.38 -7.69
CA PHE B 314 -6.85 18.35 -8.68
C PHE B 314 -7.87 18.86 -9.68
N GLY B 315 -8.61 17.96 -10.30
CA GLY B 315 -9.60 18.39 -11.28
C GLY B 315 -10.68 19.27 -10.63
N TYR B 316 -11.12 18.89 -9.44
CA TYR B 316 -12.15 19.65 -8.77
C TYR B 316 -11.70 21.05 -8.43
N SER B 317 -10.50 21.19 -7.91
CA SER B 317 -10.01 22.49 -7.53
C SER B 317 -9.86 23.39 -8.75
N GLN B 318 -9.59 22.79 -9.91
CA GLN B 318 -9.44 23.58 -11.11
C GLN B 318 -10.81 24.11 -11.52
N ARG B 319 -11.85 23.29 -11.36
CA ARG B 319 -13.20 23.74 -11.71
C ARG B 319 -13.67 24.85 -10.74
N VAL B 320 -13.18 24.84 -9.51
CA VAL B 320 -13.58 25.87 -8.57
C VAL B 320 -13.16 27.22 -9.10
N ILE B 321 -11.96 27.31 -9.66
CA ILE B 321 -11.51 28.59 -10.20
C ILE B 321 -12.35 28.93 -11.42
N ASP B 322 -12.53 27.97 -12.31
CA ASP B 322 -13.32 28.13 -13.51
C ASP B 322 -14.70 28.68 -13.18
N LEU B 323 -15.33 28.15 -12.14
CA LEU B 323 -16.66 28.63 -11.76
C LEU B 323 -16.57 30.10 -11.37
N ILE B 324 -15.60 30.46 -10.55
CA ILE B 324 -15.42 31.84 -10.14
C ILE B 324 -15.16 32.75 -11.34
N LYS B 325 -14.37 32.28 -12.30
CA LYS B 325 -14.09 33.10 -13.47
C LYS B 325 -15.38 33.39 -14.21
N HIS B 326 -16.19 32.36 -14.42
CA HIS B 326 -17.46 32.50 -15.11
C HIS B 326 -18.40 33.44 -14.35
N MET B 327 -18.46 33.26 -13.03
CA MET B 327 -19.29 34.10 -12.19
C MET B 327 -18.93 35.58 -12.32
N GLN B 328 -17.65 35.88 -12.25
CA GLN B 328 -17.20 37.26 -12.34
C GLN B 328 -17.43 37.81 -13.73
N LYS B 329 -17.33 36.97 -14.75
CA LYS B 329 -17.57 37.43 -16.10
C LYS B 329 -19.02 37.86 -16.24
N VAL B 330 -19.91 37.20 -15.51
CA VAL B 330 -21.34 37.51 -15.57
C VAL B 330 -21.71 38.60 -14.59
N ASP B 331 -20.99 38.65 -13.47
CA ASP B 331 -21.24 39.65 -12.44
C ASP B 331 -20.69 41.00 -12.86
N SER B 332 -19.37 41.10 -12.96
CA SER B 332 -18.71 42.35 -13.31
C SER B 332 -19.18 42.77 -14.72
N ALA B 333 -20.20 42.07 -15.23
CA ALA B 333 -20.76 42.35 -16.57
C ALA B 333 -21.93 43.35 -16.53
N SER C 1 -9.07 -40.67 -0.83
CA SER C 1 -8.93 -39.47 -1.73
C SER C 1 -7.81 -39.63 -2.76
N LYS C 2 -6.63 -40.06 -2.31
CA LYS C 2 -5.48 -40.26 -3.21
C LYS C 2 -5.34 -39.13 -4.23
N ILE C 3 -5.11 -37.93 -3.71
CA ILE C 3 -4.97 -36.75 -4.54
C ILE C 3 -3.53 -36.40 -4.92
N GLY C 4 -3.35 -35.93 -6.16
CA GLY C 4 -2.04 -35.53 -6.62
C GLY C 4 -2.13 -34.09 -7.11
N ILE C 5 -1.11 -33.28 -6.83
CA ILE C 5 -1.10 -31.88 -7.26
C ILE C 5 0.06 -31.57 -8.18
N ASN C 6 -0.24 -30.99 -9.33
CA ASN C 6 0.79 -30.61 -10.29
C ASN C 6 0.92 -29.08 -10.27
N GLY C 7 2.06 -28.59 -9.81
CA GLY C 7 2.28 -27.15 -9.75
C GLY C 7 2.20 -26.70 -8.30
N PHE C 8 3.21 -25.96 -7.82
CA PHE C 8 3.19 -25.52 -6.44
C PHE C 8 3.08 -24.01 -6.30
N GLY C 9 2.16 -23.40 -7.07
CA GLY C 9 1.96 -21.96 -6.98
C GLY C 9 0.94 -21.61 -5.89
N ARG C 10 0.39 -20.41 -5.94
CA ARG C 10 -0.59 -19.99 -4.93
C ARG C 10 -1.70 -21.05 -4.79
N ILE C 11 -2.27 -21.49 -5.92
CA ILE C 11 -3.35 -22.47 -5.90
C ILE C 11 -2.83 -23.82 -5.45
N GLY C 12 -1.79 -24.32 -6.10
CA GLY C 12 -1.25 -25.63 -5.72
C GLY C 12 -0.97 -25.74 -4.23
N ARG C 13 -0.22 -24.75 -3.73
CA ARG C 13 0.14 -24.70 -2.32
C ARG C 13 -1.08 -24.63 -1.39
N LEU C 14 -1.96 -23.65 -1.63
CA LEU C 14 -3.15 -23.49 -0.81
C LEU C 14 -4.10 -24.68 -0.85
N VAL C 15 -4.15 -25.39 -1.98
CA VAL C 15 -5.01 -26.55 -2.09
C VAL C 15 -4.47 -27.65 -1.15
N LEU C 16 -3.15 -27.84 -1.16
CA LEU C 16 -2.54 -28.84 -0.30
C LEU C 16 -2.83 -28.44 1.14
N ARG C 17 -2.69 -27.16 1.42
CA ARG C 17 -2.94 -26.67 2.77
C ARG C 17 -4.39 -26.94 3.14
N THR C 18 -5.30 -26.61 2.22
CA THR C 18 -6.72 -26.84 2.47
C THR C 18 -6.99 -28.32 2.69
N ALA C 19 -6.40 -29.15 1.83
CA ALA C 19 -6.57 -30.60 1.93
C ALA C 19 -6.32 -31.06 3.36
N LEU C 20 -5.13 -30.77 3.87
CA LEU C 20 -4.76 -31.15 5.23
C LEU C 20 -5.79 -30.70 6.24
N GLU C 21 -6.20 -29.44 6.17
CA GLU C 21 -7.20 -28.93 7.09
C GLU C 21 -8.48 -29.76 6.98
N MET C 22 -9.04 -29.82 5.78
CA MET C 22 -10.27 -30.56 5.53
C MET C 22 -10.18 -32.10 5.62
N GLY C 23 -8.99 -32.63 5.87
CA GLY C 23 -8.86 -34.07 5.99
C GLY C 23 -8.60 -34.88 4.73
N ALA C 24 -8.73 -34.27 3.55
CA ALA C 24 -8.47 -34.98 2.31
C ALA C 24 -7.04 -35.46 2.32
N GLN C 25 -6.73 -36.43 1.45
CA GLN C 25 -5.39 -36.99 1.39
C GLN C 25 -4.61 -36.68 0.10
N VAL C 26 -3.46 -36.02 0.24
CA VAL C 26 -2.61 -35.72 -0.91
C VAL C 26 -1.39 -36.63 -0.76
N VAL C 27 -1.09 -37.38 -1.80
CA VAL C 27 0.03 -38.31 -1.73
C VAL C 27 1.25 -37.92 -2.55
N ALA C 28 1.06 -37.04 -3.54
CA ALA C 28 2.18 -36.62 -4.37
C ALA C 28 2.06 -35.19 -4.93
N VAL C 29 3.20 -34.58 -5.17
CA VAL C 29 3.25 -33.22 -5.70
C VAL C 29 4.36 -33.15 -6.74
N ASN C 30 4.10 -32.43 -7.83
CA ASN C 30 5.09 -32.30 -8.87
C ASN C 30 5.31 -30.84 -9.22
N ASP C 31 6.58 -30.47 -9.36
CA ASP C 31 6.97 -29.13 -9.73
C ASP C 31 8.48 -29.16 -10.01
N PRO C 32 8.86 -28.90 -11.28
CA PRO C 32 10.24 -28.90 -11.75
C PRO C 32 11.07 -27.67 -11.39
N PHE C 33 10.41 -26.60 -10.96
CA PHE C 33 11.16 -25.39 -10.64
C PHE C 33 11.33 -25.07 -9.17
N ILE C 34 10.84 -25.92 -8.29
CA ILE C 34 10.99 -25.62 -6.87
C ILE C 34 11.60 -26.74 -6.07
N ALA C 35 12.82 -26.51 -5.62
CA ALA C 35 13.57 -27.48 -4.84
C ALA C 35 12.77 -27.94 -3.62
N LEU C 36 13.01 -29.18 -3.21
CA LEU C 36 12.32 -29.74 -2.07
C LEU C 36 12.47 -28.92 -0.79
N GLU C 37 13.63 -28.30 -0.58
CA GLU C 37 13.82 -27.53 0.64
C GLU C 37 13.08 -26.20 0.59
N TYR C 38 12.94 -25.65 -0.61
CA TYR C 38 12.25 -24.39 -0.85
C TYR C 38 10.75 -24.62 -0.68
N MET C 39 10.31 -25.86 -0.93
CA MET C 39 8.91 -26.21 -0.81
C MET C 39 8.44 -26.14 0.64
N VAL C 40 9.23 -26.67 1.57
CA VAL C 40 8.82 -26.62 2.97
C VAL C 40 8.68 -25.16 3.39
N TYR C 41 9.53 -24.31 2.83
CA TYR C 41 9.52 -22.89 3.15
C TYR C 41 8.31 -22.18 2.59
N MET C 42 8.06 -22.34 1.31
CA MET C 42 6.92 -21.69 0.69
C MET C 42 5.59 -22.21 1.23
N PHE C 43 5.61 -23.40 1.80
CA PHE C 43 4.39 -23.97 2.33
C PHE C 43 4.17 -23.52 3.76
N LYS C 44 5.24 -23.54 4.55
CA LYS C 44 5.16 -23.15 5.94
C LYS C 44 4.76 -21.69 6.14
N TYR C 45 5.42 -20.79 5.40
CA TYR C 45 5.12 -19.37 5.51
C TYR C 45 4.25 -18.81 4.39
N ASP C 46 3.22 -18.07 4.76
CA ASP C 46 2.32 -17.46 3.79
C ASP C 46 1.94 -16.08 4.33
N SER C 47 2.37 -15.02 3.65
CA SER C 47 2.09 -13.64 4.06
C SER C 47 0.61 -13.40 4.36
N THR C 48 -0.25 -13.84 3.44
CA THR C 48 -1.70 -13.66 3.58
C THR C 48 -2.45 -14.60 4.54
N HIS C 49 -2.08 -15.88 4.54
CA HIS C 49 -2.80 -16.82 5.37
C HIS C 49 -2.09 -17.38 6.62
N GLY C 50 -0.98 -16.77 6.99
CA GLY C 50 -0.27 -17.20 8.18
C GLY C 50 0.63 -18.41 8.08
N MET C 51 1.36 -18.68 9.15
CA MET C 51 2.26 -19.82 9.21
C MET C 51 1.49 -21.10 9.43
N PHE C 52 1.89 -22.16 8.72
CA PHE C 52 1.24 -23.44 8.88
C PHE C 52 1.55 -23.90 10.28
N LYS C 53 0.53 -24.36 10.99
CA LYS C 53 0.65 -24.82 12.37
C LYS C 53 1.47 -26.11 12.54
N GLY C 54 1.05 -27.17 11.86
CA GLY C 54 1.74 -28.44 11.96
C GLY C 54 3.25 -28.43 11.72
N GLU C 55 3.83 -29.61 11.57
CA GLU C 55 5.27 -29.70 11.30
C GLU C 55 5.51 -30.00 9.83
N VAL C 56 6.38 -29.23 9.21
CA VAL C 56 6.68 -29.43 7.80
C VAL C 56 8.18 -29.70 7.72
N LYS C 57 8.58 -30.70 6.94
CA LYS C 57 10.00 -31.01 6.83
C LYS C 57 10.30 -31.98 5.71
N VAL C 58 11.53 -31.93 5.23
CA VAL C 58 11.99 -32.82 4.17
C VAL C 58 12.38 -34.14 4.85
N GLU C 59 12.00 -35.25 4.25
CA GLU C 59 12.26 -36.58 4.81
C GLU C 59 12.60 -37.61 3.74
N ASP C 60 13.86 -37.63 3.32
CA ASP C 60 14.31 -38.58 2.31
C ASP C 60 13.60 -38.30 0.99
N GLY C 61 13.93 -37.16 0.37
CA GLY C 61 13.34 -36.80 -0.91
C GLY C 61 11.83 -36.73 -0.90
N ALA C 62 11.25 -36.66 0.30
CA ALA C 62 9.81 -36.58 0.43
C ALA C 62 9.47 -35.38 1.30
N LEU C 63 8.24 -34.90 1.17
CA LEU C 63 7.81 -33.78 1.96
C LEU C 63 6.92 -34.38 3.04
N VAL C 64 7.20 -34.05 4.30
CA VAL C 64 6.43 -34.58 5.42
C VAL C 64 5.67 -33.46 6.14
N VAL C 65 4.35 -33.59 6.19
CA VAL C 65 3.52 -32.60 6.84
C VAL C 65 2.63 -33.27 7.88
N ASP C 66 2.91 -33.02 9.16
CA ASP C 66 2.12 -33.60 10.24
C ASP C 66 2.09 -35.12 10.13
N GLY C 67 3.23 -35.71 9.84
CA GLY C 67 3.28 -37.15 9.70
C GLY C 67 3.05 -37.62 8.28
N LYS C 68 2.11 -37.00 7.57
CA LYS C 68 1.83 -37.38 6.19
C LYS C 68 3.06 -37.26 5.27
N LYS C 69 3.32 -38.32 4.52
CA LYS C 69 4.44 -38.36 3.59
C LYS C 69 3.95 -38.10 2.17
N ILE C 70 4.41 -37.00 1.59
CA ILE C 70 4.04 -36.65 0.24
C ILE C 70 5.26 -36.78 -0.63
N THR C 71 5.25 -37.72 -1.57
CA THR C 71 6.43 -37.88 -2.43
C THR C 71 6.44 -36.73 -3.44
N VAL C 72 7.63 -36.21 -3.71
CA VAL C 72 7.78 -35.09 -4.63
C VAL C 72 8.46 -35.45 -5.95
N PHE C 73 7.89 -34.99 -7.07
CA PHE C 73 8.47 -35.25 -8.39
C PHE C 73 8.90 -33.93 -8.97
N ASN C 74 9.84 -33.97 -9.92
CA ASN C 74 10.33 -32.75 -10.54
C ASN C 74 10.23 -32.79 -12.06
N GLU C 75 9.19 -33.44 -12.57
CA GLU C 75 9.03 -33.56 -14.02
C GLU C 75 8.55 -32.29 -14.71
N MET C 76 9.15 -32.01 -15.86
CA MET C 76 8.86 -30.83 -16.67
C MET C 76 7.65 -31.05 -17.58
N LYS C 77 7.46 -32.29 -18.06
CA LYS C 77 6.34 -32.63 -18.94
C LYS C 77 5.35 -33.52 -18.21
N PRO C 78 4.08 -33.10 -18.14
CA PRO C 78 3.04 -33.86 -17.46
C PRO C 78 2.97 -35.36 -17.75
N GLU C 79 3.33 -35.75 -18.98
CA GLU C 79 3.27 -37.16 -19.35
C GLU C 79 4.51 -37.94 -18.93
N ASN C 80 5.17 -37.50 -17.87
CA ASN C 80 6.38 -38.18 -17.37
C ASN C 80 6.27 -38.38 -15.88
N ILE C 81 5.26 -37.73 -15.31
CA ILE C 81 5.02 -37.82 -13.88
C ILE C 81 4.50 -39.23 -13.58
N PRO C 82 5.26 -39.99 -12.78
CA PRO C 82 4.86 -41.35 -12.42
C PRO C 82 3.80 -41.36 -11.31
N TRP C 83 2.68 -40.71 -11.57
CA TRP C 83 1.59 -40.62 -10.59
C TRP C 83 1.29 -41.97 -9.96
N SER C 84 1.03 -42.96 -10.81
CA SER C 84 0.72 -44.32 -10.34
C SER C 84 1.69 -44.83 -9.25
N LYS C 85 2.96 -44.50 -9.38
CA LYS C 85 3.99 -44.92 -8.43
C LYS C 85 3.72 -44.39 -7.03
N ALA C 86 3.33 -43.12 -6.96
CA ALA C 86 3.02 -42.51 -5.66
C ALA C 86 1.62 -42.92 -5.26
N GLY C 87 0.90 -43.52 -6.21
CA GLY C 87 -0.47 -43.96 -5.94
C GLY C 87 -1.48 -42.84 -6.07
N ALA C 88 -1.16 -41.83 -6.88
CA ALA C 88 -2.02 -40.68 -7.05
C ALA C 88 -2.99 -40.92 -8.19
N GLU C 89 -4.29 -40.91 -7.87
CA GLU C 89 -5.31 -41.14 -8.87
C GLU C 89 -6.04 -39.91 -9.37
N TYR C 90 -6.31 -38.95 -8.48
CA TYR C 90 -7.01 -37.71 -8.87
C TYR C 90 -6.01 -36.54 -8.88
N ILE C 91 -5.68 -36.08 -10.07
CA ILE C 91 -4.71 -35.00 -10.21
C ILE C 91 -5.31 -33.61 -10.34
N VAL C 92 -4.81 -32.70 -9.51
CA VAL C 92 -5.25 -31.31 -9.52
C VAL C 92 -4.27 -30.55 -10.40
N GLU C 93 -4.68 -30.23 -11.63
CA GLU C 93 -3.83 -29.51 -12.57
C GLU C 93 -3.87 -28.03 -12.27
N SER C 94 -2.85 -27.52 -11.61
CA SER C 94 -2.83 -26.11 -11.26
C SER C 94 -1.64 -25.34 -11.82
N THR C 95 -1.06 -25.83 -12.90
CA THR C 95 0.10 -25.16 -13.49
C THR C 95 -0.36 -23.94 -14.29
N GLY C 96 -1.53 -24.04 -14.89
CA GLY C 96 -2.04 -22.93 -15.67
C GLY C 96 -1.67 -23.08 -17.13
N VAL C 97 -0.89 -24.09 -17.45
CA VAL C 97 -0.49 -24.29 -18.86
C VAL C 97 -1.16 -25.49 -19.55
N PHE C 98 -1.58 -26.49 -18.78
CA PHE C 98 -2.24 -27.65 -19.37
C PHE C 98 -3.73 -27.59 -19.01
N THR C 99 -4.41 -26.57 -19.54
CA THR C 99 -5.81 -26.34 -19.26
C THR C 99 -6.83 -26.97 -20.22
N THR C 100 -6.38 -27.55 -21.31
CA THR C 100 -7.32 -28.15 -22.27
C THR C 100 -7.31 -29.68 -22.16
N ILE C 101 -8.45 -30.29 -22.44
CA ILE C 101 -8.58 -31.75 -22.39
C ILE C 101 -7.39 -32.40 -23.07
N GLU C 102 -7.08 -31.88 -24.26
CA GLU C 102 -5.96 -32.38 -25.05
C GLU C 102 -4.69 -32.55 -24.22
N LYS C 103 -4.09 -31.44 -23.82
CA LYS C 103 -2.86 -31.50 -23.06
C LYS C 103 -2.98 -31.93 -21.60
N ALA C 104 -4.15 -31.76 -21.01
CA ALA C 104 -4.34 -32.16 -19.61
C ALA C 104 -4.29 -33.69 -19.50
N SER C 105 -4.61 -34.36 -20.62
CA SER C 105 -4.61 -35.83 -20.67
C SER C 105 -3.25 -36.46 -20.45
N ALA C 106 -2.19 -35.69 -20.67
CA ALA C 106 -0.83 -36.21 -20.49
C ALA C 106 -0.74 -37.01 -19.19
N HIS C 107 -1.38 -36.49 -18.14
CA HIS C 107 -1.37 -37.11 -16.82
C HIS C 107 -1.85 -38.55 -16.81
N PHE C 108 -2.66 -38.93 -17.79
CA PHE C 108 -3.18 -40.30 -17.84
C PHE C 108 -2.09 -41.33 -18.16
N LYS C 109 -1.15 -40.94 -19.01
CA LYS C 109 -0.08 -41.85 -19.39
C LYS C 109 0.86 -42.08 -18.23
N GLY C 110 0.67 -41.31 -17.16
CA GLY C 110 1.49 -41.48 -15.98
C GLY C 110 0.78 -42.35 -14.96
N GLY C 111 -0.46 -42.74 -15.26
CA GLY C 111 -1.22 -43.58 -14.35
C GLY C 111 -2.35 -42.86 -13.62
N ALA C 112 -2.59 -41.60 -14.00
CA ALA C 112 -3.65 -40.82 -13.37
C ALA C 112 -5.03 -41.32 -13.78
N LYS C 113 -5.98 -41.23 -12.86
CA LYS C 113 -7.35 -41.67 -13.10
C LYS C 113 -8.20 -40.52 -13.69
N LYS C 114 -8.28 -39.42 -12.94
CA LYS C 114 -9.05 -38.25 -13.36
C LYS C 114 -8.18 -36.99 -13.24
N VAL C 115 -8.58 -35.93 -13.93
CA VAL C 115 -7.83 -34.67 -13.87
C VAL C 115 -8.76 -33.50 -13.61
N ILE C 116 -8.43 -32.68 -12.61
CA ILE C 116 -9.22 -31.49 -12.29
C ILE C 116 -8.38 -30.25 -12.59
N ILE C 117 -8.78 -29.44 -13.58
CA ILE C 117 -8.05 -28.23 -13.94
C ILE C 117 -8.54 -27.11 -13.05
N SER C 118 -7.66 -26.58 -12.20
CA SER C 118 -8.05 -25.52 -11.28
C SER C 118 -7.96 -24.17 -11.96
N ALA C 119 -8.65 -24.07 -13.09
CA ALA C 119 -8.68 -22.84 -13.88
C ALA C 119 -9.65 -23.04 -15.03
N PRO C 120 -10.09 -21.94 -15.66
CA PRO C 120 -11.02 -22.10 -16.78
C PRO C 120 -10.37 -22.94 -17.88
N SER C 121 -11.21 -23.65 -18.64
CA SER C 121 -10.74 -24.49 -19.73
C SER C 121 -11.55 -24.17 -20.97
N ALA C 122 -10.92 -24.29 -22.14
CA ALA C 122 -11.62 -23.97 -23.38
C ALA C 122 -12.55 -25.10 -23.81
N ASP C 123 -12.25 -26.33 -23.38
CA ASP C 123 -13.08 -27.45 -23.78
C ASP C 123 -13.46 -28.45 -22.69
N ALA C 124 -12.85 -28.36 -21.50
CA ALA C 124 -13.18 -29.30 -20.44
C ALA C 124 -14.44 -28.82 -19.71
N PRO C 125 -15.29 -29.75 -19.28
CA PRO C 125 -16.53 -29.39 -18.57
C PRO C 125 -16.22 -28.55 -17.33
N MET C 126 -16.89 -27.42 -17.20
CA MET C 126 -16.68 -26.54 -16.05
C MET C 126 -17.76 -26.71 -14.99
N PHE C 127 -17.33 -26.80 -13.73
CA PHE C 127 -18.29 -26.95 -12.65
C PHE C 127 -18.12 -25.91 -11.56
N VAL C 128 -19.21 -25.68 -10.83
CA VAL C 128 -19.24 -24.76 -9.71
C VAL C 128 -20.07 -25.43 -8.63
N CYS C 129 -19.43 -25.90 -7.57
CA CYS C 129 -20.15 -26.56 -6.50
C CYS C 129 -21.36 -25.73 -6.09
N GLY C 130 -22.50 -26.40 -5.96
CA GLY C 130 -23.72 -25.73 -5.58
C GLY C 130 -24.55 -25.25 -6.75
N VAL C 131 -23.95 -25.17 -7.92
CA VAL C 131 -24.66 -24.69 -9.10
C VAL C 131 -24.98 -25.73 -10.16
N ASN C 132 -23.98 -26.48 -10.61
CA ASN C 132 -24.23 -27.47 -11.65
C ASN C 132 -23.52 -28.80 -11.49
N LEU C 133 -23.34 -29.27 -10.25
CA LEU C 133 -22.65 -30.54 -10.01
C LEU C 133 -23.42 -31.76 -10.48
N GLU C 134 -24.73 -31.65 -10.64
CA GLU C 134 -25.51 -32.81 -11.07
C GLU C 134 -25.25 -33.17 -12.51
N LYS C 135 -24.59 -32.28 -13.24
CA LYS C 135 -24.28 -32.50 -14.64
C LYS C 135 -23.04 -33.40 -14.78
N TYR C 136 -22.39 -33.71 -13.67
CA TYR C 136 -21.21 -34.56 -13.69
C TYR C 136 -21.52 -36.05 -13.80
N SER C 137 -20.69 -36.78 -14.53
CA SER C 137 -20.82 -38.24 -14.69
C SER C 137 -19.43 -38.92 -14.71
N LYS C 138 -19.36 -40.17 -14.24
CA LYS C 138 -18.09 -40.91 -14.16
C LYS C 138 -17.26 -40.88 -15.45
N ASP C 139 -17.92 -40.95 -16.59
CA ASP C 139 -17.21 -40.95 -17.86
C ASP C 139 -16.36 -39.71 -18.15
N MET C 140 -16.54 -38.65 -17.37
CA MET C 140 -15.75 -37.43 -17.59
C MET C 140 -14.38 -37.65 -16.96
N LYS C 141 -13.36 -37.66 -17.81
CA LYS C 141 -11.98 -37.88 -17.37
C LYS C 141 -11.21 -36.60 -17.02
N VAL C 142 -11.63 -35.48 -17.60
CA VAL C 142 -10.98 -34.19 -17.37
C VAL C 142 -12.04 -33.12 -17.15
N VAL C 143 -11.99 -32.45 -16.01
CA VAL C 143 -12.97 -31.40 -15.70
C VAL C 143 -12.29 -30.12 -15.26
N SER C 144 -13.07 -29.05 -15.18
CA SER C 144 -12.54 -27.75 -14.75
C SER C 144 -13.39 -27.20 -13.61
N ASN C 145 -12.73 -26.53 -12.65
CA ASN C 145 -13.44 -25.94 -11.53
C ASN C 145 -13.69 -24.45 -11.80
N ALA C 146 -13.61 -24.05 -13.06
CA ALA C 146 -13.79 -22.64 -13.46
C ALA C 146 -12.75 -21.77 -12.75
N SER C 147 -13.04 -20.48 -12.62
CA SER C 147 -12.11 -19.56 -11.97
C SER C 147 -12.65 -19.10 -10.63
N CYS C 148 -11.78 -18.51 -9.81
CA CYS C 148 -12.18 -18.02 -8.51
C CYS C 148 -13.37 -17.05 -8.59
N THR C 149 -13.42 -16.21 -9.62
CA THR C 149 -14.49 -15.24 -9.77
C THR C 149 -15.80 -15.86 -10.23
N THR C 150 -15.73 -16.83 -11.16
CA THR C 150 -16.94 -17.50 -11.65
C THR C 150 -17.62 -18.16 -10.43
N ASN C 151 -16.81 -18.72 -9.56
CA ASN C 151 -17.31 -19.36 -8.38
C ASN C 151 -18.02 -18.41 -7.44
N CYS C 152 -17.72 -17.12 -7.56
CA CYS C 152 -18.39 -16.13 -6.72
C CYS C 152 -19.67 -15.64 -7.40
N LEU C 153 -19.57 -15.39 -8.72
CA LEU C 153 -20.70 -14.88 -9.51
C LEU C 153 -21.81 -15.89 -9.69
N ALA C 154 -21.48 -17.09 -10.17
CA ALA C 154 -22.47 -18.15 -10.45
C ALA C 154 -23.50 -18.39 -9.35
N PRO C 155 -23.06 -18.57 -8.08
CA PRO C 155 -24.02 -18.81 -6.99
C PRO C 155 -25.02 -17.68 -6.91
N VAL C 156 -24.53 -16.43 -6.88
CA VAL C 156 -25.40 -15.26 -6.83
C VAL C 156 -26.35 -15.16 -8.03
N ALA C 157 -25.82 -15.40 -9.22
CA ALA C 157 -26.62 -15.34 -10.44
C ALA C 157 -27.74 -16.39 -10.40
N LYS C 158 -27.40 -17.61 -9.98
CA LYS C 158 -28.38 -18.69 -9.90
C LYS C 158 -29.58 -18.29 -9.02
N VAL C 159 -29.30 -17.79 -7.81
CA VAL C 159 -30.37 -17.39 -6.92
C VAL C 159 -31.23 -16.30 -7.56
N LEU C 160 -30.58 -15.27 -8.10
CA LEU C 160 -31.31 -14.17 -8.73
C LEU C 160 -32.16 -14.65 -9.90
N HIS C 161 -31.55 -15.44 -10.76
CA HIS C 161 -32.25 -15.93 -11.93
C HIS C 161 -33.46 -16.79 -11.61
N GLU C 162 -33.27 -17.79 -10.73
CA GLU C 162 -34.34 -18.72 -10.35
C GLU C 162 -35.52 -18.02 -9.71
N ASN C 163 -35.23 -16.98 -8.93
CA ASN C 163 -36.27 -16.21 -8.27
C ASN C 163 -36.93 -15.06 -9.06
N PHE C 164 -36.12 -14.29 -9.78
CA PHE C 164 -36.66 -13.15 -10.51
C PHE C 164 -36.31 -13.12 -11.96
N GLU C 165 -35.44 -14.04 -12.41
CA GLU C 165 -35.05 -14.11 -13.81
C GLU C 165 -34.14 -12.95 -14.26
N ILE C 166 -32.91 -13.26 -14.64
CA ILE C 166 -31.99 -12.24 -15.09
C ILE C 166 -32.18 -12.02 -16.58
N VAL C 167 -32.57 -10.80 -16.94
CA VAL C 167 -32.77 -10.43 -18.35
C VAL C 167 -31.42 -10.14 -18.97
N GLU C 168 -30.65 -9.29 -18.29
CA GLU C 168 -29.30 -8.92 -18.72
C GLU C 168 -28.51 -8.35 -17.53
N GLY C 169 -27.20 -8.55 -17.54
CA GLY C 169 -26.41 -8.04 -16.45
C GLY C 169 -24.98 -7.74 -16.84
N LEU C 170 -24.40 -6.73 -16.19
CA LEU C 170 -23.03 -6.34 -16.43
C LEU C 170 -22.35 -6.45 -15.09
N MET C 171 -21.20 -7.10 -15.07
CA MET C 171 -20.46 -7.33 -13.84
C MET C 171 -19.12 -6.64 -13.77
N THR C 172 -18.79 -6.08 -12.61
CA THR C 172 -17.50 -5.46 -12.41
C THR C 172 -16.94 -6.09 -11.16
N THR C 173 -15.67 -6.51 -11.22
CA THR C 173 -15.04 -7.10 -10.06
C THR C 173 -13.83 -6.27 -9.63
N VAL C 174 -13.88 -5.78 -8.40
CA VAL C 174 -12.78 -5.01 -7.82
C VAL C 174 -11.93 -6.11 -7.20
N HIS C 175 -10.88 -6.50 -7.92
CA HIS C 175 -10.01 -7.61 -7.58
C HIS C 175 -8.70 -7.26 -6.90
N ALA C 176 -8.27 -8.15 -6.01
CA ALA C 176 -6.99 -7.95 -5.30
C ALA C 176 -5.86 -8.19 -6.31
N VAL C 177 -4.64 -7.80 -5.98
CA VAL C 177 -3.54 -8.01 -6.93
C VAL C 177 -3.31 -9.49 -7.18
N THR C 178 -2.81 -9.80 -8.36
CA THR C 178 -2.54 -11.18 -8.76
C THR C 178 -1.02 -11.41 -8.92
N ALA C 179 -0.63 -12.67 -8.95
CA ALA C 179 0.78 -13.01 -9.08
C ALA C 179 1.34 -12.61 -10.45
N THR C 180 0.46 -12.36 -11.41
CA THR C 180 0.89 -11.97 -12.75
C THR C 180 1.09 -10.47 -12.92
N GLN C 181 0.98 -9.69 -11.85
CA GLN C 181 1.19 -8.24 -11.97
C GLN C 181 2.61 -7.86 -11.60
N LYS C 182 2.96 -6.59 -11.78
CA LYS C 182 4.32 -6.10 -11.48
C LYS C 182 4.38 -5.15 -10.30
N THR C 183 5.44 -5.25 -9.51
CA THR C 183 5.60 -4.39 -8.33
C THR C 183 5.81 -2.94 -8.76
N VAL C 184 6.41 -2.76 -9.93
CA VAL C 184 6.66 -1.44 -10.49
C VAL C 184 6.54 -1.58 -12.01
N ASP C 185 6.27 -0.46 -12.68
CA ASP C 185 6.11 -0.42 -14.13
C ASP C 185 7.14 -1.28 -14.85
N GLY C 186 6.64 -2.33 -15.48
CA GLY C 186 7.49 -3.28 -16.18
C GLY C 186 6.80 -3.85 -17.41
N PRO C 187 7.49 -4.68 -18.20
CA PRO C 187 7.01 -5.31 -19.43
C PRO C 187 5.91 -6.36 -19.37
N SER C 188 4.70 -6.02 -19.84
CA SER C 188 3.61 -7.01 -19.93
C SER C 188 2.99 -6.91 -21.32
N ALA C 189 3.76 -7.29 -22.34
CA ALA C 189 3.37 -7.19 -23.79
C ALA C 189 1.96 -7.69 -24.14
N LYS C 190 1.50 -8.68 -23.37
CA LYS C 190 0.19 -9.28 -23.58
C LYS C 190 -0.89 -8.38 -22.98
N ASP C 191 -0.62 -7.84 -21.80
CA ASP C 191 -1.57 -6.96 -21.12
C ASP C 191 -0.82 -5.70 -20.66
N TRP C 192 -0.78 -4.69 -21.53
CA TRP C 192 -0.06 -3.45 -21.24
C TRP C 192 -0.37 -2.79 -19.89
N ARG C 193 -1.65 -2.72 -19.54
CA ARG C 193 -2.03 -2.10 -18.30
C ARG C 193 -1.57 -2.97 -17.14
N GLY C 194 -1.54 -4.27 -17.40
CA GLY C 194 -1.15 -5.22 -16.37
C GLY C 194 0.28 -5.14 -15.90
N GLY C 195 1.10 -4.39 -16.64
CA GLY C 195 2.49 -4.26 -16.26
C GLY C 195 2.78 -3.03 -15.45
N ARG C 196 1.75 -2.22 -15.18
CA ARG C 196 1.93 -1.01 -14.41
C ARG C 196 1.98 -1.28 -12.88
N GLY C 197 2.85 -0.54 -12.18
CA GLY C 197 2.99 -0.69 -10.74
C GLY C 197 1.70 -1.01 -10.05
N ALA C 198 1.61 -2.22 -9.52
CA ALA C 198 0.39 -2.70 -8.86
C ALA C 198 0.11 -2.07 -7.53
N ALA C 199 1.14 -1.60 -6.86
CA ALA C 199 0.96 -1.02 -5.53
C ALA C 199 0.55 0.44 -5.55
N GLN C 200 0.50 1.03 -6.72
CA GLN C 200 0.17 2.45 -6.81
C GLN C 200 -0.97 2.75 -7.77
N ASN C 201 -1.46 1.72 -8.45
CA ASN C 201 -2.51 1.90 -9.44
C ASN C 201 -3.79 1.12 -9.28
N ILE C 202 -4.84 1.63 -9.92
CA ILE C 202 -6.14 0.96 -9.99
C ILE C 202 -6.02 0.55 -11.46
N ILE C 203 -5.90 -0.74 -11.72
CA ILE C 203 -5.70 -1.20 -13.06
C ILE C 203 -6.90 -1.89 -13.69
N PRO C 204 -7.45 -1.31 -14.76
CA PRO C 204 -8.60 -1.95 -15.40
C PRO C 204 -8.12 -3.21 -16.11
N SER C 205 -8.79 -4.33 -15.84
CA SER C 205 -8.45 -5.61 -16.49
C SER C 205 -9.71 -6.22 -17.05
N SER C 206 -9.54 -7.28 -17.82
CA SER C 206 -10.70 -7.94 -18.43
C SER C 206 -10.97 -9.23 -17.64
N THR C 207 -12.12 -9.85 -17.86
CA THR C 207 -12.44 -11.09 -17.16
C THR C 207 -13.42 -11.94 -17.94
N GLY C 208 -13.21 -13.25 -17.93
CA GLY C 208 -14.11 -14.14 -18.64
C GLY C 208 -15.19 -14.68 -17.71
N ALA C 209 -15.03 -14.40 -16.41
CA ALA C 209 -15.96 -14.84 -15.38
C ALA C 209 -17.42 -14.85 -15.83
N ALA C 210 -17.95 -13.68 -16.17
CA ALA C 210 -19.33 -13.56 -16.60
C ALA C 210 -19.67 -14.48 -17.76
N LYS C 211 -18.87 -14.41 -18.83
CA LYS C 211 -19.10 -15.23 -20.02
C LYS C 211 -19.10 -16.70 -19.62
N ALA C 212 -18.24 -17.05 -18.67
CA ALA C 212 -18.14 -18.43 -18.17
C ALA C 212 -19.43 -18.85 -17.46
N VAL C 213 -20.07 -17.92 -16.75
CA VAL C 213 -21.31 -18.23 -16.07
C VAL C 213 -22.33 -18.68 -17.12
N GLY C 214 -22.09 -18.33 -18.39
CA GLY C 214 -22.98 -18.71 -19.46
C GLY C 214 -22.87 -20.17 -19.77
N LYS C 215 -21.74 -20.76 -19.36
CA LYS C 215 -21.51 -22.18 -19.59
C LYS C 215 -22.05 -23.03 -18.44
N VAL C 216 -21.88 -22.56 -17.20
CA VAL C 216 -22.38 -23.32 -16.06
C VAL C 216 -23.90 -23.13 -15.87
N ILE C 217 -24.43 -22.01 -16.36
CA ILE C 217 -25.86 -21.76 -16.29
C ILE C 217 -26.29 -21.36 -17.70
N PRO C 218 -26.53 -22.35 -18.57
CA PRO C 218 -26.95 -22.16 -19.95
C PRO C 218 -27.97 -21.05 -20.22
N GLU C 219 -29.06 -20.99 -19.43
CA GLU C 219 -30.08 -19.98 -19.66
C GLU C 219 -29.52 -18.55 -19.70
N LEU C 220 -28.43 -18.32 -18.98
CA LEU C 220 -27.83 -17.00 -18.91
C LEU C 220 -26.79 -16.73 -19.97
N ASP C 221 -26.52 -17.72 -20.81
CA ASP C 221 -25.52 -17.55 -21.86
C ASP C 221 -25.77 -16.34 -22.76
N GLY C 222 -24.83 -15.41 -22.77
CA GLY C 222 -24.98 -14.23 -23.60
C GLY C 222 -25.77 -13.11 -22.97
N LYS C 223 -26.10 -13.25 -21.70
CA LYS C 223 -26.86 -12.22 -21.02
C LYS C 223 -26.03 -11.49 -19.98
N LEU C 224 -24.81 -11.96 -19.76
CA LEU C 224 -23.92 -11.35 -18.79
C LEU C 224 -22.56 -11.12 -19.43
N THR C 225 -21.83 -10.18 -18.87
CA THR C 225 -20.48 -9.85 -19.33
C THR C 225 -19.94 -8.85 -18.31
N GLY C 226 -18.64 -8.64 -18.32
CA GLY C 226 -18.10 -7.70 -17.36
C GLY C 226 -16.61 -7.52 -17.47
N MET C 227 -16.07 -6.69 -16.58
CA MET C 227 -14.66 -6.41 -16.56
C MET C 227 -14.17 -6.32 -15.12
N ALA C 228 -12.88 -6.07 -14.94
CA ALA C 228 -12.32 -6.00 -13.61
C ALA C 228 -11.50 -4.74 -13.34
N PHE C 229 -11.20 -4.53 -12.07
CA PHE C 229 -10.40 -3.42 -11.63
C PHE C 229 -9.49 -4.06 -10.62
N ARG C 230 -8.20 -3.91 -10.84
CA ARG C 230 -7.22 -4.48 -9.93
C ARG C 230 -6.83 -3.37 -8.96
N VAL C 231 -6.97 -3.62 -7.66
CA VAL C 231 -6.58 -2.62 -6.67
C VAL C 231 -5.48 -3.16 -5.75
N PRO C 232 -4.69 -2.27 -5.15
CA PRO C 232 -3.61 -2.69 -4.27
C PRO C 232 -3.91 -3.35 -2.93
N THR C 233 -4.66 -4.45 -2.95
CA THR C 233 -4.91 -5.21 -1.71
C THR C 233 -4.36 -6.61 -2.02
N PRO C 234 -3.72 -7.25 -1.03
CA PRO C 234 -3.12 -8.58 -1.21
C PRO C 234 -4.07 -9.75 -1.46
N ASN C 235 -5.28 -9.68 -0.90
CA ASN C 235 -6.23 -10.78 -1.07
C ASN C 235 -7.67 -10.32 -0.83
N VAL C 236 -8.62 -11.15 -1.27
CA VAL C 236 -10.06 -10.91 -1.12
C VAL C 236 -10.53 -9.91 -2.14
N SER C 237 -11.54 -10.32 -2.88
CA SER C 237 -12.14 -9.50 -3.93
C SER C 237 -13.64 -9.35 -3.73
N VAL C 238 -14.24 -8.40 -4.45
CA VAL C 238 -15.68 -8.19 -4.35
C VAL C 238 -16.28 -8.10 -5.76
N VAL C 239 -17.46 -8.66 -5.91
CA VAL C 239 -18.15 -8.63 -7.20
C VAL C 239 -19.31 -7.64 -7.15
N ASP C 240 -19.32 -6.73 -8.11
CA ASP C 240 -20.35 -5.71 -8.23
C ASP C 240 -21.18 -6.09 -9.44
N LEU C 241 -22.36 -6.66 -9.18
CA LEU C 241 -23.25 -7.10 -10.25
C LEU C 241 -24.47 -6.21 -10.39
N THR C 242 -24.58 -5.57 -11.55
CA THR C 242 -25.71 -4.70 -11.87
C THR C 242 -26.55 -5.53 -12.82
N VAL C 243 -27.81 -5.77 -12.46
CA VAL C 243 -28.65 -6.60 -13.29
C VAL C 243 -30.08 -6.10 -13.46
N ARG C 244 -30.69 -6.46 -14.58
CA ARG C 244 -32.05 -6.10 -14.89
C ARG C 244 -32.88 -7.39 -14.76
N LEU C 245 -33.79 -7.43 -13.80
CA LEU C 245 -34.61 -8.61 -13.55
C LEU C 245 -35.89 -8.64 -14.39
N GLY C 246 -36.42 -9.83 -14.61
CA GLY C 246 -37.64 -9.99 -15.38
C GLY C 246 -38.89 -9.77 -14.55
N LYS C 247 -38.83 -10.11 -13.27
CA LYS C 247 -39.97 -9.93 -12.38
C LYS C 247 -39.71 -8.76 -11.48
N GLU C 248 -40.77 -8.05 -11.11
CA GLU C 248 -40.62 -6.91 -10.21
C GLU C 248 -40.46 -7.45 -8.81
N CYS C 249 -39.68 -6.76 -8.01
CA CYS C 249 -39.43 -7.17 -6.64
C CYS C 249 -38.81 -6.06 -5.83
N SER C 250 -38.83 -6.22 -4.50
CA SER C 250 -38.24 -5.25 -3.60
C SER C 250 -36.90 -5.81 -3.19
N TYR C 251 -36.02 -4.94 -2.71
CA TYR C 251 -34.69 -5.39 -2.30
C TYR C 251 -34.79 -6.45 -1.18
N ASP C 252 -35.83 -6.36 -0.36
CA ASP C 252 -35.99 -7.34 0.72
C ASP C 252 -36.22 -8.72 0.14
N ASP C 253 -36.98 -8.80 -0.95
CA ASP C 253 -37.23 -10.08 -1.59
C ASP C 253 -35.92 -10.70 -2.01
N ILE C 254 -34.95 -9.85 -2.38
CA ILE C 254 -33.66 -10.34 -2.81
C ILE C 254 -32.88 -10.81 -1.59
N LYS C 255 -32.87 -10.00 -0.54
CA LYS C 255 -32.18 -10.36 0.69
C LYS C 255 -32.70 -11.71 1.19
N ALA C 256 -34.02 -11.84 1.20
CA ALA C 256 -34.69 -13.05 1.65
C ALA C 256 -34.22 -14.25 0.83
N ALA C 257 -34.35 -14.14 -0.49
CA ALA C 257 -33.92 -15.21 -1.38
C ALA C 257 -32.48 -15.63 -1.08
N MET C 258 -31.61 -14.66 -0.89
CA MET C 258 -30.22 -14.95 -0.61
C MET C 258 -30.07 -15.67 0.71
N LYS C 259 -30.70 -15.12 1.75
CA LYS C 259 -30.60 -15.69 3.10
C LYS C 259 -31.09 -17.13 3.11
N THR C 260 -32.20 -17.34 2.43
CA THR C 260 -32.81 -18.64 2.34
C THR C 260 -31.85 -19.61 1.68
N ALA C 261 -31.34 -19.22 0.52
CA ALA C 261 -30.42 -20.07 -0.19
C ALA C 261 -29.18 -20.39 0.67
N SER C 262 -28.67 -19.38 1.38
CA SER C 262 -27.50 -19.53 2.20
C SER C 262 -27.62 -20.53 3.33
N GLU C 263 -28.84 -20.76 3.81
CA GLU C 263 -28.99 -21.71 4.90
C GLU C 263 -29.57 -23.01 4.45
N GLY C 264 -29.82 -23.10 3.15
CA GLY C 264 -30.37 -24.32 2.59
C GLY C 264 -29.50 -24.96 1.54
N PRO C 265 -29.96 -25.00 0.29
CA PRO C 265 -29.27 -25.59 -0.85
C PRO C 265 -27.81 -25.14 -1.03
N LEU C 266 -27.56 -23.85 -0.97
CA LEU C 266 -26.21 -23.37 -1.17
C LEU C 266 -25.41 -23.19 0.12
N GLN C 267 -25.90 -23.75 1.22
CA GLN C 267 -25.20 -23.60 2.49
C GLN C 267 -23.76 -24.08 2.37
N GLY C 268 -22.81 -23.25 2.81
CA GLY C 268 -21.41 -23.63 2.75
C GLY C 268 -20.78 -23.10 1.48
N VAL C 269 -21.61 -22.81 0.49
CA VAL C 269 -21.15 -22.26 -0.78
C VAL C 269 -21.44 -20.74 -0.82
N LEU C 270 -22.70 -20.37 -0.66
CA LEU C 270 -23.10 -18.96 -0.64
C LEU C 270 -23.36 -18.50 0.80
N GLY C 271 -22.68 -17.44 1.20
CA GLY C 271 -22.85 -16.92 2.55
C GLY C 271 -23.72 -15.67 2.51
N TYR C 272 -24.19 -15.25 3.68
CA TYR C 272 -25.06 -14.07 3.76
C TYR C 272 -24.69 -13.26 4.98
N THR C 273 -24.63 -11.94 4.83
CA THR C 273 -24.29 -11.08 5.96
C THR C 273 -25.01 -9.75 5.89
N GLU C 274 -25.25 -9.16 7.06
CA GLU C 274 -25.89 -7.85 7.16
C GLU C 274 -25.04 -6.96 8.05
N ASP C 275 -23.79 -7.37 8.25
CA ASP C 275 -22.86 -6.61 9.06
C ASP C 275 -22.09 -5.61 8.20
N ASP C 276 -21.47 -4.63 8.83
CA ASP C 276 -20.72 -3.64 8.10
C ASP C 276 -19.32 -4.20 7.84
N VAL C 277 -19.27 -5.23 6.99
CA VAL C 277 -18.00 -5.89 6.68
C VAL C 277 -17.11 -5.17 5.67
N VAL C 278 -15.83 -5.51 5.69
CA VAL C 278 -14.85 -4.94 4.78
C VAL C 278 -13.96 -6.04 4.25
N SER C 279 -13.19 -5.72 3.21
CA SER C 279 -12.28 -6.66 2.55
C SER C 279 -11.66 -7.74 3.46
N CYS C 280 -11.02 -7.32 4.55
CA CYS C 280 -10.32 -8.22 5.47
C CYS C 280 -11.16 -9.19 6.27
N ASP C 281 -12.42 -8.85 6.53
CA ASP C 281 -13.25 -9.75 7.31
C ASP C 281 -13.50 -11.08 6.58
N PHE C 282 -12.92 -11.23 5.41
CA PHE C 282 -13.11 -12.46 4.64
C PHE C 282 -11.86 -13.24 4.33
N THR C 283 -10.74 -12.85 4.92
CA THR C 283 -9.52 -13.61 4.68
C THR C 283 -9.66 -14.96 5.40
N GLY C 284 -9.50 -16.04 4.66
CA GLY C 284 -9.62 -17.35 5.27
C GLY C 284 -11.05 -17.87 5.18
N ASP C 285 -11.96 -17.02 4.72
CA ASP C 285 -13.35 -17.44 4.58
C ASP C 285 -13.41 -18.49 3.50
N ASN C 286 -14.02 -19.64 3.79
CA ASN C 286 -14.08 -20.70 2.80
C ASN C 286 -15.35 -20.88 1.98
N ARG C 287 -16.17 -19.86 1.91
CA ARG C 287 -17.36 -19.94 1.06
C ARG C 287 -17.00 -19.36 -0.30
N SER C 288 -17.71 -19.80 -1.35
CA SER C 288 -17.45 -19.30 -2.70
C SER C 288 -17.81 -17.81 -2.84
N SER C 289 -18.91 -17.39 -2.22
CA SER C 289 -19.28 -15.98 -2.31
C SER C 289 -20.23 -15.60 -1.18
N ILE C 290 -19.95 -14.46 -0.55
CA ILE C 290 -20.75 -13.94 0.55
C ILE C 290 -21.53 -12.70 0.15
N PHE C 291 -22.86 -12.80 0.18
CA PHE C 291 -23.75 -11.69 -0.17
C PHE C 291 -23.71 -10.62 0.91
N ASP C 292 -23.34 -9.40 0.52
CA ASP C 292 -23.26 -8.26 1.43
C ASP C 292 -24.59 -7.52 1.29
N ALA C 293 -25.52 -7.81 2.21
CA ALA C 293 -26.86 -7.22 2.17
C ALA C 293 -26.92 -5.70 2.16
N LYS C 294 -26.24 -5.06 3.10
CA LYS C 294 -26.25 -3.61 3.18
C LYS C 294 -25.54 -2.85 2.01
N ALA C 295 -24.58 -3.50 1.34
CA ALA C 295 -23.85 -2.84 0.27
C ALA C 295 -24.64 -2.58 -1.03
N GLY C 296 -25.49 -3.53 -1.41
CA GLY C 296 -26.27 -3.40 -2.63
C GLY C 296 -27.30 -2.29 -2.57
N ILE C 297 -27.74 -1.82 -3.74
CA ILE C 297 -28.76 -0.78 -3.79
C ILE C 297 -29.69 -1.05 -4.98
N GLN C 298 -30.93 -0.62 -4.83
CA GLN C 298 -31.93 -0.83 -5.87
C GLN C 298 -32.46 0.50 -6.44
N LEU C 299 -32.47 0.61 -7.76
CA LEU C 299 -32.97 1.82 -8.39
C LEU C 299 -34.47 1.68 -8.65
N SER C 300 -34.86 0.57 -9.27
CA SER C 300 -36.25 0.32 -9.56
C SER C 300 -36.64 -1.12 -9.24
N LYS C 301 -37.93 -1.43 -9.37
CA LYS C 301 -38.44 -2.76 -9.09
C LYS C 301 -37.73 -3.83 -9.93
N THR C 302 -37.04 -3.42 -10.99
CA THR C 302 -36.36 -4.38 -11.85
C THR C 302 -34.89 -4.08 -12.17
N PHE C 303 -34.36 -3.01 -11.58
CA PHE C 303 -32.98 -2.64 -11.82
C PHE C 303 -32.28 -2.53 -10.46
N VAL C 304 -31.43 -3.52 -10.16
CA VAL C 304 -30.73 -3.57 -8.88
C VAL C 304 -29.24 -3.89 -9.01
N LYS C 305 -28.48 -3.54 -7.97
CA LYS C 305 -27.05 -3.80 -7.94
C LYS C 305 -26.73 -4.56 -6.66
N VAL C 306 -26.19 -5.77 -6.81
CA VAL C 306 -25.84 -6.60 -5.66
C VAL C 306 -24.33 -6.73 -5.51
N VAL C 307 -23.88 -6.88 -4.27
CA VAL C 307 -22.48 -6.99 -3.93
C VAL C 307 -22.15 -8.29 -3.20
N SER C 308 -21.18 -9.05 -3.70
CA SER C 308 -20.79 -10.31 -3.07
C SER C 308 -19.28 -10.44 -2.93
N TRP C 309 -18.83 -10.79 -1.73
CA TRP C 309 -17.39 -10.94 -1.42
C TRP C 309 -16.90 -12.36 -1.64
N TYR C 310 -15.58 -12.50 -1.70
CA TYR C 310 -14.95 -13.81 -1.87
C TYR C 310 -13.47 -13.74 -1.71
N ASP C 311 -12.91 -14.65 -0.91
CA ASP C 311 -11.46 -14.72 -0.71
C ASP C 311 -10.96 -15.48 -1.95
N ASN C 312 -10.64 -14.75 -3.03
CA ASN C 312 -10.21 -15.32 -4.31
C ASN C 312 -9.21 -16.46 -4.25
N GLU C 313 -8.47 -16.55 -3.15
CA GLU C 313 -7.49 -17.63 -3.03
C GLU C 313 -8.07 -18.81 -2.25
N PHE C 314 -8.39 -18.56 -0.99
CA PHE C 314 -8.92 -19.55 -0.07
C PHE C 314 -10.26 -20.23 -0.40
N GLY C 315 -11.25 -19.45 -0.77
CA GLY C 315 -12.53 -20.05 -1.09
C GLY C 315 -12.43 -20.99 -2.29
N TYR C 316 -11.69 -20.57 -3.30
CA TYR C 316 -11.54 -21.39 -4.50
C TYR C 316 -10.85 -22.73 -4.23
N SER C 317 -9.78 -22.69 -3.44
CA SER C 317 -9.06 -23.91 -3.13
C SER C 317 -9.93 -24.87 -2.32
N GLN C 318 -10.85 -24.33 -1.53
CA GLN C 318 -11.72 -25.18 -0.74
C GLN C 318 -12.72 -25.89 -1.68
N ARG C 319 -13.19 -25.18 -2.70
CA ARG C 319 -14.11 -25.77 -3.66
C ARG C 319 -13.43 -26.84 -4.51
N VAL C 320 -12.11 -26.71 -4.70
CA VAL C 320 -11.39 -27.71 -5.48
C VAL C 320 -11.48 -29.05 -4.77
N ILE C 321 -11.36 -29.05 -3.44
CA ILE C 321 -11.44 -30.30 -2.71
C ILE C 321 -12.85 -30.82 -2.81
N ASP C 322 -13.83 -29.94 -2.55
CA ASP C 322 -15.25 -30.28 -2.60
C ASP C 322 -15.61 -30.96 -3.92
N LEU C 323 -15.08 -30.43 -5.01
CA LEU C 323 -15.36 -30.99 -6.33
C LEU C 323 -14.82 -32.42 -6.38
N ILE C 324 -13.58 -32.62 -5.93
CA ILE C 324 -12.97 -33.94 -5.91
C ILE C 324 -13.75 -34.91 -5.01
N LYS C 325 -14.24 -34.42 -3.87
CA LYS C 325 -15.03 -35.27 -2.98
C LYS C 325 -16.28 -35.75 -3.71
N HIS C 326 -16.99 -34.83 -4.34
CA HIS C 326 -18.20 -35.16 -5.08
C HIS C 326 -17.92 -36.13 -6.21
N MET C 327 -16.83 -35.90 -6.94
CA MET C 327 -16.44 -36.74 -8.07
C MET C 327 -16.20 -38.17 -7.61
N GLN C 328 -15.47 -38.34 -6.52
CA GLN C 328 -15.17 -39.66 -6.03
C GLN C 328 -16.42 -40.34 -5.49
N LYS C 329 -17.32 -39.55 -4.91
CA LYS C 329 -18.54 -40.13 -4.38
C LYS C 329 -19.36 -40.71 -5.53
N VAL C 330 -19.26 -40.10 -6.71
CA VAL C 330 -20.00 -40.56 -7.88
C VAL C 330 -19.21 -41.63 -8.63
N ASP C 331 -17.89 -41.51 -8.60
CA ASP C 331 -17.02 -42.45 -9.28
C ASP C 331 -16.93 -43.75 -8.53
N SER C 332 -16.34 -43.73 -7.34
CA SER C 332 -16.19 -44.92 -6.51
C SER C 332 -17.56 -45.48 -6.16
N ALA C 333 -18.61 -44.93 -6.80
CA ALA C 333 -20.01 -45.36 -6.60
C ALA C 333 -20.46 -46.49 -7.56
N SER D 1 -8.12 -12.81 38.86
CA SER D 1 -7.52 -11.68 38.07
C SER D 1 -8.26 -10.34 38.27
N LYS D 2 -9.59 -10.37 38.17
CA LYS D 2 -10.38 -9.15 38.36
C LYS D 2 -9.75 -7.92 37.70
N ILE D 3 -9.63 -7.99 36.38
CA ILE D 3 -9.01 -6.92 35.59
C ILE D 3 -10.01 -5.94 35.01
N GLY D 4 -9.62 -4.67 34.99
CA GLY D 4 -10.47 -3.62 34.45
C GLY D 4 -9.68 -2.89 33.38
N ILE D 5 -10.34 -2.52 32.27
CA ILE D 5 -9.65 -1.83 31.19
C ILE D 5 -10.26 -0.47 30.92
N ASN D 6 -9.43 0.56 30.89
CA ASN D 6 -9.90 1.91 30.63
C ASN D 6 -9.41 2.30 29.23
N GLY D 7 -10.34 2.46 28.29
CA GLY D 7 -9.99 2.82 26.93
C GLY D 7 -10.18 1.61 26.03
N PHE D 8 -10.87 1.78 24.90
CA PHE D 8 -11.09 0.66 24.01
C PHE D 8 -10.42 0.85 22.64
N GLY D 9 -9.17 1.33 22.65
CA GLY D 9 -8.45 1.51 21.41
C GLY D 9 -7.75 0.24 20.95
N ARG D 10 -6.78 0.36 20.05
CA ARG D 10 -6.08 -0.83 19.56
C ARG D 10 -5.56 -1.66 20.74
N ILE D 11 -4.99 -1.00 21.75
CA ILE D 11 -4.45 -1.72 22.90
C ILE D 11 -5.57 -2.28 23.75
N GLY D 12 -6.40 -1.37 24.26
CA GLY D 12 -7.51 -1.80 25.11
C GLY D 12 -8.22 -3.02 24.57
N ARG D 13 -8.65 -2.93 23.31
CA ARG D 13 -9.34 -4.01 22.64
C ARG D 13 -8.53 -5.31 22.59
N LEU D 14 -7.30 -5.22 22.07
CA LEU D 14 -6.45 -6.40 21.95
C LEU D 14 -6.09 -7.04 23.30
N VAL D 15 -6.02 -6.22 24.35
CA VAL D 15 -5.69 -6.74 25.67
C VAL D 15 -6.85 -7.60 26.14
N LEU D 16 -8.07 -7.11 25.92
CA LEU D 16 -9.24 -7.86 26.34
C LEU D 16 -9.27 -9.15 25.56
N ARG D 17 -8.96 -9.04 24.27
CA ARG D 17 -8.94 -10.21 23.40
C ARG D 17 -7.89 -11.19 23.91
N THR D 18 -6.70 -10.68 24.21
CA THR D 18 -5.63 -11.53 24.73
C THR D 18 -6.07 -12.17 26.04
N ALA D 19 -6.66 -11.37 26.93
CA ALA D 19 -7.11 -11.88 28.20
C ALA D 19 -7.93 -13.14 28.01
N LEU D 20 -9.00 -13.04 27.24
CA LEU D 20 -9.87 -14.18 27.00
C LEU D 20 -9.10 -15.38 26.53
N GLU D 21 -8.21 -15.18 25.56
CA GLU D 21 -7.43 -16.30 25.05
C GLU D 21 -6.61 -16.91 26.18
N MET D 22 -5.78 -16.11 26.82
CA MET D 22 -4.94 -16.58 27.92
C MET D 22 -5.64 -16.98 29.21
N GLY D 23 -6.97 -16.82 29.25
CA GLY D 23 -7.70 -17.20 30.45
C GLY D 23 -7.87 -16.17 31.56
N ALA D 24 -7.17 -15.04 31.49
CA ALA D 24 -7.31 -14.02 32.52
C ALA D 24 -8.76 -13.53 32.53
N GLN D 25 -9.15 -12.87 33.61
CA GLN D 25 -10.52 -12.41 33.75
C GLN D 25 -10.71 -10.89 33.74
N VAL D 26 -11.47 -10.40 32.76
CA VAL D 26 -11.76 -8.97 32.67
C VAL D 26 -13.21 -8.82 33.08
N VAL D 27 -13.47 -7.94 34.04
CA VAL D 27 -14.83 -7.75 34.53
C VAL D 27 -15.48 -6.44 34.12
N ALA D 28 -14.68 -5.45 33.76
CA ALA D 28 -15.25 -4.16 33.37
C ALA D 28 -14.41 -3.39 32.36
N VAL D 29 -15.08 -2.56 31.58
CA VAL D 29 -14.43 -1.76 30.56
C VAL D 29 -15.04 -0.37 30.58
N ASN D 30 -14.22 0.65 30.40
CA ASN D 30 -14.72 2.01 30.38
C ASN D 30 -14.24 2.75 29.16
N ASP D 31 -15.15 3.48 28.54
CA ASP D 31 -14.86 4.28 27.35
C ASP D 31 -16.08 5.14 27.07
N PRO D 32 -15.93 6.47 27.19
CA PRO D 32 -16.99 7.45 26.95
C PRO D 32 -17.33 7.76 25.50
N PHE D 33 -16.47 7.37 24.58
CA PHE D 33 -16.73 7.67 23.18
C PHE D 33 -17.18 6.52 22.31
N ILE D 34 -17.36 5.34 22.88
CA ILE D 34 -17.79 4.22 22.06
C ILE D 34 -19.01 3.48 22.58
N ALA D 35 -20.11 3.65 21.86
CA ALA D 35 -21.38 3.02 22.22
C ALA D 35 -21.22 1.52 22.41
N LEU D 36 -22.04 0.96 23.29
CA LEU D 36 -21.99 -0.45 23.59
C LEU D 36 -22.18 -1.33 22.35
N GLU D 37 -22.99 -0.90 21.40
CA GLU D 37 -23.23 -1.71 20.21
C GLU D 37 -22.04 -1.65 19.26
N TYR D 38 -21.36 -0.51 19.26
CA TYR D 38 -20.18 -0.31 18.42
C TYR D 38 -19.01 -1.13 18.99
N MET D 39 -19.05 -1.37 20.30
CA MET D 39 -18.01 -2.14 20.95
C MET D 39 -18.01 -3.57 20.48
N VAL D 40 -19.18 -4.20 20.39
CA VAL D 40 -19.22 -5.59 19.97
C VAL D 40 -18.65 -5.67 18.57
N TYR D 41 -18.88 -4.63 17.78
CA TYR D 41 -18.40 -4.61 16.40
C TYR D 41 -16.88 -4.44 16.31
N MET D 42 -16.35 -3.45 17.00
CA MET D 42 -14.91 -3.20 16.98
C MET D 42 -14.13 -4.32 17.61
N PHE D 43 -14.80 -5.11 18.44
CA PHE D 43 -14.12 -6.21 19.12
C PHE D 43 -14.16 -7.44 18.24
N LYS D 44 -15.32 -7.72 17.67
CA LYS D 44 -15.50 -8.89 16.84
C LYS D 44 -14.63 -8.89 15.58
N TYR D 45 -14.62 -7.77 14.88
CA TYR D 45 -13.84 -7.66 13.65
C TYR D 45 -12.54 -6.87 13.80
N ASP D 46 -11.45 -7.45 13.29
CA ASP D 46 -10.15 -6.82 13.36
C ASP D 46 -9.42 -7.13 12.07
N SER D 47 -9.19 -6.11 11.26
CA SER D 47 -8.51 -6.27 9.98
C SER D 47 -7.23 -7.08 10.07
N THR D 48 -6.38 -6.72 11.02
CA THR D 48 -5.09 -7.38 11.23
C THR D 48 -5.10 -8.74 11.91
N HIS D 49 -5.93 -8.91 12.94
CA HIS D 49 -5.93 -10.16 13.67
C HIS D 49 -7.12 -11.10 13.51
N GLY D 50 -7.96 -10.82 12.50
CA GLY D 50 -9.10 -11.68 12.24
C GLY D 50 -10.33 -11.50 13.11
N MET D 51 -11.37 -12.24 12.76
CA MET D 51 -12.63 -12.19 13.50
C MET D 51 -12.54 -13.00 14.79
N PHE D 52 -13.10 -12.45 15.87
CA PHE D 52 -13.09 -13.16 17.13
C PHE D 52 -13.97 -14.37 16.95
N LYS D 53 -13.47 -15.52 17.37
CA LYS D 53 -14.18 -16.80 17.24
C LYS D 53 -15.45 -16.94 18.09
N GLY D 54 -15.31 -16.74 19.40
CA GLY D 54 -16.46 -16.87 20.29
C GLY D 54 -17.67 -16.03 19.95
N GLU D 55 -18.60 -15.91 20.89
CA GLU D 55 -19.79 -15.12 20.67
C GLU D 55 -19.69 -13.79 21.40
N VAL D 56 -19.95 -12.70 20.70
CA VAL D 56 -19.89 -11.38 21.29
C VAL D 56 -21.27 -10.77 21.13
N LYS D 57 -21.79 -10.17 22.20
CA LYS D 57 -23.11 -9.56 22.13
C LYS D 57 -23.43 -8.68 23.32
N VAL D 58 -24.35 -7.74 23.10
CA VAL D 58 -24.78 -6.83 24.14
C VAL D 58 -25.84 -7.57 24.94
N GLU D 59 -25.77 -7.46 26.25
CA GLU D 59 -26.69 -8.15 27.15
C GLU D 59 -27.08 -7.31 28.36
N ASP D 60 -28.08 -6.43 28.18
CA ASP D 60 -28.54 -5.57 29.26
C ASP D 60 -27.43 -4.61 29.71
N GLY D 61 -27.08 -3.68 28.83
CA GLY D 61 -26.05 -2.72 29.16
C GLY D 61 -24.70 -3.33 29.52
N ALA D 62 -24.52 -4.59 29.17
CA ALA D 62 -23.27 -5.27 29.45
C ALA D 62 -22.76 -5.90 28.17
N LEU D 63 -21.46 -6.17 28.14
CA LEU D 63 -20.87 -6.79 26.97
C LEU D 63 -20.67 -8.25 27.34
N VAL D 64 -21.15 -9.16 26.52
CA VAL D 64 -21.01 -10.58 26.80
C VAL D 64 -20.13 -11.27 25.76
N VAL D 65 -19.04 -11.88 26.24
CA VAL D 65 -18.12 -12.58 25.35
C VAL D 65 -17.91 -14.00 25.83
N ASP D 66 -18.43 -14.96 25.06
CA ASP D 66 -18.30 -16.38 25.40
C ASP D 66 -18.84 -16.65 26.79
N GLY D 67 -19.99 -16.06 27.09
CA GLY D 67 -20.57 -16.26 28.41
C GLY D 67 -20.13 -15.20 29.41
N LYS D 68 -18.86 -14.80 29.36
CA LYS D 68 -18.34 -13.79 30.29
C LYS D 68 -19.10 -12.46 30.19
N LYS D 69 -19.52 -11.94 31.34
CA LYS D 69 -20.25 -10.68 31.39
C LYS D 69 -19.31 -9.55 31.83
N ILE D 70 -19.10 -8.59 30.94
CA ILE D 70 -18.23 -7.46 31.22
C ILE D 70 -19.08 -6.23 31.31
N THR D 71 -19.17 -5.62 32.49
CA THR D 71 -20.00 -4.43 32.61
C THR D 71 -19.26 -3.28 31.96
N VAL D 72 -20.01 -2.42 31.26
CA VAL D 72 -19.42 -1.29 30.55
C VAL D 72 -19.78 0.07 31.16
N PHE D 73 -18.78 0.93 31.31
CA PHE D 73 -18.97 2.27 31.87
C PHE D 73 -18.65 3.28 30.78
N ASN D 74 -19.20 4.48 30.90
CA ASN D 74 -18.95 5.52 29.91
C ASN D 74 -18.44 6.81 30.52
N GLU D 75 -17.65 6.69 31.59
CA GLU D 75 -17.11 7.87 32.27
C GLU D 75 -16.00 8.57 31.52
N MET D 76 -16.06 9.90 31.54
CA MET D 76 -15.10 10.77 30.87
C MET D 76 -13.88 11.04 31.75
N LYS D 77 -14.08 11.09 33.06
CA LYS D 77 -12.98 11.35 33.99
C LYS D 77 -12.68 10.08 34.80
N PRO D 78 -11.43 9.60 34.76
CA PRO D 78 -11.01 8.38 35.48
C PRO D 78 -11.46 8.26 36.94
N GLU D 79 -11.56 9.40 37.63
CA GLU D 79 -11.97 9.38 39.03
C GLU D 79 -13.50 9.36 39.22
N ASN D 80 -14.22 8.78 38.26
CA ASN D 80 -15.67 8.68 38.33
C ASN D 80 -16.09 7.25 38.00
N ILE D 81 -15.12 6.49 37.50
CA ILE D 81 -15.38 5.12 37.13
C ILE D 81 -15.58 4.32 38.42
N PRO D 82 -16.78 3.75 38.59
CA PRO D 82 -17.08 2.94 39.78
C PRO D 82 -16.49 1.54 39.67
N TRP D 83 -15.18 1.46 39.51
CA TRP D 83 -14.48 0.18 39.38
C TRP D 83 -14.96 -0.83 40.43
N SER D 84 -14.87 -0.43 41.70
CA SER D 84 -15.27 -1.29 42.81
C SER D 84 -16.61 -1.94 42.58
N LYS D 85 -17.54 -1.21 41.97
CA LYS D 85 -18.90 -1.71 41.70
C LYS D 85 -18.89 -2.94 40.81
N ALA D 86 -18.04 -2.90 39.77
CA ALA D 86 -17.93 -4.03 38.85
C ALA D 86 -16.98 -5.06 39.47
N GLY D 87 -16.33 -4.66 40.56
CA GLY D 87 -15.42 -5.56 41.23
C GLY D 87 -14.05 -5.61 40.57
N ALA D 88 -13.68 -4.54 39.87
CA ALA D 88 -12.43 -4.47 39.16
C ALA D 88 -11.35 -3.92 40.07
N GLU D 89 -10.31 -4.71 40.30
CA GLU D 89 -9.20 -4.29 41.17
C GLU D 89 -7.92 -3.87 40.43
N TYR D 90 -7.57 -4.56 39.35
CA TYR D 90 -6.37 -4.19 38.59
C TYR D 90 -6.76 -3.50 37.27
N ILE D 91 -6.51 -2.20 37.21
CA ILE D 91 -6.89 -1.44 36.04
C ILE D 91 -5.78 -1.26 35.03
N VAL D 92 -6.08 -1.57 33.77
CA VAL D 92 -5.15 -1.41 32.66
C VAL D 92 -5.44 -0.04 32.04
N GLU D 93 -4.59 0.93 32.32
CA GLU D 93 -4.76 2.29 31.78
C GLU D 93 -4.24 2.37 30.35
N SER D 94 -5.13 2.33 29.38
CA SER D 94 -4.67 2.36 27.99
C SER D 94 -5.24 3.50 27.19
N THR D 95 -5.62 4.58 27.85
CA THR D 95 -6.17 5.73 27.14
C THR D 95 -5.06 6.53 26.49
N GLY D 96 -3.91 6.56 27.14
CA GLY D 96 -2.79 7.29 26.59
C GLY D 96 -2.74 8.70 27.13
N VAL D 97 -3.73 9.07 27.94
CA VAL D 97 -3.75 10.41 28.49
C VAL D 97 -3.44 10.47 29.99
N PHE D 98 -3.71 9.39 30.72
CA PHE D 98 -3.42 9.38 32.16
C PHE D 98 -2.20 8.47 32.39
N THR D 99 -1.05 8.92 31.88
CA THR D 99 0.18 8.15 31.96
C THR D 99 1.12 8.43 33.14
N THR D 100 0.81 9.43 33.95
CA THR D 100 1.67 9.76 35.10
C THR D 100 1.02 9.31 36.40
N ILE D 101 1.85 8.96 37.37
CA ILE D 101 1.36 8.51 38.68
C ILE D 101 0.26 9.45 39.16
N GLU D 102 0.56 10.74 39.06
CA GLU D 102 -0.38 11.77 39.46
C GLU D 102 -1.79 11.52 38.96
N LYS D 103 -1.99 11.66 37.66
CA LYS D 103 -3.32 11.48 37.08
C LYS D 103 -3.83 10.05 36.95
N ALA D 104 -2.92 9.07 36.94
CA ALA D 104 -3.33 7.67 36.84
C ALA D 104 -3.99 7.25 38.14
N SER D 105 -3.65 7.94 39.22
CA SER D 105 -4.21 7.64 40.53
C SER D 105 -5.73 7.86 40.63
N ALA D 106 -6.28 8.67 39.73
CA ALA D 106 -7.70 8.95 39.73
C ALA D 106 -8.48 7.64 39.96
N HIS D 107 -8.03 6.58 39.29
CA HIS D 107 -8.68 5.28 39.38
C HIS D 107 -8.84 4.74 40.80
N PHE D 108 -7.99 5.17 41.71
CA PHE D 108 -8.06 4.68 43.09
C PHE D 108 -9.33 5.15 43.80
N LYS D 109 -9.73 6.39 43.53
CA LYS D 109 -10.93 6.95 44.16
C LYS D 109 -12.19 6.26 43.66
N GLY D 110 -12.02 5.41 42.66
CA GLY D 110 -13.16 4.67 42.12
C GLY D 110 -13.17 3.27 42.72
N GLY D 111 -12.17 2.96 43.54
CA GLY D 111 -12.10 1.65 44.16
C GLY D 111 -11.04 0.72 43.59
N ALA D 112 -10.22 1.25 42.68
CA ALA D 112 -9.18 0.44 42.05
C ALA D 112 -8.08 0.12 43.04
N LYS D 113 -7.48 -1.05 42.88
CA LYS D 113 -6.40 -1.50 43.75
C LYS D 113 -5.03 -1.06 43.18
N LYS D 114 -4.73 -1.50 41.97
CA LYS D 114 -3.48 -1.18 41.28
C LYS D 114 -3.77 -0.65 39.87
N VAL D 115 -2.80 0.05 39.31
CA VAL D 115 -2.96 0.61 37.95
C VAL D 115 -1.75 0.28 37.07
N ILE D 116 -2.01 -0.28 35.90
CA ILE D 116 -0.94 -0.61 34.96
C ILE D 116 -1.10 0.29 33.74
N ILE D 117 -0.15 1.18 33.50
CA ILE D 117 -0.19 2.07 32.34
C ILE D 117 0.42 1.34 31.14
N SER D 118 -0.40 1.08 30.11
CA SER D 118 0.10 0.37 28.95
C SER D 118 0.76 1.33 27.99
N ALA D 119 1.73 2.07 28.50
CA ALA D 119 2.48 3.04 27.71
C ALA D 119 3.58 3.61 28.58
N PRO D 120 4.58 4.25 27.96
CA PRO D 120 5.66 4.82 28.77
C PRO D 120 5.10 5.84 29.74
N SER D 121 5.78 6.03 30.86
CA SER D 121 5.37 6.99 31.87
C SER D 121 6.57 7.82 32.25
N ALA D 122 6.32 9.07 32.62
CA ALA D 122 7.41 9.96 33.01
C ALA D 122 7.87 9.70 34.44
N ASP D 123 7.02 9.14 35.27
CA ASP D 123 7.41 8.90 36.65
C ASP D 123 7.00 7.55 37.25
N ALA D 124 6.17 6.78 36.57
CA ALA D 124 5.77 5.49 37.11
C ALA D 124 6.85 4.46 36.79
N PRO D 125 7.08 3.48 37.68
CA PRO D 125 8.09 2.44 37.46
C PRO D 125 7.80 1.66 36.17
N MET D 126 8.82 1.55 35.29
CA MET D 126 8.63 0.83 34.04
C MET D 126 9.19 -0.58 34.10
N PHE D 127 8.42 -1.55 33.61
CA PHE D 127 8.83 -2.93 33.62
C PHE D 127 8.78 -3.59 32.26
N VAL D 128 9.61 -4.62 32.09
CA VAL D 128 9.66 -5.40 30.85
C VAL D 128 9.79 -6.85 31.29
N CYS D 129 8.73 -7.64 31.10
CA CYS D 129 8.78 -9.03 31.52
C CYS D 129 10.04 -9.68 30.99
N GLY D 130 10.73 -10.41 31.87
CA GLY D 130 11.94 -11.10 31.46
C GLY D 130 13.20 -10.30 31.70
N VAL D 131 13.05 -9.00 31.92
CA VAL D 131 14.22 -8.14 32.11
C VAL D 131 14.39 -7.58 33.52
N ASN D 132 13.37 -6.94 34.06
CA ASN D 132 13.47 -6.35 35.38
C ASN D 132 12.27 -6.52 36.30
N LEU D 133 11.55 -7.64 36.18
CA LEU D 133 10.37 -7.86 37.03
C LEU D 133 10.71 -8.08 38.48
N GLU D 134 11.88 -8.63 38.74
CA GLU D 134 12.28 -8.90 40.09
C GLU D 134 12.39 -7.58 40.90
N LYS D 135 12.28 -6.43 40.23
CA LYS D 135 12.39 -5.13 40.90
C LYS D 135 11.07 -4.60 41.46
N TYR D 136 9.99 -5.30 41.14
CA TYR D 136 8.64 -4.95 41.57
C TYR D 136 8.36 -5.34 43.03
N SER D 137 7.53 -4.52 43.70
CA SER D 137 7.13 -4.77 45.09
C SER D 137 5.66 -4.35 45.31
N LYS D 138 4.96 -5.04 46.22
CA LYS D 138 3.54 -4.77 46.48
C LYS D 138 3.23 -3.29 46.69
N ASP D 139 4.14 -2.57 47.34
CA ASP D 139 3.88 -1.18 47.62
C ASP D 139 3.74 -0.28 46.39
N MET D 140 4.06 -0.80 45.22
CA MET D 140 3.92 0.01 44.01
C MET D 140 2.45 -0.03 43.59
N LYS D 141 1.81 1.13 43.61
CA LYS D 141 0.39 1.26 43.27
C LYS D 141 0.13 1.56 41.77
N VAL D 142 1.10 2.17 41.11
CA VAL D 142 0.98 2.52 39.71
C VAL D 142 2.26 2.15 38.98
N VAL D 143 2.14 1.31 37.94
CA VAL D 143 3.32 0.90 37.18
C VAL D 143 3.11 1.07 35.68
N SER D 144 4.19 0.95 34.92
CA SER D 144 4.13 1.09 33.47
C SER D 144 4.74 -0.13 32.79
N ASN D 145 4.16 -0.55 31.68
CA ASN D 145 4.69 -1.70 30.95
C ASN D 145 5.57 -1.21 29.80
N ALA D 146 6.03 0.03 29.90
CA ALA D 146 6.86 0.62 28.87
C ALA D 146 6.09 0.63 27.56
N SER D 147 6.84 0.64 26.47
CA SER D 147 6.20 0.65 25.17
C SER D 147 6.45 -0.64 24.40
N CYS D 148 5.69 -0.83 23.33
CA CYS D 148 5.82 -2.01 22.50
C CYS D 148 7.26 -2.19 21.96
N THR D 149 7.96 -1.08 21.73
CA THR D 149 9.32 -1.16 21.22
C THR D 149 10.37 -1.45 22.30
N THR D 150 10.20 -0.84 23.48
CA THR D 150 11.12 -1.10 24.59
C THR D 150 11.09 -2.60 24.90
N ASN D 151 9.90 -3.19 24.85
CA ASN D 151 9.73 -4.60 25.11
C ASN D 151 10.45 -5.46 24.09
N CYS D 152 10.73 -4.92 22.90
CA CYS D 152 11.46 -5.63 21.89
C CYS D 152 12.97 -5.42 22.06
N LEU D 153 13.36 -4.18 22.34
CA LEU D 153 14.76 -3.82 22.50
C LEU D 153 15.40 -4.39 23.76
N ALA D 154 14.78 -4.13 24.91
CA ALA D 154 15.30 -4.56 26.21
C ALA D 154 15.79 -6.02 26.28
N PRO D 155 14.97 -7.00 25.86
CA PRO D 155 15.40 -8.38 25.91
C PRO D 155 16.71 -8.59 25.15
N VAL D 156 16.76 -8.08 23.91
CA VAL D 156 17.95 -8.20 23.07
C VAL D 156 19.16 -7.50 23.69
N ALA D 157 18.95 -6.31 24.22
CA ALA D 157 20.03 -5.56 24.85
C ALA D 157 20.59 -6.32 26.08
N LYS D 158 19.70 -6.84 26.91
CA LYS D 158 20.10 -7.60 28.09
C LYS D 158 21.01 -8.74 27.72
N VAL D 159 20.61 -9.56 26.74
CA VAL D 159 21.45 -10.69 26.33
C VAL D 159 22.81 -10.22 25.84
N LEU D 160 22.83 -9.21 24.96
CA LEU D 160 24.09 -8.69 24.43
C LEU D 160 24.97 -8.13 25.54
N HIS D 161 24.38 -7.34 26.42
CA HIS D 161 25.14 -6.73 27.49
C HIS D 161 25.76 -7.72 28.46
N GLU D 162 24.93 -8.65 28.94
CA GLU D 162 25.39 -9.66 29.88
C GLU D 162 26.51 -10.55 29.35
N ASN D 163 26.48 -10.80 28.05
CA ASN D 163 27.47 -11.63 27.42
C ASN D 163 28.70 -10.91 26.88
N PHE D 164 28.51 -9.75 26.25
CA PHE D 164 29.65 -9.04 25.68
C PHE D 164 29.79 -7.59 26.11
N GLU D 165 28.82 -7.10 26.87
CA GLU D 165 28.85 -5.74 27.37
C GLU D 165 28.64 -4.69 26.26
N ILE D 166 27.55 -3.92 26.35
CA ILE D 166 27.29 -2.88 25.37
C ILE D 166 27.97 -1.58 25.79
N VAL D 167 28.91 -1.12 24.98
CA VAL D 167 29.64 0.12 25.23
C VAL D 167 28.74 1.29 24.84
N GLU D 168 28.22 1.22 23.62
CA GLU D 168 27.32 2.24 23.09
C GLU D 168 26.51 1.66 21.93
N GLY D 169 25.30 2.15 21.75
CA GLY D 169 24.47 1.65 20.66
C GLY D 169 23.45 2.65 20.16
N LEU D 170 23.15 2.57 18.87
CA LEU D 170 22.18 3.45 18.24
C LEU D 170 21.17 2.53 17.64
N MET D 171 19.91 2.82 17.88
CA MET D 171 18.83 1.99 17.39
C MET D 171 17.90 2.66 16.39
N THR D 172 17.50 1.91 15.38
CA THR D 172 16.56 2.41 14.40
C THR D 172 15.45 1.39 14.33
N THR D 173 14.21 1.86 14.37
CA THR D 173 13.07 0.97 14.29
C THR D 173 12.22 1.30 13.06
N VAL D 174 12.08 0.31 12.17
CA VAL D 174 11.26 0.47 10.98
C VAL D 174 9.94 -0.03 11.48
N HIS D 175 9.08 0.92 11.82
CA HIS D 175 7.78 0.70 12.43
C HIS D 175 6.57 0.73 11.53
N ALA D 176 5.58 -0.10 11.82
CA ALA D 176 4.35 -0.15 11.02
C ALA D 176 3.57 1.10 11.33
N VAL D 177 2.56 1.42 10.52
CA VAL D 177 1.79 2.65 10.77
C VAL D 177 1.07 2.59 12.10
N THR D 178 0.85 3.76 12.68
CA THR D 178 0.18 3.85 13.97
C THR D 178 -1.18 4.55 13.83
N ALA D 179 -2.00 4.45 14.86
CA ALA D 179 -3.33 5.05 14.86
C ALA D 179 -3.27 6.57 14.87
N THR D 180 -2.10 7.11 15.22
CA THR D 180 -1.94 8.57 15.28
C THR D 180 -1.49 9.19 13.98
N GLN D 181 -1.40 8.39 12.91
CA GLN D 181 -0.97 8.92 11.62
C GLN D 181 -2.15 9.27 10.75
N LYS D 182 -1.91 9.92 9.61
CA LYS D 182 -2.98 10.34 8.70
C LYS D 182 -2.99 9.57 7.38
N THR D 183 -4.19 9.26 6.89
CA THR D 183 -4.34 8.54 5.63
C THR D 183 -3.83 9.38 4.46
N VAL D 184 -3.98 10.70 4.58
CA VAL D 184 -3.51 11.63 3.57
C VAL D 184 -2.99 12.88 4.28
N ASP D 185 -2.15 13.66 3.61
CA ASP D 185 -1.56 14.86 4.18
C ASP D 185 -2.57 15.68 4.95
N GLY D 186 -2.36 15.79 6.25
CA GLY D 186 -3.27 16.52 7.11
C GLY D 186 -2.54 17.17 8.29
N PRO D 187 -3.24 17.90 9.14
CA PRO D 187 -2.72 18.61 10.32
C PRO D 187 -2.19 17.85 11.51
N SER D 188 -0.86 17.84 11.73
CA SER D 188 -0.27 17.21 12.94
C SER D 188 0.73 18.21 13.54
N ALA D 189 0.21 19.33 14.06
CA ALA D 189 1.02 20.48 14.63
C ALA D 189 2.13 20.06 15.59
N LYS D 190 1.92 18.96 16.29
CA LYS D 190 2.87 18.44 17.26
C LYS D 190 3.99 17.72 16.52
N ASP D 191 3.64 16.92 15.53
CA ASP D 191 4.60 16.17 14.74
C ASP D 191 4.31 16.41 13.26
N TRP D 192 4.93 17.44 12.68
CA TRP D 192 4.72 17.80 11.30
C TRP D 192 4.85 16.68 10.28
N ARG D 193 5.90 15.87 10.40
CA ARG D 193 6.10 14.77 9.46
C ARG D 193 5.03 13.71 9.66
N GLY D 194 4.57 13.58 10.91
CA GLY D 194 3.57 12.59 11.25
C GLY D 194 2.21 12.80 10.62
N GLY D 195 1.99 13.97 10.03
CA GLY D 195 0.73 14.25 9.41
C GLY D 195 0.74 13.96 7.92
N ARG D 196 1.85 13.51 7.39
CA ARG D 196 1.94 13.24 5.96
C ARG D 196 1.33 11.89 5.61
N GLY D 197 0.69 11.80 4.44
CA GLY D 197 0.09 10.55 3.99
C GLY D 197 0.88 9.33 4.35
N ALA D 198 0.36 8.53 5.28
CA ALA D 198 1.03 7.32 5.76
C ALA D 198 1.13 6.19 4.76
N ALA D 199 0.23 6.14 3.81
CA ALA D 199 0.22 5.06 2.83
C ALA D 199 1.17 5.26 1.67
N GLN D 200 1.79 6.42 1.59
CA GLN D 200 2.67 6.73 0.48
C GLN D 200 4.05 7.18 0.89
N ASN D 201 4.26 7.31 2.19
CA ASN D 201 5.55 7.80 2.70
C ASN D 201 6.30 6.95 3.68
N ILE D 202 7.60 7.21 3.75
CA ILE D 202 8.49 6.59 4.73
C ILE D 202 8.63 7.81 5.62
N ILE D 203 8.10 7.75 6.84
CA ILE D 203 8.14 8.90 7.70
C ILE D 203 9.08 8.81 8.88
N PRO D 204 10.11 9.67 8.92
CA PRO D 204 11.04 9.61 10.04
C PRO D 204 10.34 10.10 11.32
N SER D 205 10.41 9.30 12.38
CA SER D 205 9.82 9.67 13.65
C SER D 205 10.84 9.50 14.75
N SER D 206 10.50 9.95 15.94
CA SER D 206 11.39 9.86 17.06
C SER D 206 10.89 8.74 17.98
N THR D 207 11.73 8.29 18.92
CA THR D 207 11.31 7.22 19.84
C THR D 207 12.07 7.29 21.16
N GLY D 208 11.37 7.04 22.26
CA GLY D 208 12.01 7.05 23.55
C GLY D 208 12.45 5.66 23.94
N ALA D 209 12.05 4.66 23.17
CA ALA D 209 12.38 3.27 23.41
C ALA D 209 13.78 3.05 23.97
N ALA D 210 14.80 3.46 23.23
CA ALA D 210 16.19 3.29 23.67
C ALA D 210 16.47 3.94 25.02
N LYS D 211 16.13 5.21 25.15
CA LYS D 211 16.33 5.93 26.39
C LYS D 211 15.63 5.21 27.53
N ALA D 212 14.46 4.64 27.26
CA ALA D 212 13.69 3.89 28.26
C ALA D 212 14.44 2.66 28.71
N VAL D 213 15.15 2.01 27.79
CA VAL D 213 15.93 0.82 28.12
C VAL D 213 16.94 1.19 29.19
N GLY D 214 17.23 2.49 29.30
CA GLY D 214 18.18 2.97 30.28
C GLY D 214 17.57 2.92 31.67
N LYS D 215 16.24 2.87 31.74
CA LYS D 215 15.54 2.80 33.02
C LYS D 215 15.35 1.34 33.49
N VAL D 216 15.03 0.44 32.55
CA VAL D 216 14.84 -0.95 32.93
C VAL D 216 16.18 -1.66 33.11
N ILE D 217 17.22 -1.17 32.45
CA ILE D 217 18.54 -1.76 32.59
C ILE D 217 19.50 -0.61 32.89
N PRO D 218 19.55 -0.20 34.15
CA PRO D 218 20.41 0.89 34.62
C PRO D 218 21.81 1.00 34.02
N GLU D 219 22.56 -0.09 33.98
CA GLU D 219 23.93 -0.05 33.44
C GLU D 219 24.00 0.55 32.05
N LEU D 220 22.94 0.41 31.27
CA LEU D 220 22.92 0.94 29.91
C LEU D 220 22.43 2.38 29.81
N ASP D 221 22.05 2.97 30.94
CA ASP D 221 21.56 4.34 30.91
C ASP D 221 22.51 5.33 30.25
N GLY D 222 22.05 5.98 29.19
CA GLY D 222 22.87 6.95 28.51
C GLY D 222 23.83 6.35 27.50
N LYS D 223 23.67 5.07 27.20
CA LYS D 223 24.54 4.41 26.25
C LYS D 223 23.80 4.02 24.96
N LEU D 224 22.48 4.22 24.97
CA LEU D 224 21.68 3.90 23.81
C LEU D 224 20.77 5.05 23.49
N THR D 225 20.35 5.13 22.23
CA THR D 225 19.44 6.15 21.75
C THR D 225 19.07 5.73 20.33
N GLY D 226 18.03 6.33 19.79
CA GLY D 226 17.65 5.95 18.44
C GLY D 226 16.46 6.72 17.91
N MET D 227 16.05 6.36 16.71
CA MET D 227 14.91 7.00 16.07
C MET D 227 14.11 5.96 15.33
N ALA D 228 13.04 6.38 14.65
CA ALA D 228 12.20 5.45 13.93
C ALA D 228 11.92 5.86 12.51
N PHE D 229 11.37 4.92 11.75
CA PHE D 229 10.97 5.14 10.38
C PHE D 229 9.61 4.45 10.30
N ARG D 230 8.58 5.20 9.94
CA ARG D 230 7.24 4.69 9.81
C ARG D 230 7.04 4.30 8.37
N VAL D 231 6.70 3.05 8.11
CA VAL D 231 6.50 2.60 6.74
C VAL D 231 5.07 2.10 6.58
N PRO D 232 4.56 2.11 5.34
CA PRO D 232 3.19 1.67 5.07
C PRO D 232 2.78 0.19 5.23
N THR D 233 3.01 -0.38 6.40
CA THR D 233 2.57 -1.76 6.68
C THR D 233 1.62 -1.61 7.87
N PRO D 234 0.54 -2.38 7.91
CA PRO D 234 -0.46 -2.33 8.97
C PRO D 234 -0.03 -2.81 10.35
N ASN D 235 0.89 -3.77 10.41
CA ASN D 235 1.34 -4.28 11.70
C ASN D 235 2.69 -4.99 11.59
N VAL D 236 3.33 -5.19 12.75
CA VAL D 236 4.64 -5.84 12.88
C VAL D 236 5.76 -4.88 12.51
N SER D 237 6.70 -4.74 13.44
CA SER D 237 7.83 -3.86 13.27
C SER D 237 9.14 -4.61 13.48
N VAL D 238 10.24 -3.99 13.08
CA VAL D 238 11.56 -4.60 13.24
C VAL D 238 12.51 -3.57 13.86
N VAL D 239 13.39 -4.07 14.74
CA VAL D 239 14.37 -3.21 15.40
C VAL D 239 15.75 -3.47 14.82
N ASP D 240 16.40 -2.38 14.41
CA ASP D 240 17.72 -2.46 13.83
C ASP D 240 18.68 -1.86 14.84
N LEU D 241 19.37 -2.72 15.56
CA LEU D 241 20.30 -2.26 16.61
C LEU D 241 21.77 -2.39 16.21
N THR D 242 22.45 -1.25 16.10
CA THR D 242 23.86 -1.21 15.76
C THR D 242 24.55 -0.93 17.09
N VAL D 243 25.46 -1.82 17.49
CA VAL D 243 26.09 -1.65 18.78
C VAL D 243 27.58 -1.96 18.81
N ARG D 244 28.29 -1.32 19.72
CA ARG D 244 29.72 -1.52 19.90
C ARG D 244 29.89 -2.28 21.22
N LEU D 245 30.40 -3.51 21.12
CA LEU D 245 30.58 -4.37 22.27
C LEU D 245 31.92 -4.17 22.97
N GLY D 246 31.97 -4.51 24.25
CA GLY D 246 33.19 -4.37 25.03
C GLY D 246 34.13 -5.54 24.84
N LYS D 247 33.57 -6.73 24.65
CA LYS D 247 34.38 -7.92 24.46
C LYS D 247 34.33 -8.32 23.01
N GLU D 248 35.43 -8.88 22.52
CA GLU D 248 35.50 -9.32 21.12
C GLU D 248 34.73 -10.61 21.02
N CYS D 249 34.10 -10.84 19.88
CA CYS D 249 33.32 -12.04 19.66
C CYS D 249 32.96 -12.21 18.20
N SER D 250 32.53 -13.41 17.85
CA SER D 250 32.15 -13.72 16.50
C SER D 250 30.63 -13.67 16.47
N TYR D 251 30.06 -13.52 15.28
CA TYR D 251 28.62 -13.45 15.15
C TYR D 251 27.97 -14.73 15.66
N ASP D 252 28.66 -15.86 15.55
CA ASP D 252 28.11 -17.11 16.05
C ASP D 252 27.93 -17.03 17.56
N ASP D 253 28.89 -16.43 18.25
CA ASP D 253 28.79 -16.30 19.68
C ASP D 253 27.52 -15.56 20.04
N ILE D 254 27.13 -14.63 19.19
CA ILE D 254 25.92 -13.84 19.42
C ILE D 254 24.69 -14.73 19.16
N LYS D 255 24.68 -15.42 18.02
CA LYS D 255 23.58 -16.30 17.70
C LYS D 255 23.38 -17.30 18.83
N ALA D 256 24.48 -17.89 19.30
CA ALA D 256 24.44 -18.86 20.39
C ALA D 256 23.81 -18.27 21.62
N ALA D 257 24.33 -17.11 22.06
CA ALA D 257 23.81 -16.43 23.24
C ALA D 257 22.31 -16.21 23.13
N MET D 258 21.87 -15.80 21.95
CA MET D 258 20.45 -15.56 21.71
C MET D 258 19.64 -16.83 21.77
N LYS D 259 20.09 -17.85 21.04
CA LYS D 259 19.41 -19.14 21.01
C LYS D 259 19.27 -19.71 22.42
N THR D 260 20.37 -19.65 23.18
CA THR D 260 20.39 -20.14 24.54
C THR D 260 19.37 -19.40 25.39
N ALA D 261 19.41 -18.09 25.35
CA ALA D 261 18.49 -17.28 26.12
C ALA D 261 17.03 -17.61 25.76
N SER D 262 16.79 -17.78 24.46
CA SER D 262 15.45 -18.05 23.94
C SER D 262 14.84 -19.35 24.43
N GLU D 263 15.66 -20.33 24.77
CA GLU D 263 15.11 -21.59 25.21
C GLU D 263 15.24 -21.76 26.71
N GLY D 264 15.80 -20.76 27.37
CA GLY D 264 15.97 -20.82 28.80
C GLY D 264 15.26 -19.70 29.55
N PRO D 265 16.01 -18.79 30.15
CA PRO D 265 15.50 -17.65 30.91
C PRO D 265 14.44 -16.80 30.20
N LEU D 266 14.73 -16.41 28.98
CA LEU D 266 13.81 -15.57 28.25
C LEU D 266 12.83 -16.32 27.38
N GLN D 267 12.72 -17.63 27.59
CA GLN D 267 11.79 -18.40 26.78
C GLN D 267 10.36 -17.83 26.88
N GLY D 268 9.72 -17.63 25.72
CA GLY D 268 8.38 -17.09 25.71
C GLY D 268 8.40 -15.59 25.55
N VAL D 269 9.55 -14.99 25.87
CA VAL D 269 9.72 -13.56 25.76
C VAL D 269 10.58 -13.25 24.52
N LEU D 270 11.78 -13.81 24.48
CA LEU D 270 12.69 -13.62 23.33
C LEU D 270 12.64 -14.86 22.45
N GLY D 271 12.37 -14.67 21.17
CA GLY D 271 12.33 -15.79 20.24
C GLY D 271 13.60 -15.80 19.40
N TYR D 272 13.83 -16.91 18.70
CA TYR D 272 15.02 -17.05 17.86
C TYR D 272 14.68 -17.77 16.56
N THR D 273 15.19 -17.27 15.44
CA THR D 273 14.90 -17.91 14.17
C THR D 273 16.08 -17.79 13.22
N GLU D 274 16.17 -18.75 12.31
CA GLU D 274 17.23 -18.76 11.30
C GLU D 274 16.57 -18.96 9.93
N ASP D 275 15.28 -18.73 9.87
CA ASP D 275 14.53 -18.87 8.63
C ASP D 275 14.52 -17.54 7.90
N ASP D 276 14.19 -17.58 6.62
CA ASP D 276 14.13 -16.38 5.81
C ASP D 276 12.77 -15.72 6.02
N VAL D 277 12.55 -15.22 7.22
CA VAL D 277 11.28 -14.62 7.60
C VAL D 277 11.07 -13.21 7.11
N VAL D 278 9.81 -12.79 7.06
CA VAL D 278 9.45 -11.44 6.63
C VAL D 278 8.41 -10.90 7.58
N SER D 279 8.16 -9.59 7.47
CA SER D 279 7.19 -8.86 8.31
C SER D 279 5.95 -9.69 8.75
N CYS D 280 5.22 -10.25 7.79
CA CYS D 280 4.00 -11.02 8.04
C CYS D 280 4.11 -12.32 8.81
N ASP D 281 5.25 -12.99 8.75
CA ASP D 281 5.41 -14.24 9.47
C ASP D 281 5.32 -14.03 10.99
N PHE D 282 5.10 -12.80 11.43
CA PHE D 282 5.02 -12.53 12.85
C PHE D 282 3.70 -11.93 13.33
N THR D 283 2.70 -11.91 12.45
CA THR D 283 1.41 -11.38 12.89
C THR D 283 0.79 -12.40 13.83
N GLY D 284 0.45 -11.95 15.02
CA GLY D 284 -0.14 -12.85 16.00
C GLY D 284 0.93 -13.51 16.85
N ASP D 285 2.19 -13.26 16.55
CA ASP D 285 3.27 -13.85 17.33
C ASP D 285 3.22 -13.18 18.69
N ASN D 286 3.21 -13.97 19.77
CA ASN D 286 3.12 -13.39 21.10
C ASN D 286 4.39 -13.23 21.91
N ARG D 287 5.54 -13.26 21.26
CA ARG D 287 6.79 -13.03 21.98
C ARG D 287 7.11 -11.53 21.90
N SER D 288 7.87 -11.03 22.86
CA SER D 288 8.23 -9.61 22.89
C SER D 288 9.17 -9.25 21.73
N SER D 289 10.12 -10.12 21.42
CA SER D 289 11.02 -9.86 20.30
C SER D 289 11.68 -11.15 19.78
N ILE D 290 11.69 -11.28 18.46
CA ILE D 290 12.27 -12.43 17.79
C ILE D 290 13.56 -12.08 17.07
N PHE D 291 14.67 -12.67 17.51
CA PHE D 291 15.98 -12.42 16.91
C PHE D 291 16.05 -13.10 15.54
N ASP D 292 16.35 -12.29 14.52
CA ASP D 292 16.47 -12.77 13.15
C ASP D 292 17.96 -13.01 12.91
N ALA D 293 18.38 -14.25 13.07
CA ALA D 293 19.78 -14.62 12.92
C ALA D 293 20.44 -14.23 11.59
N LYS D 294 19.83 -14.63 10.48
CA LYS D 294 20.40 -14.32 9.18
C LYS D 294 20.42 -12.83 8.76
N ALA D 295 19.53 -12.01 9.33
CA ALA D 295 19.45 -10.60 8.96
C ALA D 295 20.59 -9.74 9.45
N GLY D 296 21.07 -9.99 10.65
CA GLY D 296 22.15 -9.18 11.20
C GLY D 296 23.48 -9.39 10.49
N ILE D 297 24.40 -8.44 10.65
CA ILE D 297 25.71 -8.54 10.03
C ILE D 297 26.75 -7.96 10.97
N GLN D 298 27.97 -8.48 10.88
CA GLN D 298 29.05 -8.02 11.73
C GLN D 298 30.19 -7.38 10.94
N LEU D 299 30.64 -6.20 11.35
CA LEU D 299 31.74 -5.56 10.67
C LEU D 299 33.06 -5.98 11.29
N SER D 300 33.14 -5.89 12.61
CA SER D 300 34.36 -6.26 13.32
C SER D 300 34.03 -7.05 14.56
N LYS D 301 35.08 -7.55 15.22
CA LYS D 301 34.91 -8.36 16.44
C LYS D 301 34.14 -7.60 17.53
N THR D 302 33.99 -6.29 17.39
CA THR D 302 33.26 -5.51 18.38
C THR D 302 32.18 -4.57 17.83
N PHE D 303 31.98 -4.58 16.51
CA PHE D 303 30.97 -3.70 15.91
C PHE D 303 30.03 -4.58 15.10
N VAL D 304 28.81 -4.74 15.61
CA VAL D 304 27.81 -5.59 14.99
C VAL D 304 26.42 -4.94 14.93
N LYS D 305 25.59 -5.43 14.02
CA LYS D 305 24.23 -4.94 13.85
C LYS D 305 23.27 -6.14 13.93
N VAL D 306 22.37 -6.13 14.92
CA VAL D 306 21.41 -7.19 15.10
C VAL D 306 20.01 -6.74 14.75
N VAL D 307 19.19 -7.70 14.31
CA VAL D 307 17.82 -7.43 13.87
C VAL D 307 16.82 -8.28 14.65
N SER D 308 15.82 -7.65 15.25
CA SER D 308 14.79 -8.36 16.01
C SER D 308 13.38 -7.89 15.65
N TRP D 309 12.49 -8.84 15.35
CA TRP D 309 11.10 -8.56 14.99
C TRP D 309 10.19 -8.51 16.20
N TYR D 310 9.00 -7.97 16.00
CA TYR D 310 7.98 -7.90 17.04
C TYR D 310 6.65 -7.44 16.53
N ASP D 311 5.58 -8.17 16.88
CA ASP D 311 4.23 -7.81 16.47
C ASP D 311 3.82 -6.72 17.45
N ASN D 312 4.14 -5.46 17.12
CA ASN D 312 3.89 -4.31 17.98
C ASN D 312 2.56 -4.24 18.71
N GLU D 313 1.52 -4.86 18.17
CA GLU D 313 0.24 -4.81 18.86
C GLU D 313 0.06 -6.01 19.77
N PHE D 314 0.12 -7.20 19.16
CA PHE D 314 -0.08 -8.48 19.84
C PHE D 314 0.91 -8.88 20.92
N GLY D 315 2.19 -8.77 20.64
CA GLY D 315 3.16 -9.15 21.63
C GLY D 315 3.05 -8.29 22.86
N TYR D 316 2.85 -6.99 22.66
CA TYR D 316 2.76 -6.07 23.79
C TYR D 316 1.56 -6.34 24.69
N SER D 317 0.41 -6.59 24.08
CA SER D 317 -0.79 -6.87 24.85
C SER D 317 -0.65 -8.15 25.65
N GLN D 318 0.11 -9.11 25.13
CA GLN D 318 0.32 -10.35 25.84
C GLN D 318 1.17 -10.09 27.09
N ARG D 319 2.15 -9.21 26.97
CA ARG D 319 3.01 -8.88 28.11
C ARG D 319 2.22 -8.13 29.17
N VAL D 320 1.21 -7.37 28.74
CA VAL D 320 0.41 -6.62 29.70
C VAL D 320 -0.24 -7.57 30.68
N ILE D 321 -0.76 -8.69 30.16
CA ILE D 321 -1.41 -9.69 31.02
C ILE D 321 -0.34 -10.31 31.91
N ASP D 322 0.76 -10.73 31.29
CA ASP D 322 1.87 -11.33 32.02
C ASP D 322 2.31 -10.48 33.21
N LEU D 323 2.38 -9.16 33.00
CA LEU D 323 2.79 -8.27 34.07
C LEU D 323 1.79 -8.36 35.21
N ILE D 324 0.51 -8.29 34.87
CA ILE D 324 -0.55 -8.36 35.87
C ILE D 324 -0.52 -9.70 36.63
N LYS D 325 -0.25 -10.78 35.92
CA LYS D 325 -0.18 -12.08 36.55
C LYS D 325 0.91 -12.07 37.62
N HIS D 326 2.09 -11.58 37.22
CA HIS D 326 3.25 -11.50 38.12
C HIS D 326 2.94 -10.59 39.31
N MET D 327 2.32 -9.46 39.03
CA MET D 327 1.98 -8.52 40.09
C MET D 327 1.07 -9.17 41.13
N GLN D 328 0.03 -9.86 40.66
CA GLN D 328 -0.89 -10.48 41.57
C GLN D 328 -0.25 -11.62 42.33
N LYS D 329 0.68 -12.32 41.69
CA LYS D 329 1.36 -13.42 42.36
C LYS D 329 2.19 -12.87 43.52
N VAL D 330 2.66 -11.64 43.39
CA VAL D 330 3.48 -11.02 44.42
C VAL D 330 2.60 -10.29 45.41
N ASP D 331 1.49 -9.76 44.94
CA ASP D 331 0.56 -9.01 45.78
C ASP D 331 -0.27 -9.94 46.65
N SER D 332 -1.12 -10.74 46.01
CA SER D 332 -1.97 -11.68 46.72
C SER D 332 -1.09 -12.69 47.47
N ALA D 333 0.22 -12.41 47.52
CA ALA D 333 1.19 -13.27 48.22
C ALA D 333 1.41 -12.86 49.69
S SO4 E . 22.54 -2.18 -4.21
O1 SO4 E . 21.69 -1.46 -5.17
O2 SO4 E . 21.71 -2.51 -3.00
O3 SO4 E . 23.79 -1.37 -3.77
O4 SO4 E . 23.15 -3.42 -4.87
S SO4 F . 17.78 -5.50 -7.53
O1 SO4 F . 19.11 -5.66 -8.09
O2 SO4 F . 17.84 -4.59 -6.30
O3 SO4 F . 17.14 -6.84 -7.11
O4 SO4 F . 16.84 -4.92 -8.60
N1 APR G . 19.83 -7.42 -24.79
C2 APR G . 19.14 -6.23 -24.68
N3 APR G . 18.19 -5.92 -23.82
C4 APR G . 17.91 -6.96 -22.96
C5 APR G . 18.51 -8.21 -22.93
C6 APR G . 19.53 -8.45 -23.91
N6 APR G . 20.19 -9.59 -24.01
N7 APR G . 17.97 -8.99 -21.92
C8 APR G . 17.05 -8.20 -21.34
N9 APR G . 16.98 -6.96 -21.94
C1' APR G . 16.11 -5.82 -21.63
C2' APR G . 14.67 -6.22 -21.38
O2' APR G . 13.92 -6.30 -22.61
C3' APR G . 14.12 -5.18 -20.42
O3' APR G . 13.33 -4.11 -20.98
O4' APR G . 16.52 -5.12 -20.49
C4' APR G . 15.37 -4.67 -19.71
C5' APR G . 15.55 -5.13 -18.27
O5' APR G . 15.37 -3.99 -17.36
PA APR G . 14.43 -4.09 -16.05
O1A APR G . 14.26 -5.51 -15.64
O2A APR G . 13.10 -3.47 -16.31
O3A APR G . 15.25 -3.24 -14.99
PB APR G . 16.52 -2.14 -15.12
O1B APR G . 17.83 -2.86 -15.14
O2B APR G . 16.36 -1.30 -16.35
O5D APR G . 16.32 -1.31 -13.83
C5D APR G . 16.47 -2.01 -12.64
O4D APR G . 14.91 -0.52 -11.64
O1D APR G . 12.77 -1.12 -10.84
C1D APR G . 14.18 -0.80 -10.48
O2D APR G . 14.69 -2.12 -8.44
C2D APR G . 14.90 -1.98 -9.85
O3D APR G . 17.09 -0.98 -9.17
C3D APR G . 16.38 -1.74 -10.18
C4D APR G . 16.26 -1.07 -11.52
S SO4 H . -19.80 12.70 -3.06
O1 SO4 H . -18.39 13.04 -3.37
O2 SO4 H . -19.91 11.25 -2.67
O3 SO4 H . -20.78 12.97 -4.21
O4 SO4 H . -20.30 13.64 -1.95
S SO4 I . -14.87 12.85 2.32
O1 SO4 I . -15.74 14.02 2.33
O2 SO4 I . -14.62 12.40 0.89
O3 SO4 I . -15.47 11.63 3.10
O4 SO4 I . -13.56 13.18 3.06
N1 APR J . -13.33 28.09 10.36
C2 APR J . -12.27 28.00 9.48
N3 APR J . -11.62 26.92 9.10
C4 APR J . -12.12 25.78 9.73
C5 APR J . -13.17 25.69 10.63
C6 APR J . -13.81 26.93 10.96
N6 APR J . -14.83 27.03 11.82
N7 APR J . -13.37 24.36 11.02
C8 APR J . -12.44 23.67 10.36
N9 APR J . -11.65 24.48 9.57
C1' APR J . -10.51 24.16 8.70
C2' APR J . -9.51 23.24 9.39
O2' APR J . -8.51 23.97 10.12
C3' APR J . -8.90 22.42 8.26
O3' APR J . -7.60 22.82 7.80
O4' APR J . -10.91 23.53 7.53
C4' APR J . -9.99 22.48 7.18
C5' APR J . -10.81 21.22 7.00
O5' APR J . -10.43 20.61 5.75
PA APR J . -9.98 19.04 5.72
O1A APR J . -10.65 18.29 6.82
O2A APR J . -8.50 18.93 5.84
O3A APR J . -10.47 18.64 4.29
PB APR J . -11.03 19.53 3.00
O1B APR J . -12.46 19.91 3.23
O2B APR J . -10.21 20.76 2.79
O5D APR J . -10.87 18.52 1.83
C5D APR J . -11.60 17.33 1.92
O4D APR J . -9.94 16.18 0.62
O1D APR J . -8.54 14.40 1.30
C1D APR J . -9.76 14.78 0.58
O2D APR J . -11.28 12.89 0.86
C2D APR J . -11.00 14.24 1.23
O3D APR J . -12.75 14.79 -0.48
C3D APR J . -12.12 15.19 0.77
C4D APR J . -11.36 16.48 0.72
S SO4 K . -11.14 -14.55 -14.37
O1 SO4 K . -10.90 -15.12 -13.04
O2 SO4 K . -11.15 -13.05 -14.26
O3 SO4 K . -12.47 -15.03 -15.01
O4 SO4 K . -10.07 -15.04 -15.36
S SO4 L . -4.77 -14.00 -13.56
O1 SO4 L . -4.29 -14.98 -14.54
O2 SO4 L . -6.29 -14.03 -13.51
O3 SO4 L . -4.29 -12.55 -13.86
O4 SO4 L . -4.15 -14.34 -12.20
N1 APR M . 5.03 -28.54 -15.00
C2 APR M . 4.84 -28.41 -13.64
N3 APR M . 4.82 -27.31 -12.93
C4 APR M . 4.99 -26.19 -13.70
C5 APR M . 5.19 -26.13 -15.07
C6 APR M . 5.20 -27.39 -15.76
N6 APR M . 5.38 -27.51 -17.07
N7 APR M . 5.32 -24.81 -15.49
C8 APR M . 5.22 -24.08 -14.37
N9 APR M . 5.03 -24.87 -13.26
C1' APR M . 4.87 -24.48 -11.84
C2' APR M . 5.79 -23.35 -11.44
O2' APR M . 7.02 -23.87 -10.93
C3' APR M . 5.02 -22.52 -10.43
O3' APR M . 5.41 -22.65 -9.04
O4' APR M . 3.57 -24.07 -11.54
C4' APR M . 3.57 -22.91 -10.66
C5' APR M . 2.70 -21.85 -11.28
O5' APR M . 1.84 -21.28 -10.26
PA APR M . 1.83 -19.68 -9.97
O1A APR M . 2.32 -18.93 -11.16
O2A APR M . 2.67 -19.35 -8.78
O3A APR M . 0.29 -19.44 -9.67
PB APR M . -1.02 -20.47 -9.48
O1B APR M . -1.50 -20.97 -10.80
O2B APR M . -0.65 -21.60 -8.59
O5D APR M . -2.04 -19.51 -8.80
C5D APR M . -2.47 -18.40 -9.56
O4D APR M . -2.78 -17.13 -7.55
O1D APR M . -1.61 -15.20 -6.93
C1D APR M . -2.84 -15.74 -7.49
O2D APR M . -3.60 -14.02 -9.06
C2D APR M . -3.04 -15.33 -8.92
O3D APR M . -5.38 -16.12 -9.30
C3D APR M . -3.96 -16.41 -9.49
C4D APR M . -3.45 -17.61 -8.75
S SO4 N . 8.10 4.60 21.68
O1 SO4 N . 6.88 4.20 22.33
O2 SO4 N . 8.43 3.57 20.60
O3 SO4 N . 9.29 4.74 22.65
O4 SO4 N . 7.92 6.01 21.09
S SO4 O . 1.85 6.38 18.84
O1 SO4 O . 2.10 5.72 20.10
O2 SO4 O . 2.92 6.04 17.84
O3 SO4 O . 1.80 7.94 18.96
O4 SO4 O . 0.45 5.98 18.33
N1 APR P . -11.34 8.18 29.40
C2 APR P . -11.57 6.94 28.81
N3 APR P . -11.36 6.58 27.56
C4 APR P . -10.84 7.62 26.81
C5 APR P . -10.55 8.92 27.23
C6 APR P . -10.81 9.20 28.61
N6 APR P . -10.59 10.38 29.16
N7 APR P . -10.04 9.67 26.18
C8 APR P . -10.04 8.83 25.13
N9 APR P . -10.51 7.59 25.46
C1' APR P . -10.69 6.37 24.62
C2' APR P . -11.17 6.69 23.22
O2' APR P . -12.60 6.64 23.14
C3' APR P . -10.50 5.66 22.32
O3' APR P . -11.30 4.57 21.87
O4' APR P . -9.48 5.69 24.47
C4' APR P . -9.29 5.20 23.12
C5' APR P . -7.94 5.71 22.63
O5' APR P . -7.17 4.61 22.07
PA APR P . -6.50 4.73 20.58
O1A APR P . -6.29 6.16 20.21
O2A APR P . -7.37 4.08 19.56
O3A APR P . -5.16 3.94 20.77
PB APR P . -4.53 3.02 22.01
O1B APR P . -3.89 3.89 23.04
O2B APR P . -5.57 2.15 22.63
O5D APR P . -3.47 2.19 21.20
C5D APR P . -2.46 2.96 20.60
O4D APR P . -2.22 1.37 18.84
O1D APR P . -2.69 1.74 16.55
C1D APR P . -1.64 1.63 17.59
O2D APR P . 0.23 3.09 16.89
C2D APR P . -0.88 2.94 17.79
O3D APR P . 0.94 2.38 19.43
C3D APR P . -0.41 2.90 19.25
C4D APR P . -1.51 2.10 19.88
#